data_5C7K
#
_entry.id   5C7K
#
_cell.length_a   261.135
_cell.length_b   261.135
_cell.length_c   261.135
_cell.angle_alpha   90.00
_cell.angle_beta   90.00
_cell.angle_gamma   90.00
#
_symmetry.space_group_name_H-M   'I 2 3'
#
loop_
_entity.id
_entity.type
_entity.pdbx_description
1 polymer 'Antibody Fab PGT128 heavy chain'
2 polymer 'Antibody Fab PGT128 light chain'
3 polymer 'Envelope glycoprotein gp120'
4 polymer 'Envelope glycoprotein gp41'
5 polymer 'Antibody Fab 8ANC195 heavy chain'
6 polymer 'Antibody Fab 8ANC195 light chain'
7 branched 2-acetamido-2-deoxy-beta-D-glucopyranose-(1-4)-2-acetamido-2-deoxy-beta-D-glucopyranose
8 branched alpha-D-mannopyranose-(1-2)-alpha-D-mannopyranose-(1-2)-alpha-D-mannopyranose-(1-3)-[alpha-D-mannopyranose-(1-3)-[alpha-D-mannopyranose-(1-6)]alpha-D-mannopyranose-(1-6)]beta-D-mannopyranose-(1-4)-2-acetamido-2-deoxy-beta-D-glucopyranose-(1-4)-2-acetamido-2-deoxy-beta-D-glucopyranose
9 branched alpha-D-mannopyranose-(1-2)-alpha-D-mannopyranose-(1-2)-alpha-D-mannopyranose-(1-3)-[alpha-D-mannopyranose-(1-2)-alpha-D-mannopyranose-(1-6)-[alpha-D-mannopyranose-(1-3)]alpha-D-mannopyranose-(1-6)]beta-D-mannopyranose-(1-4)-2-acetamido-2-deoxy-beta-D-glucopyranose-(1-4)-2-acetamido-2-deoxy-beta-D-glucopyranose
10 branched alpha-D-mannopyranose-(1-2)-alpha-D-mannopyranose-(1-2)-alpha-D-mannopyranose-(1-3)-[alpha-D-mannopyranose-(1-6)]beta-D-mannopyranose-(1-4)-2-acetamido-2-deoxy-beta-D-glucopyranose-(1-4)-2-acetamido-2-deoxy-beta-D-glucopyranose
11 branched alpha-D-mannopyranose-(1-2)-alpha-D-mannopyranose-(1-3)-beta-D-mannopyranose-(1-4)-2-acetamido-2-deoxy-beta-D-glucopyranose-(1-4)-2-acetamido-2-deoxy-beta-D-glucopyranose
12 branched beta-D-mannopyranose-(1-4)-2-acetamido-2-deoxy-beta-D-glucopyranose-(1-4)-2-acetamido-2-deoxy-beta-D-glucopyranose
13 branched alpha-D-mannopyranose-(1-2)-alpha-D-mannopyranose-(1-3)-[alpha-D-mannopyranose-(1-6)]alpha-D-mannopyranose-(1-6)-[alpha-D-mannopyranose-(1-3)]beta-D-mannopyranose-(1-4)-2-acetamido-2-deoxy-beta-D-glucopyranose-(1-4)-2-acetamido-2-deoxy-beta-D-glucopyranose
14 branched alpha-D-mannopyranose-(1-2)-alpha-D-mannopyranose-(1-2)-alpha-D-mannopyranose-(1-3)-[alpha-D-mannopyranose-(1-2)-alpha-D-mannopyranose-(1-3)-[alpha-D-mannopyranose-(1-2)-alpha-D-mannopyranose-(1-6)]alpha-D-mannopyranose-(1-6)]beta-D-mannopyranose-(1-4)-2-acetamido-2-deoxy-beta-D-glucopyranose-(1-4)-2-acetamido-2-deoxy-beta-D-glucopyranose
15 non-polymer 2-acetamido-2-deoxy-beta-D-glucopyranose
16 non-polymer 'SULFATE ION'
#
loop_
_entity_poly.entity_id
_entity_poly.type
_entity_poly.pdbx_seq_one_letter_code
_entity_poly.pdbx_strand_id
1 'polypeptide(L)'
;EPQLQESGPTLVEASETLSLTCAVSGDSTAACNSFWGWVRQPPGKGLEWVGSLSHCASYWNRGWTYHNPSLKSRLTLALD
TPKNLVFLKLNSVTAADTATYYCARFGGEVLRYTDWPKPAWVDLWGRGTLVTVSSASTKGPSVFPLAPSSKSTSGGTAAL
GCLVKDYFPEPVTVSWNSGALTSGVHTFPAVLQSSGLYSLSSVVTVPSSSLGTQTYICNVNHKPSNTKVDKRVEPKSCD
;
A
2 'polypeptide(L)'
;QSALTQPPSASGSPGQSITISCTGTSNNFVSWYQQHAGKAPKLVIYDVNKRPSGVPDRFSGSKSGNTASLTVSGLQTDDE
AVYYCGSLVGNWDVIFGGGTKLTVLGQPKAAPSVTLFPPSSEELQANKATLVCLISDFYPGAVTVAWKADSSPVKAGVET
TTPSKQSNNKYAASSYLSLTPEQWKSHRSYSCQVTHEGSTVEKTVAPTECS
;
B
3 'polypeptide(L)'
;RAENLWVTVYYGVPVWKDAETTLFCASDAKAYETEKHNVWATHACVPTDPNPQEIHLENVTEEFNMWKNNMVEQMHTDII
SLWDQSLKPCVKLTPLCVTLQCTNVTNNITDDMRGELKNCSFNMTTELRDKKQKVYSLFYRLDVVQINENQGNRSNNSNK
EYRLINCNTSAITQACPKVSFEPIPIHYCAPAGFAILKCKDKKFNGTGPCPSVSTVQCTHGIKPVVSTQLLLNGSLAEEE
VMIRSENITNNAKNILVQFNTPVQINCTRPNNNTRKSIRIGPGQAFYATGDIIGDIRQAHCNVSKATWNETLGKVVKQLR
KHFGNNTIIRFANSSGGDLEVTTHSFNCGGEFFYCNTSGLFNSTWISNTSVQGSNSTGSNDSITLPCRIKQIINMWQRIG
QAMYAPPIQGVIRCVSNITGLILTRDGGSTNSTTETFRPGGGDMRDNWRSELYKYKVVKIEPLGVAPTRCKRRVVGSEKS
GHHHHHH
;
C
4 'polypeptide(L)'
;AVGIGAVFLGFLGAAGSTMGAASMTLTVQARNLLSGIVQQQSNLLRAPEAQQHLLKLTVWGIKQLQARVLAVERYLRDQQ
LLGIWGCSGKLICCTNVPWNSSWSNRNLSEIWDNMTWLQWDKEISNYTQIIYGLLEESQNQQEKNEQDLLALD
;
D
5 'polypeptide(L)'
;QIHLVQSGTEVKKPGSSVTVSCKAYGVNTFGLYAVNWVRQAPGQSLEYIGQIWRWKSSASHHFRGRVLISAVDLTGSSPP
ISSLEIKNLTSDDTAVYFCTTTSTYDKWSGLHHDGVMAFSSWGQGTLISVSAASTKGPSVFPLAPSSKSTSGGTAALGCL
VKDYFPEPVTVSWNSGALTSGVHTFPAVLQSSGLYSLSSVVTVPSSSLGTQTYICNVNHKPSNTKVDKKVEPKSCDKT
;
E
6 'polypeptide(L)'
;DIQMTQSPSTLSASIGDTVRISCRASQSITGNWVAWYQQRPGKAPRLLIYRGAALLGGVPSRFSGSAAGTDFTLTIGNLQ
AEDFGTFYCQQYDTYPGTFGQGTKVEVKRTVAAPSVFIFPPSDEQLKSGTASVVCLLNNFYPREAKVQWKVDNALQSGNS
QESVTEQDSKDSTYSLSSTLTLSKADYEKHKVYACEVTHQGLSSPVTKSFNRGEC
;
F
#
# COMPACT_ATOMS: atom_id res chain seq x y z
N PRO A 2 -13.56 -51.83 -8.55
CA PRO A 2 -14.23 -50.79 -9.32
C PRO A 2 -15.08 -51.37 -10.45
N GLN A 3 -16.39 -51.12 -10.41
CA GLN A 3 -17.30 -51.65 -11.42
C GLN A 3 -18.30 -50.61 -11.89
N LEU A 4 -18.53 -50.55 -13.20
CA LEU A 4 -19.48 -49.60 -13.75
C LEU A 4 -20.69 -50.33 -14.32
N GLN A 5 -21.87 -50.01 -13.79
CA GLN A 5 -23.10 -50.66 -14.22
C GLN A 5 -24.02 -49.66 -14.91
N GLU A 6 -24.23 -49.86 -16.22
CA GLU A 6 -25.14 -49.01 -16.99
C GLU A 6 -26.58 -49.46 -16.82
N SER A 7 -27.50 -48.50 -16.82
CA SER A 7 -28.92 -48.81 -16.71
C SER A 7 -29.77 -47.78 -17.42
N GLY A 8 -30.88 -48.23 -17.98
CA GLY A 8 -31.80 -47.37 -18.72
C GLY A 8 -32.54 -48.16 -19.78
N PRO A 9 -33.35 -47.47 -20.59
CA PRO A 9 -34.12 -48.11 -21.67
C PRO A 9 -33.23 -48.65 -22.79
N THR A 10 -33.45 -49.91 -23.16
CA THR A 10 -32.72 -50.51 -24.26
C THR A 10 -33.42 -50.23 -25.59
N LEU A 11 -34.69 -49.84 -25.51
CA LEU A 11 -35.46 -49.54 -26.71
C LEU A 11 -36.15 -48.17 -26.59
N VAL A 12 -35.73 -47.23 -27.43
CA VAL A 12 -36.33 -45.90 -27.45
C VAL A 12 -36.85 -45.51 -28.83
N GLU A 13 -37.97 -44.79 -28.87
CA GLU A 13 -38.51 -44.33 -30.15
C GLU A 13 -37.80 -43.07 -30.65
N ALA A 14 -37.86 -42.86 -31.96
CA ALA A 14 -37.18 -41.75 -32.62
C ALA A 14 -37.68 -40.39 -32.15
N SER A 15 -36.79 -39.40 -32.24
CA SER A 15 -37.08 -38.00 -31.90
C SER A 15 -37.35 -37.76 -30.42
N GLU A 16 -37.35 -38.84 -29.62
CA GLU A 16 -37.56 -38.74 -28.19
C GLU A 16 -36.27 -38.46 -27.42
N THR A 17 -36.37 -38.51 -26.10
CA THR A 17 -35.23 -38.25 -25.22
C THR A 17 -34.62 -39.53 -24.66
N LEU A 18 -33.38 -39.81 -25.03
CA LEU A 18 -32.66 -40.96 -24.50
C LEU A 18 -31.98 -40.64 -23.18
N SER A 19 -32.30 -41.42 -22.15
CA SER A 19 -31.72 -41.22 -20.83
C SER A 19 -31.06 -42.50 -20.35
N LEU A 20 -29.82 -42.39 -19.89
CA LEU A 20 -29.08 -43.54 -19.36
C LEU A 20 -28.36 -43.14 -18.07
N THR A 21 -28.28 -44.09 -17.13
CA THR A 21 -27.66 -43.81 -15.85
C THR A 21 -26.65 -44.88 -15.41
N CYS A 22 -25.44 -44.44 -15.08
CA CYS A 22 -24.39 -45.35 -14.62
C CYS A 22 -24.31 -45.36 -13.10
N ALA A 23 -24.22 -46.55 -12.53
CA ALA A 23 -24.07 -46.71 -11.08
C ALA A 23 -22.68 -47.20 -10.73
N VAL A 24 -21.89 -46.35 -10.08
CA VAL A 24 -20.51 -46.70 -9.74
C VAL A 24 -20.44 -47.48 -8.42
N SER A 25 -19.51 -48.42 -8.35
CA SER A 25 -19.32 -49.21 -7.14
C SER A 25 -17.83 -49.43 -6.87
N GLY A 26 -17.39 -49.03 -5.68
CA GLY A 26 -16.00 -49.19 -5.29
C GLY A 26 -15.20 -47.90 -5.40
N ASP A 27 -15.84 -46.84 -5.84
CA ASP A 27 -15.17 -45.55 -6.01
C ASP A 27 -16.15 -44.40 -5.85
N SER A 28 -15.62 -43.21 -5.56
CA SER A 28 -16.42 -42.02 -5.35
C SER A 28 -16.38 -41.08 -6.55
N THR A 29 -17.54 -40.53 -6.89
CA THR A 29 -17.64 -39.56 -7.97
C THR A 29 -17.04 -38.25 -7.51
N ALA A 30 -16.90 -38.09 -6.19
CA ALA A 30 -16.30 -36.91 -5.60
C ALA A 30 -14.80 -36.87 -5.86
N ALA A 31 -14.19 -38.04 -6.02
CA ALA A 31 -12.75 -38.15 -6.22
C ALA A 31 -12.29 -37.31 -7.42
N CYS A 32 -11.24 -36.53 -7.23
CA CYS A 32 -10.74 -35.63 -8.25
C CYS A 32 -9.71 -36.27 -9.18
N ASN A 33 -9.49 -37.57 -9.01
CA ASN A 33 -8.47 -38.27 -9.79
C ASN A 33 -8.90 -38.58 -11.23
N SER A 34 -10.21 -38.63 -11.47
CA SER A 34 -10.72 -38.99 -12.80
C SER A 34 -12.01 -38.27 -13.18
N PHE A 35 -12.25 -38.18 -14.49
CA PHE A 35 -13.50 -37.64 -15.03
C PHE A 35 -14.50 -38.74 -15.28
N TRP A 36 -15.78 -38.39 -15.31
CA TRP A 36 -16.84 -39.36 -15.53
C TRP A 36 -17.68 -38.95 -16.73
N GLY A 37 -17.89 -39.89 -17.65
CA GLY A 37 -18.66 -39.61 -18.84
C GLY A 37 -19.09 -40.85 -19.58
N TRP A 38 -19.27 -40.71 -20.90
CA TRP A 38 -19.76 -41.82 -21.69
C TRP A 38 -18.99 -41.96 -23.00
N VAL A 39 -18.93 -43.17 -23.52
CA VAL A 39 -18.35 -43.43 -24.84
C VAL A 39 -19.27 -44.41 -25.56
N ARG A 40 -19.79 -44.00 -26.72
CA ARG A 40 -20.72 -44.86 -27.44
C ARG A 40 -20.05 -45.51 -28.64
N GLN A 41 -20.41 -46.78 -28.86
CA GLN A 41 -19.86 -47.55 -29.96
C GLN A 41 -20.99 -48.10 -30.82
N PRO A 42 -21.30 -47.41 -31.93
CA PRO A 42 -22.31 -47.88 -32.88
C PRO A 42 -21.99 -49.30 -33.36
N PRO A 43 -23.02 -50.09 -33.68
CA PRO A 43 -22.88 -51.50 -34.05
C PRO A 43 -21.92 -51.69 -35.22
N GLY A 44 -20.91 -52.55 -35.03
CA GLY A 44 -19.91 -52.82 -36.05
C GLY A 44 -19.16 -51.58 -36.51
N LYS A 45 -18.96 -50.63 -35.61
CA LYS A 45 -18.27 -49.39 -35.95
C LYS A 45 -17.24 -48.99 -34.89
N GLY A 46 -16.56 -47.87 -35.11
CA GLY A 46 -15.51 -47.42 -34.22
C GLY A 46 -16.01 -46.72 -32.97
N LEU A 47 -15.08 -46.41 -32.07
CA LEU A 47 -15.39 -45.75 -30.81
C LEU A 47 -15.54 -44.25 -30.96
N GLU A 48 -16.65 -43.71 -30.46
CA GLU A 48 -16.88 -42.27 -30.49
C GLU A 48 -17.05 -41.69 -29.10
N TRP A 49 -16.32 -40.61 -28.83
CA TRP A 49 -16.37 -39.93 -27.54
C TRP A 49 -17.67 -39.13 -27.40
N VAL A 50 -18.32 -39.24 -26.24
CA VAL A 50 -19.56 -38.51 -25.99
C VAL A 50 -19.27 -37.25 -25.18
N GLY A 51 -18.79 -37.43 -23.97
CA GLY A 51 -18.46 -36.30 -23.10
C GLY A 51 -18.19 -36.75 -21.68
N SER A 52 -17.64 -35.85 -20.88
CA SER A 52 -17.37 -36.12 -19.47
C SER A 52 -17.36 -34.83 -18.68
N LEU A 53 -17.60 -34.90 -17.38
CA LEU A 53 -17.55 -33.72 -16.54
C LEU A 53 -16.96 -34.01 -15.16
N SER A 54 -16.80 -32.97 -14.36
CA SER A 54 -16.28 -33.09 -13.00
C SER A 54 -16.57 -31.85 -12.17
N HIS A 55 -17.05 -32.06 -10.95
CA HIS A 55 -17.41 -30.97 -10.07
C HIS A 55 -16.19 -30.31 -9.43
N CYS A 56 -15.06 -31.02 -9.45
CA CYS A 56 -13.82 -30.48 -8.90
C CYS A 56 -13.37 -29.26 -9.70
N ALA A 57 -13.63 -28.08 -9.16
CA ALA A 57 -13.50 -26.85 -9.92
C ALA A 57 -12.29 -26.02 -9.53
N SER A 58 -12.27 -24.79 -10.04
CA SER A 58 -11.26 -23.80 -9.70
C SER A 58 -11.96 -22.53 -9.22
N TYR A 59 -11.22 -21.43 -9.14
CA TYR A 59 -11.74 -20.19 -8.57
C TYR A 59 -12.74 -19.44 -9.45
N TRP A 60 -12.75 -19.70 -10.75
CA TRP A 60 -13.64 -18.96 -11.65
C TRP A 60 -14.86 -19.76 -12.12
N ASN A 61 -14.94 -21.03 -11.72
CA ASN A 61 -16.05 -21.87 -12.14
C ASN A 61 -16.54 -22.78 -11.01
N ARG A 62 -17.75 -23.31 -11.18
CA ARG A 62 -18.32 -24.24 -10.22
C ARG A 62 -18.10 -25.68 -10.66
N GLY A 63 -17.40 -25.84 -11.78
CA GLY A 63 -17.03 -27.15 -12.29
C GLY A 63 -16.49 -27.14 -13.70
N TRP A 64 -16.39 -28.33 -14.30
CA TRP A 64 -15.97 -28.48 -15.69
C TRP A 64 -16.91 -29.43 -16.40
N THR A 65 -17.31 -29.09 -17.63
CA THR A 65 -18.13 -30.00 -18.42
C THR A 65 -17.74 -29.98 -19.89
N TYR A 66 -17.40 -31.14 -20.44
CA TYR A 66 -16.94 -31.26 -21.82
C TYR A 66 -17.94 -32.01 -22.70
N HIS A 67 -18.31 -31.40 -23.83
CA HIS A 67 -19.24 -32.02 -24.78
C HIS A 67 -18.58 -32.24 -26.13
N ASN A 68 -18.93 -33.34 -26.78
CA ASN A 68 -18.51 -33.58 -28.15
C ASN A 68 -19.23 -32.60 -29.07
N PRO A 69 -18.45 -31.84 -29.87
CA PRO A 69 -18.94 -30.72 -30.69
C PRO A 69 -20.22 -31.02 -31.48
N SER A 70 -20.32 -32.22 -32.04
CA SER A 70 -21.49 -32.60 -32.83
C SER A 70 -22.69 -32.93 -31.95
N LEU A 71 -22.44 -33.63 -30.84
CA LEU A 71 -23.51 -34.08 -29.97
C LEU A 71 -23.91 -33.04 -28.92
N LYS A 72 -23.17 -31.94 -28.89
CA LYS A 72 -23.36 -30.87 -27.90
C LYS A 72 -24.80 -30.40 -27.75
N SER A 73 -25.42 -30.09 -28.88
CA SER A 73 -26.77 -29.52 -28.87
C SER A 73 -27.79 -30.48 -28.27
N ARG A 74 -27.64 -31.77 -28.56
CA ARG A 74 -28.67 -32.74 -28.18
C ARG A 74 -28.37 -33.49 -26.88
N LEU A 75 -27.26 -33.19 -26.21
CA LEU A 75 -26.96 -33.96 -25.00
C LEU A 75 -26.84 -33.08 -23.76
N THR A 76 -27.00 -33.73 -22.61
CA THR A 76 -26.80 -33.10 -21.32
C THR A 76 -26.10 -34.09 -20.39
N LEU A 77 -24.98 -33.67 -19.82
CA LEU A 77 -24.22 -34.53 -18.91
C LEU A 77 -24.46 -34.13 -17.46
N ALA A 78 -24.58 -35.11 -16.57
CA ALA A 78 -24.86 -34.83 -15.17
C ALA A 78 -24.20 -35.83 -14.21
N LEU A 79 -23.69 -35.32 -13.09
CA LEU A 79 -23.13 -36.17 -12.03
C LEU A 79 -23.80 -35.96 -10.67
N ASP A 80 -24.25 -37.04 -10.06
CA ASP A 80 -24.73 -37.01 -8.68
C ASP A 80 -23.64 -37.45 -7.71
N THR A 81 -23.06 -36.51 -6.97
CA THR A 81 -21.93 -36.79 -6.08
C THR A 81 -22.29 -37.62 -4.84
N PRO A 82 -23.36 -37.24 -4.08
CA PRO A 82 -23.67 -38.10 -2.92
C PRO A 82 -24.07 -39.52 -3.33
N LYS A 83 -24.94 -39.64 -4.32
CA LYS A 83 -25.50 -40.92 -4.70
C LYS A 83 -24.53 -41.71 -5.58
N ASN A 84 -23.43 -41.08 -5.94
CA ASN A 84 -22.39 -41.71 -6.76
C ASN A 84 -22.91 -42.24 -8.10
N LEU A 85 -23.67 -41.41 -8.82
CA LEU A 85 -24.29 -41.83 -10.07
C LEU A 85 -23.94 -40.92 -11.25
N VAL A 86 -23.86 -41.49 -12.44
CA VAL A 86 -23.61 -40.73 -13.67
C VAL A 86 -24.86 -40.74 -14.56
N PHE A 87 -25.14 -39.61 -15.21
CA PHE A 87 -26.33 -39.49 -16.06
C PHE A 87 -26.04 -39.03 -17.48
N LEU A 88 -26.85 -39.51 -18.42
CA LEU A 88 -26.76 -39.07 -19.81
C LEU A 88 -28.15 -38.88 -20.41
N LYS A 89 -28.38 -37.68 -20.95
CA LYS A 89 -29.66 -37.37 -21.57
C LYS A 89 -29.47 -36.85 -22.99
N LEU A 90 -30.09 -37.53 -23.95
CA LEU A 90 -29.98 -37.17 -25.36
C LEU A 90 -31.34 -36.73 -25.90
N ASN A 91 -31.45 -35.46 -26.29
CA ASN A 91 -32.70 -34.93 -26.82
C ASN A 91 -32.78 -35.14 -28.33
N SER A 92 -34.00 -35.32 -28.83
CA SER A 92 -34.27 -35.54 -30.25
C SER A 92 -33.36 -36.63 -30.81
N VAL A 93 -33.62 -37.86 -30.42
CA VAL A 93 -32.76 -38.98 -30.80
C VAL A 93 -33.24 -39.63 -32.10
N THR A 94 -32.29 -40.01 -32.94
CA THR A 94 -32.59 -40.67 -34.20
C THR A 94 -31.96 -42.06 -34.22
N ALA A 95 -32.38 -42.87 -35.19
CA ALA A 95 -31.88 -44.23 -35.33
C ALA A 95 -30.37 -44.25 -35.61
N ALA A 96 -29.83 -43.08 -35.98
CA ALA A 96 -28.40 -42.93 -36.18
C ALA A 96 -27.65 -42.90 -34.85
N ASP A 97 -28.37 -42.59 -33.77
CA ASP A 97 -27.76 -42.54 -32.44
C ASP A 97 -27.79 -43.91 -31.76
N THR A 98 -28.27 -44.91 -32.49
CA THR A 98 -28.32 -46.27 -31.97
C THR A 98 -26.92 -46.84 -31.80
N ALA A 99 -26.58 -47.22 -30.57
CA ALA A 99 -25.23 -47.66 -30.26
C ALA A 99 -25.19 -48.43 -28.95
N THR A 100 -24.08 -49.11 -28.70
CA THR A 100 -23.84 -49.70 -27.40
C THR A 100 -23.12 -48.66 -26.55
N TYR A 101 -23.83 -48.14 -25.55
CA TYR A 101 -23.30 -47.06 -24.74
C TYR A 101 -22.52 -47.59 -23.54
N TYR A 102 -21.28 -47.13 -23.41
CA TYR A 102 -20.45 -47.54 -22.28
C TYR A 102 -20.27 -46.42 -21.29
N CYS A 103 -20.37 -46.76 -20.01
CA CYS A 103 -20.07 -45.83 -18.93
C CYS A 103 -18.56 -45.74 -18.82
N ALA A 104 -18.01 -44.54 -18.97
CA ALA A 104 -16.57 -44.40 -19.08
C ALA A 104 -15.96 -43.55 -17.96
N ARG A 105 -14.81 -43.99 -17.47
CA ARG A 105 -14.03 -43.22 -16.51
C ARG A 105 -12.78 -42.70 -17.22
N PHE A 106 -12.62 -41.39 -17.23
CA PHE A 106 -11.53 -40.76 -17.99
C PHE A 106 -10.32 -40.44 -17.13
N GLY A 107 -9.16 -40.99 -17.49
CA GLY A 107 -7.91 -40.65 -16.85
C GLY A 107 -7.09 -39.65 -17.66
N GLY A 108 -6.03 -39.11 -17.05
CA GLY A 108 -5.22 -38.10 -17.72
C GLY A 108 -4.63 -37.12 -16.72
N GLU A 109 -4.40 -35.89 -17.17
CA GLU A 109 -3.91 -34.84 -16.28
C GLU A 109 -5.13 -34.21 -15.61
N VAL A 110 -5.76 -34.98 -14.72
CA VAL A 110 -6.96 -34.52 -14.03
C VAL A 110 -6.68 -34.09 -12.58
N LEU A 111 -5.72 -34.75 -11.93
CA LEU A 111 -5.45 -34.49 -10.52
C LEU A 111 -4.42 -33.37 -10.39
N ARG A 112 -3.66 -33.16 -11.45
CA ARG A 112 -2.63 -32.13 -11.49
C ARG A 112 -2.50 -31.59 -12.91
N TYR A 113 -3.26 -30.54 -13.19
CA TYR A 113 -3.26 -29.93 -14.51
C TYR A 113 -2.70 -28.52 -14.50
N THR A 114 -2.55 -27.96 -15.70
CA THR A 114 -2.15 -26.58 -15.88
C THR A 114 -3.28 -25.91 -16.62
N ASP A 115 -3.70 -24.72 -16.18
CA ASP A 115 -4.86 -24.05 -16.76
C ASP A 115 -6.05 -25.00 -16.58
N TRP A 116 -6.77 -25.33 -17.65
CA TRP A 116 -7.88 -26.30 -17.54
C TRP A 116 -7.40 -27.75 -17.46
N PRO A 117 -8.23 -28.64 -16.88
CA PRO A 117 -7.94 -30.09 -16.76
C PRO A 117 -7.97 -30.83 -18.11
N LYS A 118 -7.08 -31.80 -18.27
CA LYS A 118 -6.93 -32.50 -19.55
C LYS A 118 -7.12 -34.04 -19.47
N PRO A 119 -8.36 -34.52 -19.66
CA PRO A 119 -8.66 -35.95 -19.74
C PRO A 119 -8.42 -36.52 -21.14
N ALA A 120 -7.70 -37.64 -21.25
CA ALA A 120 -7.29 -38.14 -22.57
C ALA A 120 -7.60 -39.62 -22.82
N TRP A 121 -7.72 -40.42 -21.77
CA TRP A 121 -7.97 -41.85 -21.94
C TRP A 121 -8.93 -42.44 -20.92
N VAL A 122 -9.69 -43.45 -21.36
CA VAL A 122 -10.62 -44.16 -20.48
C VAL A 122 -9.98 -45.40 -19.86
N ASP A 123 -9.61 -45.30 -18.59
CA ASP A 123 -8.96 -46.40 -17.89
C ASP A 123 -9.95 -47.49 -17.46
N LEU A 124 -11.13 -47.08 -16.99
CA LEU A 124 -12.13 -48.02 -16.50
C LEU A 124 -13.40 -47.96 -17.34
N TRP A 125 -13.80 -49.11 -17.86
CA TRP A 125 -14.99 -49.20 -18.68
C TRP A 125 -16.15 -49.85 -17.93
N GLY A 126 -17.31 -49.84 -18.55
CA GLY A 126 -18.45 -50.57 -18.03
C GLY A 126 -18.73 -51.73 -18.96
N ARG A 127 -19.72 -52.55 -18.63
CA ARG A 127 -20.10 -53.64 -19.51
C ARG A 127 -20.84 -53.09 -20.72
N GLY A 128 -21.62 -52.04 -20.51
CA GLY A 128 -22.33 -51.38 -21.58
C GLY A 128 -23.65 -52.03 -21.91
N THR A 129 -24.55 -51.24 -22.49
CA THR A 129 -25.85 -51.71 -22.92
C THR A 129 -26.16 -51.23 -24.33
N LEU A 130 -27.00 -51.96 -25.05
CA LEU A 130 -27.35 -51.58 -26.41
C LEU A 130 -28.67 -50.84 -26.42
N VAL A 131 -28.64 -49.61 -26.94
CA VAL A 131 -29.88 -48.85 -27.08
C VAL A 131 -30.20 -48.68 -28.56
N THR A 132 -31.34 -49.22 -28.97
CA THR A 132 -31.77 -49.16 -30.36
C THR A 132 -32.91 -48.16 -30.53
N VAL A 133 -32.72 -47.18 -31.43
CA VAL A 133 -33.72 -46.14 -31.67
C VAL A 133 -34.59 -46.45 -32.90
N SER A 134 -35.90 -46.66 -32.70
CA SER A 134 -36.80 -47.01 -33.79
C SER A 134 -38.09 -46.19 -33.78
N SER A 135 -38.54 -45.80 -34.97
CA SER A 135 -39.76 -45.02 -35.11
C SER A 135 -41.00 -45.89 -35.36
N ALA A 136 -40.82 -47.21 -35.33
CA ALA A 136 -41.91 -48.13 -35.61
C ALA A 136 -42.06 -49.18 -34.50
N SER A 137 -42.92 -50.17 -34.75
CA SER A 137 -43.16 -51.23 -33.78
C SER A 137 -42.63 -52.56 -34.32
N THR A 138 -42.95 -53.65 -33.62
CA THR A 138 -42.58 -55.00 -34.06
C THR A 138 -43.10 -55.27 -35.48
N LYS A 139 -42.20 -55.69 -36.37
CA LYS A 139 -42.55 -55.86 -37.78
C LYS A 139 -42.13 -57.23 -38.33
N GLY A 140 -42.96 -57.81 -39.18
CA GLY A 140 -42.64 -59.06 -39.85
C GLY A 140 -41.72 -58.85 -41.04
N PRO A 141 -40.78 -59.79 -41.26
CA PRO A 141 -39.82 -59.72 -42.36
C PRO A 141 -40.43 -59.98 -43.74
N SER A 142 -39.98 -59.20 -44.73
CA SER A 142 -40.39 -59.40 -46.13
C SER A 142 -39.46 -60.39 -46.83
N VAL A 143 -40.02 -61.49 -47.32
CA VAL A 143 -39.23 -62.57 -47.91
C VAL A 143 -39.23 -62.55 -49.44
N PHE A 144 -38.04 -62.42 -50.02
CA PHE A 144 -37.88 -62.50 -51.47
C PHE A 144 -36.78 -63.51 -51.80
N PRO A 145 -37.01 -64.32 -52.84
CA PRO A 145 -36.05 -65.35 -53.29
C PRO A 145 -34.87 -64.77 -54.08
N LEU A 146 -33.71 -65.40 -53.94
CA LEU A 146 -32.53 -64.98 -54.69
C LEU A 146 -32.16 -66.01 -55.76
N ALA A 147 -32.36 -65.63 -57.01
CA ALA A 147 -32.11 -66.51 -58.14
C ALA A 147 -30.63 -66.53 -58.49
N PRO A 148 -30.05 -67.74 -58.56
CA PRO A 148 -28.63 -67.85 -58.94
C PRO A 148 -28.44 -67.77 -60.45
N SER A 149 -27.22 -68.02 -60.90
CA SER A 149 -26.91 -67.98 -62.32
C SER A 149 -27.55 -69.17 -63.05
N SER A 154 -21.21 -70.94 -60.11
CA SER A 154 -20.01 -71.11 -60.94
C SER A 154 -19.09 -72.18 -60.39
N GLY A 155 -18.34 -72.82 -61.28
CA GLY A 155 -17.41 -73.87 -60.90
C GLY A 155 -18.06 -75.23 -60.77
N GLY A 156 -19.13 -75.45 -61.53
CA GLY A 156 -19.84 -76.71 -61.53
C GLY A 156 -20.95 -76.75 -60.51
N THR A 157 -20.81 -75.95 -59.46
CA THR A 157 -21.83 -75.82 -58.44
C THR A 157 -22.06 -74.36 -58.10
N ALA A 158 -23.28 -73.88 -58.35
CA ALA A 158 -23.63 -72.49 -58.09
C ALA A 158 -24.18 -72.31 -56.68
N ALA A 159 -24.51 -71.08 -56.34
CA ALA A 159 -25.02 -70.77 -55.01
C ALA A 159 -26.29 -69.93 -55.10
N LEU A 160 -27.28 -70.28 -54.28
CA LEU A 160 -28.54 -69.55 -54.23
C LEU A 160 -28.92 -69.31 -52.77
N GLY A 161 -29.79 -68.33 -52.55
CA GLY A 161 -30.17 -67.98 -51.19
C GLY A 161 -31.55 -67.37 -51.04
N CYS A 162 -31.92 -67.07 -49.80
CA CYS A 162 -33.18 -66.41 -49.51
C CYS A 162 -32.93 -65.07 -48.84
N LEU A 163 -33.56 -64.01 -49.36
CA LEU A 163 -33.37 -62.68 -48.81
C LEU A 163 -34.38 -62.36 -47.71
N VAL A 164 -33.87 -61.97 -46.54
CA VAL A 164 -34.72 -61.53 -45.43
C VAL A 164 -34.63 -60.02 -45.25
N LYS A 165 -35.70 -59.31 -45.60
CA LYS A 165 -35.72 -57.87 -45.53
C LYS A 165 -36.25 -57.39 -44.17
N ASP A 166 -36.68 -56.13 -44.10
CA ASP A 166 -36.94 -55.41 -42.86
C ASP A 166 -37.77 -56.14 -41.80
N TYR A 167 -37.23 -56.22 -40.58
CA TYR A 167 -37.91 -56.89 -39.48
C TYR A 167 -37.40 -56.37 -38.13
N PHE A 168 -38.13 -56.70 -37.06
CA PHE A 168 -37.80 -56.29 -35.69
C PHE A 168 -38.74 -56.93 -34.69
N PRO A 169 -38.21 -57.48 -33.59
CA PRO A 169 -36.78 -57.63 -33.28
C PRO A 169 -36.24 -58.99 -33.68
N GLU A 170 -34.98 -59.25 -33.35
CA GLU A 170 -34.34 -60.54 -33.60
C GLU A 170 -34.92 -61.61 -32.67
N PRO A 171 -34.64 -62.90 -32.94
CA PRO A 171 -33.94 -63.48 -34.08
C PRO A 171 -34.85 -64.04 -35.17
N VAL A 172 -34.22 -64.60 -36.22
CA VAL A 172 -34.91 -65.30 -37.30
C VAL A 172 -34.12 -66.55 -37.65
N THR A 173 -34.81 -67.67 -37.81
CA THR A 173 -34.13 -68.92 -38.18
C THR A 173 -34.53 -69.35 -39.58
N VAL A 174 -33.54 -69.50 -40.46
CA VAL A 174 -33.81 -69.90 -41.84
C VAL A 174 -33.12 -71.22 -42.14
N SER A 175 -33.93 -72.22 -42.47
CA SER A 175 -33.45 -73.56 -42.80
C SER A 175 -33.79 -73.91 -44.24
N TRP A 176 -32.93 -74.71 -44.87
CA TRP A 176 -33.16 -75.11 -46.25
C TRP A 176 -33.87 -76.46 -46.28
N ASN A 177 -35.07 -76.48 -46.87
CA ASN A 177 -35.89 -77.68 -46.95
C ASN A 177 -36.11 -78.30 -45.57
N SER A 178 -36.26 -77.45 -44.56
CA SER A 178 -36.49 -77.87 -43.18
C SER A 178 -35.41 -78.80 -42.66
N GLY A 179 -34.16 -78.36 -42.75
CA GLY A 179 -33.03 -79.12 -42.24
C GLY A 179 -32.72 -80.37 -43.02
N ALA A 180 -33.02 -80.34 -44.32
CA ALA A 180 -32.73 -81.48 -45.19
C ALA A 180 -31.25 -81.50 -45.57
N LEU A 181 -30.68 -80.31 -45.76
CA LEU A 181 -29.28 -80.20 -46.13
C LEU A 181 -28.47 -79.53 -45.03
N THR A 182 -27.31 -80.11 -44.73
CA THR A 182 -26.41 -79.59 -43.71
C THR A 182 -25.11 -79.12 -44.36
N SER A 183 -24.39 -80.06 -44.97
CA SER A 183 -23.16 -79.73 -45.68
C SER A 183 -23.45 -78.78 -46.85
N GLY A 184 -22.70 -77.69 -46.91
CA GLY A 184 -22.87 -76.70 -47.95
C GLY A 184 -24.01 -75.74 -47.66
N VAL A 185 -24.26 -75.51 -46.37
CA VAL A 185 -25.32 -74.57 -45.96
C VAL A 185 -24.70 -73.44 -45.13
N HIS A 186 -25.13 -72.22 -45.40
CA HIS A 186 -24.56 -71.06 -44.72
C HIS A 186 -25.58 -69.96 -44.45
N THR A 187 -25.39 -69.24 -43.35
CA THR A 187 -26.29 -68.15 -42.97
C THR A 187 -25.51 -66.94 -42.41
N PHE A 188 -25.80 -65.76 -42.95
CA PHE A 188 -25.14 -64.53 -42.53
C PHE A 188 -25.90 -63.81 -41.40
N PRO A 189 -25.15 -63.11 -40.52
CA PRO A 189 -25.70 -62.37 -39.37
C PRO A 189 -26.59 -61.18 -39.76
N ALA A 190 -27.34 -60.66 -38.79
CA ALA A 190 -28.28 -59.56 -39.01
C ALA A 190 -27.58 -58.21 -39.22
N VAL A 191 -28.29 -57.28 -39.85
CA VAL A 191 -27.77 -55.94 -40.11
C VAL A 191 -28.76 -54.84 -39.67
N LEU A 192 -28.29 -53.86 -38.90
CA LEU A 192 -29.14 -52.73 -38.49
C LEU A 192 -29.29 -51.64 -39.55
N GLN A 193 -30.53 -51.41 -39.96
CA GLN A 193 -30.85 -50.43 -40.99
C GLN A 193 -30.92 -49.01 -40.44
N SER A 194 -30.82 -48.02 -41.34
CA SER A 194 -30.96 -46.61 -40.97
C SER A 194 -32.37 -46.28 -40.48
N SER A 195 -33.32 -47.17 -40.75
CA SER A 195 -34.69 -46.98 -40.30
C SER A 195 -34.94 -47.71 -38.98
N GLY A 196 -33.85 -48.19 -38.37
CA GLY A 196 -33.93 -48.85 -37.08
C GLY A 196 -34.30 -50.32 -37.11
N LEU A 197 -34.49 -50.87 -38.30
CA LEU A 197 -34.88 -52.26 -38.45
C LEU A 197 -33.69 -53.21 -38.58
N TYR A 198 -33.99 -54.49 -38.82
CA TYR A 198 -32.98 -55.55 -38.94
C TYR A 198 -33.08 -56.25 -40.29
N SER A 199 -31.96 -56.79 -40.77
CA SER A 199 -31.97 -57.56 -42.03
C SER A 199 -30.82 -58.58 -42.11
N LEU A 200 -31.07 -59.70 -42.78
CA LEU A 200 -30.05 -60.73 -43.00
C LEU A 200 -30.37 -61.60 -44.22
N SER A 201 -29.57 -62.63 -44.43
CA SER A 201 -29.76 -63.54 -45.57
C SER A 201 -29.13 -64.92 -45.36
N SER A 202 -29.30 -65.80 -46.35
CA SER A 202 -28.71 -67.13 -46.31
C SER A 202 -28.19 -67.53 -47.70
N VAL A 203 -27.37 -68.58 -47.73
CA VAL A 203 -26.81 -69.08 -48.99
C VAL A 203 -26.53 -70.59 -48.94
N VAL A 204 -26.77 -71.28 -50.05
CA VAL A 204 -26.51 -72.71 -50.14
C VAL A 204 -25.93 -73.09 -51.50
N THR A 205 -24.99 -74.04 -51.51
CA THR A 205 -24.32 -74.46 -52.74
C THR A 205 -24.82 -75.82 -53.18
N VAL A 206 -25.35 -75.88 -54.41
CA VAL A 206 -25.90 -77.09 -54.98
C VAL A 206 -25.44 -77.27 -56.42
N PRO A 207 -25.31 -78.54 -56.87
CA PRO A 207 -24.89 -78.83 -58.25
C PRO A 207 -25.85 -78.29 -59.29
N SER A 208 -25.37 -78.11 -60.51
CA SER A 208 -26.21 -77.59 -61.58
C SER A 208 -27.10 -78.70 -62.09
N SER A 209 -26.65 -79.94 -61.89
CA SER A 209 -27.39 -81.11 -62.35
C SER A 209 -28.70 -81.27 -61.57
N SER A 210 -28.75 -80.71 -60.36
CA SER A 210 -29.95 -80.81 -59.53
C SER A 210 -31.05 -79.84 -59.95
N LEU A 211 -30.69 -78.81 -60.71
CA LEU A 211 -31.67 -77.86 -61.23
C LEU A 211 -32.68 -78.53 -62.15
N GLY A 212 -33.96 -78.32 -61.88
CA GLY A 212 -35.02 -79.06 -62.54
C GLY A 212 -36.28 -79.12 -61.69
N THR A 213 -37.02 -80.23 -61.83
CA THR A 213 -38.22 -80.45 -61.02
C THR A 213 -37.88 -80.40 -59.53
N GLN A 214 -36.61 -80.60 -59.21
CA GLN A 214 -36.13 -80.47 -57.84
C GLN A 214 -35.79 -79.01 -57.59
N THR A 215 -36.56 -78.39 -56.70
CA THR A 215 -36.39 -76.98 -56.38
C THR A 215 -35.97 -76.82 -54.93
N TYR A 216 -35.60 -75.59 -54.55
CA TYR A 216 -35.15 -75.35 -53.20
C TYR A 216 -36.08 -74.36 -52.51
N ILE A 217 -36.48 -74.68 -51.28
CA ILE A 217 -37.37 -73.82 -50.53
C ILE A 217 -36.80 -73.60 -49.13
N CYS A 218 -36.70 -72.34 -48.73
CA CYS A 218 -36.20 -72.01 -47.40
C CYS A 218 -37.35 -71.82 -46.43
N ASN A 219 -37.15 -72.27 -45.19
CA ASN A 219 -38.17 -72.15 -44.16
C ASN A 219 -37.83 -71.02 -43.21
N VAL A 220 -38.59 -69.93 -43.29
CA VAL A 220 -38.33 -68.78 -42.43
C VAL A 220 -39.21 -68.87 -41.20
N ASN A 221 -38.63 -68.53 -40.04
CA ASN A 221 -39.36 -68.60 -38.78
C ASN A 221 -39.07 -67.37 -37.93
N HIS A 222 -40.13 -66.66 -37.55
CA HIS A 222 -40.00 -65.51 -36.67
C HIS A 222 -41.05 -65.57 -35.55
N LYS A 223 -40.55 -65.70 -34.33
CA LYS A 223 -41.42 -65.82 -33.16
C LYS A 223 -42.15 -64.52 -32.80
N PRO A 224 -41.44 -63.38 -32.67
CA PRO A 224 -42.16 -62.18 -32.19
C PRO A 224 -43.31 -61.70 -33.08
N SER A 225 -43.08 -61.64 -34.39
CA SER A 225 -44.11 -61.16 -35.33
C SER A 225 -45.02 -62.28 -35.84
N ASN A 226 -44.79 -63.50 -35.34
CA ASN A 226 -45.54 -64.69 -35.75
C ASN A 226 -45.48 -64.90 -37.27
N THR A 227 -44.29 -65.17 -37.78
CA THR A 227 -44.10 -65.33 -39.21
C THR A 227 -43.38 -66.62 -39.58
N LYS A 228 -44.09 -67.54 -40.22
CA LYS A 228 -43.45 -68.70 -40.84
C LYS A 228 -43.79 -68.71 -42.33
N VAL A 229 -42.77 -68.44 -43.14
CA VAL A 229 -42.97 -68.30 -44.58
C VAL A 229 -41.95 -69.09 -45.39
N ASP A 230 -42.43 -69.96 -46.26
CA ASP A 230 -41.57 -70.73 -47.13
C ASP A 230 -41.72 -70.26 -48.57
N LYS A 231 -40.59 -70.10 -49.26
CA LYS A 231 -40.60 -69.62 -50.63
C LYS A 231 -39.69 -70.45 -51.54
N ARG A 232 -40.20 -70.77 -52.72
CA ARG A 232 -39.42 -71.54 -53.69
C ARG A 232 -38.53 -70.60 -54.50
N VAL A 233 -37.33 -71.07 -54.83
CA VAL A 233 -36.37 -70.25 -55.57
C VAL A 233 -36.12 -70.78 -56.98
N GLU A 234 -36.35 -69.92 -57.97
CA GLU A 234 -36.11 -70.26 -59.36
C GLU A 234 -35.32 -69.18 -60.09
N PRO A 235 -34.39 -69.59 -60.97
CA PRO A 235 -33.57 -68.65 -61.74
C PRO A 235 -34.24 -68.23 -63.04
N LEU B 4 -7.88 -39.96 -36.27
CA LEU B 4 -6.66 -40.76 -36.33
C LEU B 4 -6.80 -41.90 -37.32
N THR B 5 -5.76 -42.13 -38.11
CA THR B 5 -5.77 -43.18 -39.12
C THR B 5 -5.13 -44.47 -38.64
N GLN B 6 -5.96 -45.48 -38.41
CA GLN B 6 -5.49 -46.82 -38.05
C GLN B 6 -5.71 -47.81 -39.19
N PRO B 7 -4.67 -48.59 -39.53
CA PRO B 7 -4.76 -49.62 -40.57
C PRO B 7 -5.94 -50.55 -40.31
N PRO B 8 -6.67 -50.93 -41.37
CA PRO B 8 -7.90 -51.70 -41.25
C PRO B 8 -7.69 -53.09 -40.65
N SER B 9 -6.60 -53.75 -41.04
CA SER B 9 -6.35 -55.12 -40.63
C SER B 9 -4.90 -55.35 -40.25
N ALA B 10 -4.66 -56.47 -39.59
CA ALA B 10 -3.32 -56.90 -39.19
C ALA B 10 -3.38 -58.37 -38.82
N SER B 11 -2.37 -59.13 -39.24
CA SER B 11 -2.34 -60.56 -38.97
C SER B 11 -0.97 -61.02 -38.51
N GLY B 12 -0.93 -62.15 -37.81
CA GLY B 12 0.32 -62.73 -37.38
C GLY B 12 0.16 -64.15 -36.84
N SER B 13 1.23 -64.92 -36.90
CA SER B 13 1.24 -66.26 -36.35
C SER B 13 1.63 -66.21 -34.87
N PRO B 14 1.26 -67.23 -34.09
CA PRO B 14 1.65 -67.29 -32.67
C PRO B 14 3.16 -67.23 -32.45
N GLY B 15 3.60 -66.33 -31.58
CA GLY B 15 5.01 -66.15 -31.30
C GLY B 15 5.67 -65.01 -32.05
N GLN B 16 5.09 -64.63 -33.18
CA GLN B 16 5.60 -63.51 -33.97
C GLN B 16 5.26 -62.18 -33.32
N SER B 17 5.93 -61.12 -33.75
CA SER B 17 5.67 -59.80 -33.20
C SER B 17 5.02 -58.89 -34.23
N ILE B 18 3.91 -58.26 -33.83
CA ILE B 18 3.15 -57.36 -34.68
C ILE B 18 3.27 -55.91 -34.21
N THR B 19 3.48 -54.99 -35.15
CA THR B 19 3.51 -53.56 -34.86
C THR B 19 2.43 -52.81 -35.63
N ILE B 20 1.44 -52.28 -34.92
CA ILE B 20 0.39 -51.49 -35.55
C ILE B 20 0.62 -50.01 -35.28
N SER B 21 0.39 -49.19 -36.29
CA SER B 21 0.65 -47.75 -36.21
C SER B 21 -0.61 -46.91 -36.03
N CYS B 22 -0.39 -45.62 -35.77
CA CYS B 22 -1.46 -44.64 -35.72
C CYS B 22 -0.85 -43.28 -36.04
N THR B 23 -1.57 -42.44 -36.79
CA THR B 23 -1.04 -41.13 -37.16
C THR B 23 -2.06 -40.04 -36.84
N GLY B 24 -1.58 -38.82 -36.71
CA GLY B 24 -2.45 -37.70 -36.37
C GLY B 24 -2.27 -37.27 -34.93
N THR B 25 -1.35 -37.93 -34.22
CA THR B 25 -1.07 -37.59 -32.84
C THR B 25 0.13 -36.65 -32.76
N SER B 26 -0.13 -35.41 -32.35
CA SER B 26 0.92 -34.42 -32.21
C SER B 26 1.37 -34.34 -30.75
N ASN B 27 0.56 -34.92 -29.87
CA ASN B 27 0.85 -34.92 -28.44
C ASN B 27 1.19 -36.32 -27.92
N ASN B 28 1.56 -36.39 -26.65
CA ASN B 28 1.98 -37.65 -26.04
C ASN B 28 0.85 -38.36 -25.31
N PHE B 29 -0.37 -37.86 -25.50
CA PHE B 29 -1.52 -38.37 -24.74
C PHE B 29 -2.07 -39.65 -25.34
N VAL B 30 -1.37 -40.18 -26.35
CA VAL B 30 -1.80 -41.37 -27.07
C VAL B 30 -2.09 -42.59 -26.17
N SER B 31 -3.17 -43.30 -26.49
CA SER B 31 -3.56 -44.49 -25.75
C SER B 31 -4.20 -45.54 -26.67
N TRP B 32 -3.98 -46.81 -26.38
CA TRP B 32 -4.54 -47.89 -27.18
C TRP B 32 -5.51 -48.75 -26.37
N TYR B 33 -6.53 -49.29 -27.05
CA TYR B 33 -7.54 -50.12 -26.38
C TYR B 33 -7.72 -51.49 -27.05
N GLN B 34 -8.15 -52.47 -26.27
CA GLN B 34 -8.45 -53.80 -26.79
C GLN B 34 -9.89 -54.20 -26.52
N GLN B 35 -10.63 -54.47 -27.59
CA GLN B 35 -12.03 -54.86 -27.48
C GLN B 35 -12.27 -56.24 -28.12
N HIS B 36 -12.59 -57.23 -27.30
CA HIS B 36 -12.97 -58.53 -27.83
C HIS B 36 -14.37 -58.41 -28.41
N ALA B 37 -14.62 -59.13 -29.50
CA ALA B 37 -15.92 -59.10 -30.15
C ALA B 37 -17.01 -59.59 -29.19
N GLY B 38 -18.05 -58.78 -29.00
CA GLY B 38 -19.12 -59.11 -28.09
C GLY B 38 -18.79 -58.78 -26.65
N LYS B 39 -17.79 -57.92 -26.44
CA LYS B 39 -17.36 -57.53 -25.11
C LYS B 39 -17.06 -56.03 -25.05
N ALA B 40 -16.68 -55.57 -23.85
CA ALA B 40 -16.36 -54.16 -23.67
C ALA B 40 -14.87 -53.93 -23.91
N PRO B 41 -14.53 -52.72 -24.38
CA PRO B 41 -13.12 -52.36 -24.62
C PRO B 41 -12.31 -52.27 -23.33
N LYS B 42 -11.04 -52.67 -23.39
CA LYS B 42 -10.16 -52.59 -22.23
C LYS B 42 -8.88 -51.86 -22.62
N LEU B 43 -8.44 -50.95 -21.76
CA LEU B 43 -7.25 -50.14 -22.05
C LEU B 43 -5.98 -50.95 -21.82
N VAL B 44 -5.22 -51.14 -22.88
CA VAL B 44 -3.98 -51.92 -22.81
C VAL B 44 -2.73 -51.06 -22.65
N ILE B 45 -2.85 -49.75 -22.88
CA ILE B 45 -1.69 -48.87 -22.77
C ILE B 45 -2.13 -47.42 -22.58
N TYR B 46 -1.28 -46.61 -21.96
CA TYR B 46 -1.57 -45.20 -21.73
C TYR B 46 -0.28 -44.40 -21.65
N ASP B 47 -0.36 -43.10 -21.93
CA ASP B 47 0.79 -42.22 -21.85
C ASP B 47 1.93 -42.81 -22.70
N VAL B 48 1.56 -43.21 -23.91
CA VAL B 48 2.47 -43.83 -24.86
C VAL B 48 2.92 -45.19 -24.26
N ASN B 49 4.21 -45.43 -24.15
CA ASN B 49 4.78 -46.70 -23.66
C ASN B 49 4.32 -47.33 -22.32
N LYS B 50 3.94 -46.50 -21.35
CA LYS B 50 3.57 -47.00 -20.02
C LYS B 50 2.43 -48.05 -20.00
N ARG B 51 2.61 -49.09 -19.18
CA ARG B 51 1.65 -50.19 -19.06
C ARG B 51 0.82 -50.07 -17.78
N PRO B 52 -0.43 -50.55 -17.83
CA PRO B 52 -1.29 -50.62 -16.64
C PRO B 52 -1.20 -51.94 -15.87
N SER B 53 -2.03 -52.08 -14.84
CA SER B 53 -2.03 -53.26 -13.99
C SER B 53 -2.58 -54.50 -14.71
N GLY B 54 -1.91 -55.63 -14.51
CA GLY B 54 -2.36 -56.89 -15.07
C GLY B 54 -2.19 -56.99 -16.58
N VAL B 55 -1.30 -56.17 -17.12
CA VAL B 55 -1.01 -56.18 -18.55
C VAL B 55 0.42 -56.66 -18.81
N PRO B 56 0.55 -57.73 -19.62
CA PRO B 56 1.83 -58.36 -19.94
C PRO B 56 2.87 -57.37 -20.49
N ASP B 57 4.15 -57.67 -20.27
CA ASP B 57 5.25 -56.81 -20.68
C ASP B 57 5.33 -56.67 -22.20
N ARG B 58 4.83 -57.67 -22.90
CA ARG B 58 4.90 -57.74 -24.37
C ARG B 58 4.12 -56.64 -25.11
N PHE B 59 3.25 -55.92 -24.40
CA PHE B 59 2.61 -54.74 -24.99
C PHE B 59 3.40 -53.47 -24.70
N SER B 60 3.86 -52.81 -25.76
CA SER B 60 4.67 -51.61 -25.61
C SER B 60 4.24 -50.52 -26.61
N GLY B 61 4.03 -49.31 -26.09
CA GLY B 61 3.67 -48.16 -26.91
C GLY B 61 4.88 -47.39 -27.40
N SER B 62 4.76 -46.80 -28.58
CA SER B 62 5.84 -45.98 -29.13
C SER B 62 5.33 -44.89 -30.07
N LYS B 63 5.98 -43.73 -30.04
CA LYS B 63 5.60 -42.61 -30.91
C LYS B 63 6.81 -41.94 -31.54
N SER B 64 6.85 -41.93 -32.88
CA SER B 64 7.90 -41.26 -33.63
C SER B 64 7.33 -40.20 -34.56
N GLY B 65 7.66 -38.94 -34.32
CA GLY B 65 7.11 -37.85 -35.10
C GLY B 65 5.63 -37.71 -34.88
N ASN B 66 4.86 -37.78 -35.97
CA ASN B 66 3.40 -37.70 -35.89
C ASN B 66 2.77 -39.09 -35.86
N THR B 67 3.60 -40.12 -35.87
CA THR B 67 3.11 -41.49 -35.92
C THR B 67 3.28 -42.19 -34.57
N ALA B 68 2.19 -42.76 -34.06
CA ALA B 68 2.22 -43.54 -32.83
C ALA B 68 2.10 -45.03 -33.15
N SER B 69 2.77 -45.86 -32.35
CA SER B 69 2.83 -47.30 -32.65
C SER B 69 2.68 -48.23 -31.44
N LEU B 70 1.93 -49.31 -31.62
CA LEU B 70 1.78 -50.35 -30.61
C LEU B 70 2.47 -51.62 -31.10
N THR B 71 3.13 -52.33 -30.20
CA THR B 71 3.87 -53.54 -30.59
C THR B 71 3.55 -54.74 -29.68
N VAL B 72 3.01 -55.80 -30.28
CA VAL B 72 2.70 -57.03 -29.55
C VAL B 72 3.59 -58.21 -29.96
N SER B 73 4.45 -58.64 -29.04
CA SER B 73 5.34 -59.78 -29.29
C SER B 73 4.84 -61.03 -28.58
N GLY B 74 5.08 -62.20 -29.16
CA GLY B 74 4.64 -63.45 -28.59
C GLY B 74 3.13 -63.61 -28.63
N LEU B 75 2.57 -63.57 -29.83
CA LEU B 75 1.14 -63.64 -30.06
C LEU B 75 0.49 -64.92 -29.50
N GLN B 76 -0.76 -64.77 -29.05
CA GLN B 76 -1.53 -65.90 -28.53
C GLN B 76 -3.03 -65.71 -28.78
N THR B 77 -3.79 -66.79 -28.57
CA THR B 77 -5.23 -66.84 -28.84
C THR B 77 -6.03 -65.66 -28.28
N ASP B 78 -5.70 -65.25 -27.06
CA ASP B 78 -6.44 -64.19 -26.37
C ASP B 78 -6.16 -62.79 -26.93
N ASP B 79 -5.21 -62.70 -27.86
CA ASP B 79 -4.86 -61.41 -28.46
C ASP B 79 -5.74 -61.06 -29.67
N GLU B 80 -6.66 -61.97 -30.03
CA GLU B 80 -7.50 -61.73 -31.20
C GLU B 80 -8.66 -60.81 -30.85
N ALA B 81 -8.64 -59.60 -31.40
CA ALA B 81 -9.62 -58.57 -31.06
C ALA B 81 -9.46 -57.36 -31.98
N VAL B 82 -10.22 -56.31 -31.69
CA VAL B 82 -10.07 -55.04 -32.41
C VAL B 82 -9.34 -54.04 -31.53
N TYR B 83 -8.29 -53.41 -32.09
CA TYR B 83 -7.47 -52.47 -31.34
C TYR B 83 -7.68 -51.03 -31.79
N TYR B 84 -8.16 -50.19 -30.89
CA TYR B 84 -8.41 -48.78 -31.18
C TYR B 84 -7.33 -47.91 -30.55
N CYS B 85 -6.98 -46.80 -31.20
CA CYS B 85 -6.08 -45.83 -30.59
C CYS B 85 -6.81 -44.52 -30.39
N GLY B 86 -6.38 -43.76 -29.40
CA GLY B 86 -7.01 -42.48 -29.10
C GLY B 86 -6.04 -41.53 -28.44
N SER B 87 -6.28 -40.23 -28.58
CA SER B 87 -5.41 -39.23 -28.02
C SER B 87 -6.15 -37.92 -27.79
N LEU B 88 -5.63 -37.10 -26.88
CA LEU B 88 -6.22 -35.79 -26.63
C LEU B 88 -5.90 -34.87 -27.79
N VAL B 89 -6.85 -34.01 -28.15
CA VAL B 89 -6.64 -33.04 -29.23
C VAL B 89 -7.18 -31.68 -28.83
N GLY B 90 -6.51 -30.63 -29.29
CA GLY B 90 -6.92 -29.27 -29.00
C GLY B 90 -6.91 -28.89 -27.53
N ASN B 91 -8.07 -28.44 -27.05
CA ASN B 91 -8.19 -28.03 -25.65
C ASN B 91 -8.54 -29.15 -24.67
N TRP B 92 -9.65 -29.84 -24.92
CA TRP B 92 -10.06 -30.95 -24.06
C TRP B 92 -10.76 -32.08 -24.80
N ASP B 93 -10.92 -31.94 -26.11
CA ASP B 93 -11.58 -32.96 -26.90
C ASP B 93 -10.67 -34.19 -27.08
N VAL B 94 -11.29 -35.35 -27.23
CA VAL B 94 -10.55 -36.58 -27.48
C VAL B 94 -11.20 -37.38 -28.61
N ILE B 95 -10.35 -37.97 -29.46
CA ILE B 95 -10.83 -38.73 -30.61
C ILE B 95 -10.31 -40.16 -30.64
N PHE B 96 -10.98 -41.00 -31.41
CA PHE B 96 -10.57 -42.39 -31.57
C PHE B 96 -10.33 -42.71 -33.04
N GLY B 97 -9.42 -43.65 -33.30
CA GLY B 97 -9.16 -44.09 -34.64
C GLY B 97 -10.23 -45.05 -35.10
N GLY B 98 -10.11 -45.53 -36.33
CA GLY B 98 -11.06 -46.51 -36.85
C GLY B 98 -10.84 -47.84 -36.18
N GLY B 99 -9.63 -48.01 -35.64
CA GLY B 99 -9.26 -49.23 -34.95
C GLY B 99 -8.65 -50.23 -35.91
N THR B 100 -7.76 -51.06 -35.38
CA THR B 100 -7.12 -52.08 -36.19
C THR B 100 -7.52 -53.46 -35.68
N LYS B 101 -8.04 -54.28 -36.60
CA LYS B 101 -8.46 -55.62 -36.25
C LYS B 101 -7.28 -56.58 -36.42
N LEU B 102 -6.82 -57.15 -35.32
CA LEU B 102 -5.69 -58.06 -35.33
C LEU B 102 -6.22 -59.46 -35.03
N THR B 103 -5.88 -60.42 -35.89
CA THR B 103 -6.40 -61.77 -35.73
C THR B 103 -5.27 -62.79 -35.51
N VAL B 104 -5.45 -63.65 -34.51
CA VAL B 104 -4.46 -64.68 -34.19
C VAL B 104 -5.08 -66.06 -34.49
N LEU B 105 -5.88 -66.10 -35.55
CA LEU B 105 -6.63 -67.28 -35.94
C LEU B 105 -5.73 -68.40 -36.43
N GLY B 106 -6.25 -69.62 -36.43
CA GLY B 106 -5.53 -70.76 -36.96
C GLY B 106 -5.35 -70.64 -38.47
N GLN B 107 -4.41 -71.41 -39.00
CA GLN B 107 -4.07 -71.40 -40.43
C GLN B 107 -5.20 -71.97 -41.31
N PRO B 108 -5.16 -71.70 -42.63
CA PRO B 108 -4.16 -70.95 -43.38
C PRO B 108 -4.79 -69.76 -44.11
N LYS B 109 -3.96 -68.80 -44.51
CA LYS B 109 -4.46 -67.58 -45.14
C LYS B 109 -5.14 -67.90 -46.47
N ALA B 110 -6.11 -67.08 -46.88
CA ALA B 110 -6.84 -67.34 -48.11
C ALA B 110 -7.55 -66.11 -48.66
N ALA B 111 -7.63 -66.03 -49.98
CA ALA B 111 -8.33 -64.94 -50.66
C ALA B 111 -9.85 -65.01 -50.39
N PRO B 112 -10.50 -63.85 -50.28
CA PRO B 112 -11.96 -63.85 -50.06
C PRO B 112 -12.74 -64.44 -51.23
N SER B 113 -14.05 -64.57 -51.07
CA SER B 113 -14.92 -65.08 -52.13
C SER B 113 -16.20 -64.26 -52.22
N VAL B 114 -16.47 -63.68 -53.39
CA VAL B 114 -17.61 -62.78 -53.54
C VAL B 114 -18.73 -63.35 -54.41
N THR B 115 -19.96 -63.28 -53.91
CA THR B 115 -21.14 -63.66 -54.68
C THR B 115 -22.17 -62.53 -54.61
N LEU B 116 -22.42 -61.90 -55.76
CA LEU B 116 -23.31 -60.74 -55.81
C LEU B 116 -24.68 -61.07 -56.38
N PHE B 117 -25.72 -60.69 -55.65
CA PHE B 117 -27.10 -60.96 -56.06
C PHE B 117 -27.85 -59.66 -56.34
N PRO B 118 -28.30 -59.49 -57.59
CA PRO B 118 -29.13 -58.36 -58.02
C PRO B 118 -30.51 -58.44 -57.41
N PRO B 119 -31.27 -57.32 -57.39
CA PRO B 119 -32.62 -57.36 -56.82
C PRO B 119 -33.49 -58.37 -57.54
N SER B 120 -34.51 -58.87 -56.88
CA SER B 120 -35.38 -59.86 -57.50
C SER B 120 -36.52 -59.19 -58.23
N SER B 121 -37.35 -59.98 -58.90
CA SER B 121 -38.48 -59.43 -59.65
C SER B 121 -39.61 -59.07 -58.70
N GLU B 122 -39.74 -59.86 -57.63
CA GLU B 122 -40.79 -59.64 -56.64
C GLU B 122 -40.43 -58.41 -55.79
N GLU B 123 -39.14 -58.17 -55.64
CA GLU B 123 -38.65 -57.05 -54.86
C GLU B 123 -38.90 -55.73 -55.60
N LEU B 124 -38.75 -55.77 -56.92
CA LEU B 124 -38.95 -54.57 -57.73
C LEU B 124 -40.43 -54.17 -57.73
N GLN B 125 -41.30 -55.15 -57.46
CA GLN B 125 -42.73 -54.90 -57.37
C GLN B 125 -43.10 -54.08 -56.13
N ALA B 126 -42.24 -54.11 -55.12
CA ALA B 126 -42.45 -53.34 -53.91
C ALA B 126 -41.82 -51.95 -54.06
N ASN B 127 -41.36 -51.66 -55.27
CA ASN B 127 -40.70 -50.41 -55.61
C ASN B 127 -39.45 -50.25 -54.77
N LYS B 128 -38.73 -51.35 -54.58
CA LYS B 128 -37.49 -51.36 -53.82
C LYS B 128 -36.43 -52.14 -54.58
N ALA B 129 -35.18 -51.71 -54.46
CA ALA B 129 -34.07 -52.39 -55.09
C ALA B 129 -32.90 -52.52 -54.12
N THR B 130 -32.45 -53.74 -53.88
CA THR B 130 -31.36 -53.98 -52.96
C THR B 130 -30.40 -55.03 -53.50
N LEU B 131 -29.12 -54.69 -53.53
CA LEU B 131 -28.08 -55.62 -53.95
C LEU B 131 -27.24 -56.02 -52.76
N VAL B 132 -26.93 -57.30 -52.65
CA VAL B 132 -26.19 -57.82 -51.50
C VAL B 132 -24.90 -58.51 -51.93
N CYS B 133 -23.77 -58.00 -51.46
CA CYS B 133 -22.48 -58.66 -51.68
C CYS B 133 -22.15 -59.63 -50.55
N LEU B 134 -21.93 -60.89 -50.90
CA LEU B 134 -21.58 -61.91 -49.91
C LEU B 134 -20.10 -62.26 -49.99
N ILE B 135 -19.35 -61.83 -48.99
CA ILE B 135 -17.92 -62.10 -48.92
C ILE B 135 -17.64 -63.09 -47.80
N SER B 136 -16.82 -64.10 -48.09
CA SER B 136 -16.58 -65.18 -47.14
C SER B 136 -15.23 -65.86 -47.38
N ASP B 137 -14.82 -66.66 -46.41
CA ASP B 137 -13.59 -67.46 -46.48
C ASP B 137 -12.35 -66.60 -46.68
N PHE B 138 -12.16 -65.61 -45.81
CA PHE B 138 -10.99 -64.74 -45.88
C PHE B 138 -10.24 -64.62 -44.54
N TYR B 139 -8.95 -64.37 -44.65
CA TYR B 139 -8.09 -64.07 -43.50
C TYR B 139 -7.16 -62.91 -43.85
N PRO B 140 -7.02 -61.93 -42.94
CA PRO B 140 -7.66 -61.78 -41.63
C PRO B 140 -9.15 -61.45 -41.69
N GLY B 141 -9.76 -61.21 -40.53
CA GLY B 141 -11.19 -61.02 -40.45
C GLY B 141 -11.66 -59.58 -40.64
N ALA B 142 -10.83 -58.76 -41.29
CA ALA B 142 -11.18 -57.37 -41.53
C ALA B 142 -11.10 -57.04 -43.03
N VAL B 143 -12.23 -56.65 -43.61
CA VAL B 143 -12.30 -56.34 -45.04
C VAL B 143 -13.15 -55.09 -45.29
N THR B 144 -12.67 -54.22 -46.17
CA THR B 144 -13.43 -53.06 -46.60
C THR B 144 -14.13 -53.32 -47.93
N VAL B 145 -15.36 -52.83 -48.07
CA VAL B 145 -16.16 -53.08 -49.27
C VAL B 145 -16.54 -51.77 -49.96
N ALA B 146 -16.48 -51.77 -51.29
CA ALA B 146 -16.82 -50.57 -52.08
C ALA B 146 -17.82 -50.88 -53.19
N TRP B 147 -18.62 -49.88 -53.56
CA TRP B 147 -19.63 -50.04 -54.61
C TRP B 147 -19.41 -49.07 -55.77
N LYS B 148 -19.75 -49.53 -56.99
CA LYS B 148 -19.64 -48.69 -58.19
C LYS B 148 -20.78 -48.93 -59.16
N ALA B 149 -21.11 -47.91 -59.94
CA ALA B 149 -22.13 -48.02 -60.99
C ALA B 149 -21.51 -47.70 -62.35
N ASP B 150 -21.37 -48.72 -63.19
CA ASP B 150 -20.78 -48.60 -64.53
C ASP B 150 -19.30 -48.23 -64.44
N SER B 151 -19.03 -47.07 -63.85
CA SER B 151 -17.67 -46.59 -63.67
C SER B 151 -17.59 -45.85 -62.33
N SER B 152 -18.31 -44.74 -62.24
CA SER B 152 -18.30 -43.91 -61.04
C SER B 152 -18.80 -44.69 -59.83
N PRO B 153 -18.16 -44.46 -58.67
CA PRO B 153 -18.48 -45.13 -57.39
C PRO B 153 -19.81 -44.67 -56.80
N VAL B 154 -20.38 -45.51 -55.94
CA VAL B 154 -21.66 -45.20 -55.30
C VAL B 154 -21.47 -44.95 -53.80
N LYS B 155 -21.72 -43.73 -53.36
CA LYS B 155 -21.51 -43.33 -51.97
C LYS B 155 -22.76 -43.37 -51.11
N ALA B 156 -23.91 -43.68 -51.70
CA ALA B 156 -25.18 -43.61 -50.97
C ALA B 156 -25.88 -44.95 -50.84
N GLY B 157 -26.43 -45.22 -49.66
CA GLY B 157 -27.17 -46.44 -49.40
C GLY B 157 -26.32 -47.63 -48.99
N VAL B 158 -25.08 -47.35 -48.59
CA VAL B 158 -24.12 -48.41 -48.24
C VAL B 158 -24.20 -48.82 -46.78
N GLU B 159 -24.54 -50.09 -46.54
CA GLU B 159 -24.51 -50.65 -45.18
C GLU B 159 -23.58 -51.87 -45.08
N THR B 160 -22.47 -51.68 -44.39
CA THR B 160 -21.46 -52.71 -44.20
C THR B 160 -21.32 -53.05 -42.72
N THR B 161 -21.25 -54.34 -42.41
CA THR B 161 -21.19 -54.80 -41.02
C THR B 161 -19.90 -55.55 -40.70
N THR B 162 -19.50 -55.52 -39.43
CA THR B 162 -18.29 -56.20 -38.98
C THR B 162 -18.43 -57.70 -39.22
N PRO B 163 -17.41 -58.30 -39.86
CA PRO B 163 -17.37 -59.74 -40.15
C PRO B 163 -17.47 -60.63 -38.91
N SER B 164 -17.87 -61.88 -39.11
CA SER B 164 -18.00 -62.86 -38.04
C SER B 164 -17.44 -64.23 -38.44
N LYS B 165 -16.79 -64.91 -37.50
CA LYS B 165 -16.21 -66.22 -37.74
C LYS B 165 -17.25 -67.31 -38.04
N GLN B 166 -16.87 -68.23 -38.92
CA GLN B 166 -17.74 -69.35 -39.35
C GLN B 166 -17.34 -70.66 -38.69
N SER B 167 -18.01 -71.73 -39.10
CA SER B 167 -17.73 -73.06 -38.56
C SER B 167 -16.39 -73.60 -39.03
N ASN B 168 -15.97 -73.18 -40.22
CA ASN B 168 -14.68 -73.60 -40.77
C ASN B 168 -13.53 -72.68 -40.33
N ASN B 169 -13.87 -71.73 -39.45
CA ASN B 169 -12.93 -70.75 -38.88
C ASN B 169 -12.59 -69.62 -39.84
N LYS B 170 -13.26 -69.57 -40.98
CA LYS B 170 -13.00 -68.52 -41.96
C LYS B 170 -14.02 -67.41 -41.74
N TYR B 171 -13.59 -66.16 -41.80
CA TYR B 171 -14.51 -65.05 -41.52
C TYR B 171 -15.42 -64.77 -42.72
N ALA B 172 -16.59 -64.16 -42.45
CA ALA B 172 -17.55 -63.85 -43.49
C ALA B 172 -18.32 -62.56 -43.17
N ALA B 173 -18.62 -61.77 -44.21
CA ALA B 173 -19.35 -60.52 -44.03
C ALA B 173 -20.29 -60.22 -45.21
N SER B 174 -21.26 -59.35 -44.99
CA SER B 174 -22.22 -58.98 -46.02
C SER B 174 -22.54 -57.48 -46.01
N SER B 175 -22.45 -56.86 -47.17
CA SER B 175 -22.77 -55.43 -47.35
C SER B 175 -24.07 -55.25 -48.11
N TYR B 176 -24.94 -54.36 -47.61
CA TYR B 176 -26.25 -54.18 -48.21
C TYR B 176 -26.41 -52.81 -48.88
N LEU B 177 -26.68 -52.83 -50.18
CA LEU B 177 -26.91 -51.59 -50.93
C LEU B 177 -28.38 -51.43 -51.30
N SER B 178 -29.04 -50.44 -50.71
CA SER B 178 -30.45 -50.17 -50.98
C SER B 178 -30.64 -48.87 -51.75
N LEU B 179 -31.23 -48.96 -52.94
CA LEU B 179 -31.46 -47.79 -53.78
C LEU B 179 -32.84 -47.82 -54.41
N THR B 180 -33.11 -46.85 -55.28
CA THR B 180 -34.39 -46.78 -55.99
C THR B 180 -34.32 -47.59 -57.28
N PRO B 181 -35.45 -48.17 -57.70
CA PRO B 181 -35.53 -48.94 -58.95
C PRO B 181 -35.26 -48.10 -60.19
N GLU B 182 -35.42 -46.79 -60.07
CA GLU B 182 -35.22 -45.89 -61.20
C GLU B 182 -33.74 -45.87 -61.60
N GLN B 183 -32.87 -45.73 -60.61
CA GLN B 183 -31.44 -45.69 -60.86
C GLN B 183 -30.87 -47.09 -61.14
N TRP B 184 -31.65 -48.13 -60.84
CA TRP B 184 -31.20 -49.50 -61.08
C TRP B 184 -31.35 -49.88 -62.56
N LYS B 185 -32.48 -49.49 -63.16
CA LYS B 185 -32.74 -49.80 -64.57
C LYS B 185 -31.97 -48.86 -65.49
N SER B 186 -31.73 -47.64 -65.04
CA SER B 186 -31.00 -46.66 -65.83
C SER B 186 -29.54 -47.09 -66.02
N HIS B 187 -28.85 -47.35 -64.90
CA HIS B 187 -27.48 -47.83 -64.94
C HIS B 187 -27.47 -49.34 -65.17
N ARG B 188 -26.83 -49.76 -66.26
CA ARG B 188 -26.79 -51.17 -66.65
C ARG B 188 -26.15 -52.05 -65.59
N SER B 189 -24.83 -51.91 -65.44
CA SER B 189 -24.06 -52.79 -64.56
C SER B 189 -23.75 -52.15 -63.20
N TYR B 190 -23.76 -52.97 -62.16
CA TYR B 190 -23.39 -52.52 -60.82
C TYR B 190 -22.24 -53.36 -60.29
N SER B 191 -21.11 -52.70 -60.02
CA SER B 191 -19.92 -53.38 -59.56
C SER B 191 -19.77 -53.28 -58.05
N CYS B 192 -19.29 -54.37 -57.45
CA CYS B 192 -19.03 -54.41 -56.02
C CYS B 192 -17.58 -54.79 -55.77
N GLN B 193 -16.81 -53.84 -55.23
CA GLN B 193 -15.39 -54.05 -55.03
C GLN B 193 -15.11 -54.43 -53.58
N VAL B 194 -14.36 -55.50 -53.39
CA VAL B 194 -14.03 -56.00 -52.05
C VAL B 194 -12.52 -56.02 -51.87
N THR B 195 -12.03 -55.16 -50.99
CA THR B 195 -10.58 -54.98 -50.84
C THR B 195 -10.05 -55.80 -49.66
N HIS B 196 -9.22 -56.78 -49.98
CA HIS B 196 -8.63 -57.64 -48.96
C HIS B 196 -7.10 -57.59 -48.99
N GLU B 197 -6.52 -56.99 -47.96
CA GLU B 197 -5.07 -56.86 -47.83
C GLU B 197 -4.40 -56.28 -49.07
N GLY B 198 -4.93 -55.17 -49.57
CA GLY B 198 -4.37 -54.53 -50.75
C GLY B 198 -5.04 -55.01 -52.02
N SER B 199 -5.03 -56.32 -52.23
CA SER B 199 -5.67 -56.91 -53.40
C SER B 199 -7.19 -56.85 -53.29
N THR B 200 -7.84 -56.61 -54.42
CA THR B 200 -9.30 -56.46 -54.43
C THR B 200 -9.97 -57.54 -55.26
N VAL B 201 -11.19 -57.90 -54.88
CA VAL B 201 -11.98 -58.86 -55.64
C VAL B 201 -13.30 -58.22 -56.06
N GLU B 202 -13.59 -58.27 -57.36
CA GLU B 202 -14.74 -57.53 -57.90
C GLU B 202 -15.80 -58.44 -58.53
N LYS B 203 -17.05 -58.00 -58.42
CA LYS B 203 -18.20 -58.67 -59.04
C LYS B 203 -19.13 -57.64 -59.68
N THR B 204 -19.85 -58.04 -60.72
CA THR B 204 -20.72 -57.11 -61.44
C THR B 204 -22.00 -57.80 -61.91
N VAL B 205 -23.12 -57.08 -61.84
CA VAL B 205 -24.42 -57.60 -62.27
C VAL B 205 -25.22 -56.59 -63.10
N ALA B 206 -25.88 -57.09 -64.15
CA ALA B 206 -26.71 -56.26 -65.01
C ALA B 206 -28.00 -57.00 -65.40
N PRO B 207 -29.13 -56.27 -65.47
CA PRO B 207 -30.40 -56.88 -65.86
C PRO B 207 -30.52 -57.07 -67.37
N ARG C 1 -14.82 45.40 50.57
CA ARG C 1 -14.54 46.82 50.67
C ARG C 1 -14.62 47.48 49.30
N ALA C 2 -13.45 47.66 48.68
CA ALA C 2 -13.39 48.09 47.29
C ALA C 2 -14.19 47.12 46.44
N GLU C 3 -15.00 47.69 45.55
CA GLU C 3 -15.94 46.92 44.74
C GLU C 3 -15.23 46.24 43.55
N ASN C 4 -15.93 45.42 42.74
CA ASN C 4 -17.33 45.04 42.96
C ASN C 4 -17.58 43.54 42.98
N LEU C 5 -17.07 42.88 41.95
CA LEU C 5 -17.36 41.48 41.70
C LEU C 5 -16.81 40.53 42.75
N TRP C 6 -17.09 39.25 42.59
CA TRP C 6 -16.65 38.20 43.50
C TRP C 6 -16.39 36.95 42.66
N VAL C 7 -15.51 36.06 43.11
CA VAL C 7 -15.21 34.87 42.32
C VAL C 7 -16.38 33.91 42.38
N THR C 8 -16.62 33.19 41.28
CA THR C 8 -17.69 32.21 41.21
C THR C 8 -17.29 30.97 40.41
N VAL C 9 -17.58 29.80 40.98
CA VAL C 9 -17.23 28.53 40.35
C VAL C 9 -18.24 28.07 39.28
N TYR C 10 -17.74 27.89 38.06
CA TYR C 10 -18.53 27.35 36.96
C TYR C 10 -18.06 25.92 36.66
N TYR C 11 -19.01 25.00 36.55
CA TYR C 11 -18.67 23.61 36.30
C TYR C 11 -19.13 23.18 34.91
N GLY C 12 -18.19 22.68 34.11
CA GLY C 12 -18.48 22.27 32.76
C GLY C 12 -18.19 23.32 31.70
N VAL C 13 -17.26 24.22 31.98
CA VAL C 13 -16.85 25.21 30.99
C VAL C 13 -16.07 24.53 29.87
N PRO C 14 -16.23 25.02 28.63
CA PRO C 14 -15.55 24.45 27.47
C PRO C 14 -14.04 24.68 27.44
N VAL C 15 -13.28 23.97 28.27
CA VAL C 15 -11.84 24.09 28.27
C VAL C 15 -11.17 22.73 28.24
N TRP C 16 -10.31 22.50 27.25
CA TRP C 16 -9.60 21.23 27.15
C TRP C 16 -8.11 21.47 26.91
N LYS C 17 -7.30 20.47 27.28
CA LYS C 17 -5.86 20.52 27.09
C LYS C 17 -5.45 19.23 26.39
N ASP C 18 -4.46 19.33 25.52
CA ASP C 18 -3.96 18.16 24.79
C ASP C 18 -3.33 17.19 25.78
N ALA C 19 -3.76 15.93 25.71
CA ALA C 19 -3.26 14.92 26.63
C ALA C 19 -3.34 13.51 26.06
N GLU C 20 -2.97 12.55 26.88
CA GLU C 20 -2.94 11.14 26.49
C GLU C 20 -3.65 10.25 27.52
N THR C 21 -4.48 9.33 27.04
CA THR C 21 -5.17 8.40 27.93
C THR C 21 -5.23 7.00 27.33
N THR C 22 -5.84 6.07 28.07
CA THR C 22 -5.94 4.69 27.61
C THR C 22 -7.26 4.44 26.90
N LEU C 23 -7.20 4.17 25.61
CA LEU C 23 -8.40 3.99 24.79
C LEU C 23 -8.76 2.52 24.61
N PHE C 24 -10.07 2.26 24.62
CA PHE C 24 -10.61 0.93 24.38
C PHE C 24 -11.16 0.80 22.96
N CYS C 25 -11.65 -0.38 22.61
CA CYS C 25 -12.14 -0.63 21.26
C CYS C 25 -13.66 -0.67 21.18
N ALA C 26 -14.19 -0.73 19.95
CA ALA C 26 -15.62 -0.94 19.72
C ALA C 26 -15.89 -1.69 18.42
N SER C 27 -16.75 -2.71 18.48
CA SER C 27 -16.98 -3.60 17.32
C SER C 27 -18.26 -3.49 16.49
N ASP C 28 -19.20 -2.63 16.90
CA ASP C 28 -20.47 -2.40 16.19
C ASP C 28 -21.55 -3.43 16.51
N ALA C 29 -21.25 -4.31 17.47
CA ALA C 29 -22.25 -5.24 18.03
C ALA C 29 -22.87 -6.14 16.95
N LYS C 30 -22.32 -6.11 15.75
CA LYS C 30 -22.69 -7.05 14.69
C LYS C 30 -21.58 -8.09 14.54
N ALA C 31 -20.34 -7.60 14.54
CA ALA C 31 -19.14 -8.45 14.59
C ALA C 31 -19.24 -9.60 15.60
N TYR C 32 -20.06 -9.41 16.63
CA TYR C 32 -20.28 -10.44 17.65
C TYR C 32 -21.19 -11.55 17.12
N GLU C 33 -22.09 -11.18 16.20
CA GLU C 33 -22.97 -12.16 15.55
C GLU C 33 -22.27 -12.84 14.38
N THR C 34 -21.15 -12.27 13.95
CA THR C 34 -20.33 -12.85 12.89
C THR C 34 -19.67 -14.13 13.42
N GLU C 35 -19.53 -14.18 14.74
CA GLU C 35 -19.04 -15.34 15.49
C GLU C 35 -17.72 -15.88 14.93
N LYS C 36 -17.68 -17.17 14.64
CA LYS C 36 -16.49 -17.87 14.16
C LYS C 36 -15.41 -17.83 15.24
N HIS C 37 -15.86 -17.99 16.49
CA HIS C 37 -15.00 -18.09 17.67
C HIS C 37 -14.01 -16.93 17.80
N ASN C 38 -14.52 -15.75 18.15
CA ASN C 38 -13.66 -14.58 18.39
C ASN C 38 -12.80 -14.20 17.19
N VAL C 39 -13.46 -13.64 16.18
CA VAL C 39 -12.76 -13.15 15.00
C VAL C 39 -11.92 -11.93 15.37
N TRP C 40 -10.63 -12.01 15.07
CA TRP C 40 -9.71 -10.91 15.33
C TRP C 40 -9.76 -10.41 16.78
N ALA C 41 -10.21 -9.18 16.96
CA ALA C 41 -10.25 -8.51 18.25
C ALA C 41 -11.48 -8.91 19.04
N THR C 42 -12.64 -8.66 18.43
CA THR C 42 -13.92 -8.72 19.11
C THR C 42 -14.25 -10.04 19.81
N HIS C 43 -14.33 -9.98 21.13
CA HIS C 43 -14.79 -11.10 21.92
C HIS C 43 -15.76 -10.54 22.96
N ALA C 44 -15.21 -9.80 23.91
CA ALA C 44 -16.01 -9.03 24.86
C ALA C 44 -16.02 -7.58 24.40
N CYS C 45 -15.48 -7.35 23.20
CA CYS C 45 -15.23 -6.01 22.69
C CYS C 45 -16.52 -5.20 22.74
N VAL C 46 -16.38 -3.94 23.14
CA VAL C 46 -17.52 -3.07 23.38
C VAL C 46 -18.38 -2.81 22.15
N PRO C 47 -19.69 -3.03 22.28
CA PRO C 47 -20.66 -2.73 21.21
C PRO C 47 -20.72 -1.23 20.92
N THR C 48 -20.61 -0.85 19.65
CA THR C 48 -20.69 0.56 19.26
C THR C 48 -22.11 1.11 19.37
N ASP C 49 -22.22 2.34 19.84
CA ASP C 49 -23.50 3.04 19.91
C ASP C 49 -24.11 3.13 18.52
N PRO C 50 -25.35 2.65 18.36
CA PRO C 50 -26.08 2.68 17.08
C PRO C 50 -26.13 4.08 16.47
N ASN C 51 -26.14 5.10 17.32
CA ASN C 51 -26.14 6.49 16.85
C ASN C 51 -24.96 7.28 17.41
N PRO C 52 -23.80 7.17 16.76
CA PRO C 52 -22.64 7.95 17.20
C PRO C 52 -22.90 9.45 17.06
N GLN C 53 -22.34 10.23 17.98
CA GLN C 53 -22.57 11.66 18.00
C GLN C 53 -21.35 12.46 17.55
N GLU C 54 -21.58 13.36 16.59
CA GLU C 54 -20.54 14.25 16.09
C GLU C 54 -20.97 15.69 16.26
N ILE C 55 -20.29 16.44 17.12
CA ILE C 55 -20.66 17.82 17.38
C ILE C 55 -19.68 18.80 16.75
N HIS C 56 -20.18 19.61 15.82
CA HIS C 56 -19.37 20.59 15.12
C HIS C 56 -19.16 21.84 15.96
N LEU C 57 -17.90 22.18 16.19
CA LEU C 57 -17.58 23.35 16.99
C LEU C 57 -17.31 24.57 16.10
N GLU C 58 -18.24 25.53 16.16
CA GLU C 58 -18.20 26.72 15.34
C GLU C 58 -17.21 27.72 15.92
N ASN C 59 -16.58 28.52 15.04
CA ASN C 59 -15.74 29.62 15.49
C ASN C 59 -14.50 29.08 16.23
N VAL C 60 -14.09 27.87 15.82
CA VAL C 60 -12.93 27.19 16.41
C VAL C 60 -11.82 26.79 15.44
N THR C 61 -10.57 27.03 15.82
CA THR C 61 -9.43 26.58 15.02
C THR C 61 -8.43 25.84 15.91
N GLU C 62 -8.18 24.58 15.60
CA GLU C 62 -7.26 23.74 16.38
C GLU C 62 -6.13 23.19 15.52
N GLU C 63 -4.91 23.25 16.05
CA GLU C 63 -3.72 22.79 15.35
C GLU C 63 -3.42 21.29 15.57
N PHE C 64 -3.30 20.55 14.46
CA PHE C 64 -3.09 19.10 14.49
C PHE C 64 -1.72 18.64 14.00
N ASN C 65 -1.19 17.61 14.63
CA ASN C 65 -0.01 16.91 14.13
C ASN C 65 -0.24 15.39 14.21
N MET C 66 -0.30 14.74 13.05
CA MET C 66 -0.60 13.30 12.98
C MET C 66 0.61 12.42 13.33
N TRP C 67 1.80 12.97 13.16
CA TRP C 67 3.02 12.22 13.42
C TRP C 67 3.32 12.23 14.92
N LYS C 68 2.74 13.20 15.62
CA LYS C 68 2.88 13.29 17.07
C LYS C 68 1.66 12.66 17.75
N ASN C 69 0.75 12.12 16.94
CA ASN C 69 -0.48 11.54 17.46
C ASN C 69 -0.23 10.28 18.30
N ASN C 70 -0.83 10.24 19.48
CA ASN C 70 -0.62 9.16 20.44
C ASN C 70 -1.56 7.98 20.24
N MET C 71 -2.63 8.19 19.47
CA MET C 71 -3.59 7.13 19.20
C MET C 71 -2.98 6.04 18.33
N VAL C 72 -1.95 6.42 17.57
CA VAL C 72 -1.27 5.48 16.69
C VAL C 72 -0.48 4.45 17.50
N GLU C 73 0.26 4.93 18.49
CA GLU C 73 1.10 4.07 19.32
C GLU C 73 0.32 3.07 20.14
N GLN C 74 -0.87 3.46 20.58
CA GLN C 74 -1.69 2.53 21.35
C GLN C 74 -2.19 1.42 20.42
N MET C 75 -2.66 1.80 19.24
CA MET C 75 -3.16 0.82 18.28
C MET C 75 -2.08 -0.14 17.81
N HIS C 76 -0.87 0.35 17.62
CA HIS C 76 0.23 -0.50 17.17
C HIS C 76 0.54 -1.57 18.23
N THR C 77 0.62 -1.14 19.48
CA THR C 77 0.86 -2.06 20.58
C THR C 77 -0.35 -2.94 20.83
N ASP C 78 -1.52 -2.45 20.43
CA ASP C 78 -2.74 -3.23 20.59
C ASP C 78 -2.76 -4.43 19.66
N ILE C 79 -2.49 -4.20 18.38
CA ILE C 79 -2.49 -5.29 17.40
C ILE C 79 -1.44 -6.31 17.77
N ILE C 80 -0.29 -5.84 18.25
CA ILE C 80 0.79 -6.71 18.68
C ILE C 80 0.34 -7.50 19.91
N SER C 81 -0.21 -6.80 20.91
CA SER C 81 -0.68 -7.47 22.13
C SER C 81 -1.88 -8.37 21.81
N LEU C 82 -2.68 -7.95 20.84
CA LEU C 82 -3.83 -8.73 20.39
C LEU C 82 -3.36 -10.03 19.75
N TRP C 83 -2.24 -9.94 19.04
CA TRP C 83 -1.70 -11.06 18.28
C TRP C 83 -1.24 -12.19 19.20
N ASP C 84 -0.59 -11.81 20.29
CA ASP C 84 -0.05 -12.79 21.24
C ASP C 84 -1.14 -13.50 22.00
N GLN C 85 -2.20 -12.77 22.33
CA GLN C 85 -3.29 -13.35 23.10
C GLN C 85 -4.04 -14.38 22.26
N SER C 86 -3.92 -14.25 20.95
CA SER C 86 -4.53 -15.21 20.03
C SER C 86 -3.71 -16.49 19.91
N LEU C 87 -2.40 -16.38 20.09
CA LEU C 87 -1.51 -17.52 19.91
C LEU C 87 -1.23 -18.29 21.20
N LYS C 88 -1.62 -17.71 22.33
CA LYS C 88 -1.39 -18.35 23.62
C LYS C 88 -2.24 -19.62 23.83
N PRO C 89 -3.57 -19.54 23.61
CA PRO C 89 -4.34 -20.77 23.84
C PRO C 89 -4.13 -21.83 22.77
N CYS C 90 -3.59 -21.44 21.63
CA CYS C 90 -3.48 -22.34 20.48
C CYS C 90 -2.43 -23.44 20.67
N VAL C 91 -2.28 -24.29 19.67
CA VAL C 91 -1.36 -25.43 19.73
C VAL C 91 0.06 -25.03 19.35
N LYS C 92 1.01 -25.31 20.24
CA LYS C 92 2.42 -25.03 19.97
C LYS C 92 3.06 -26.14 19.14
N LEU C 93 3.83 -25.75 18.14
CA LEU C 93 4.38 -26.69 17.15
C LEU C 93 5.79 -27.18 17.47
N THR C 94 6.24 -26.94 18.69
CA THR C 94 7.64 -27.13 19.08
C THR C 94 8.38 -28.38 18.55
N PRO C 95 7.73 -29.57 18.56
CA PRO C 95 8.52 -30.68 18.02
C PRO C 95 8.33 -30.87 16.51
N LEU C 96 8.38 -29.79 15.74
CA LEU C 96 8.33 -29.88 14.28
C LEU C 96 9.71 -29.66 13.68
N CYS C 97 10.72 -29.54 14.54
CA CYS C 97 12.07 -29.20 14.08
C CYS C 97 12.80 -30.44 13.58
N VAL C 98 12.07 -31.55 13.50
CA VAL C 98 12.60 -32.79 12.96
C VAL C 98 13.16 -32.62 11.56
N THR C 99 14.19 -33.40 11.23
CA THR C 99 14.83 -33.36 9.91
C THR C 99 13.80 -33.55 8.80
N LEU C 100 13.95 -32.76 7.73
CA LEU C 100 13.02 -32.83 6.61
C LEU C 100 13.70 -33.35 5.34
N GLN C 101 13.26 -34.50 4.86
CA GLN C 101 13.74 -35.05 3.61
C GLN C 101 12.83 -34.61 2.46
N CYS C 102 13.32 -33.71 1.62
CA CYS C 102 12.48 -33.06 0.63
C CYS C 102 12.88 -33.36 -0.82
N THR C 103 11.92 -33.17 -1.74
CA THR C 103 12.15 -33.38 -3.15
C THR C 103 11.34 -32.40 -4.01
N ASN C 104 11.71 -32.28 -5.28
CA ASN C 104 11.08 -31.34 -6.20
C ASN C 104 9.73 -31.78 -6.76
N VAL C 105 8.73 -30.90 -6.60
CA VAL C 105 7.39 -31.16 -7.09
C VAL C 105 7.35 -31.21 -8.62
N THR C 106 6.48 -32.05 -9.17
CA THR C 106 6.34 -32.22 -10.60
C THR C 106 6.04 -30.90 -11.31
N ASP C 112 8.37 -27.34 -13.96
CA ASP C 112 7.50 -26.17 -14.12
C ASP C 112 7.73 -25.14 -13.02
N MET C 113 8.14 -23.94 -13.45
CA MET C 113 8.37 -22.80 -12.55
C MET C 113 9.39 -23.09 -11.43
N ARG C 114 10.36 -23.94 -11.74
CA ARG C 114 11.50 -24.22 -10.86
C ARG C 114 11.11 -24.65 -9.43
N GLY C 115 10.26 -25.67 -9.33
CA GLY C 115 10.05 -26.40 -8.09
C GLY C 115 9.87 -25.60 -6.82
N GLU C 116 8.89 -24.70 -6.80
CA GLU C 116 8.70 -23.79 -5.67
C GLU C 116 8.27 -24.55 -4.42
N LEU C 117 7.59 -25.69 -4.63
CA LEU C 117 7.07 -26.49 -3.53
C LEU C 117 7.94 -27.72 -3.25
N LYS C 118 8.13 -28.02 -1.96
CA LYS C 118 8.95 -29.15 -1.55
C LYS C 118 8.12 -30.24 -0.84
N ASN C 119 8.23 -31.48 -1.33
CA ASN C 119 7.55 -32.62 -0.70
C ASN C 119 8.51 -33.26 0.31
N CYS C 120 8.17 -33.13 1.59
CA CYS C 120 9.10 -33.46 2.67
C CYS C 120 8.65 -34.63 3.54
N SER C 121 9.53 -35.61 3.70
CA SER C 121 9.27 -36.75 4.59
C SER C 121 10.03 -36.62 5.91
N PHE C 122 9.38 -36.97 7.01
CA PHE C 122 9.97 -36.78 8.34
C PHE C 122 9.38 -37.70 9.41
N ASN C 123 10.11 -37.84 10.51
CA ASN C 123 9.69 -38.64 11.66
C ASN C 123 8.92 -37.77 12.67
N MET C 124 7.83 -38.29 13.23
CA MET C 124 6.98 -37.50 14.13
C MET C 124 6.46 -38.31 15.33
N THR C 125 6.23 -37.63 16.45
CA THR C 125 5.71 -38.26 17.66
C THR C 125 4.18 -38.40 17.66
N THR C 126 3.70 -39.62 17.95
CA THR C 126 2.26 -39.89 18.01
C THR C 126 1.66 -39.58 19.37
N GLU C 127 0.41 -40.02 19.56
CA GLU C 127 -0.24 -39.90 20.86
C GLU C 127 0.56 -40.65 21.91
N LEU C 128 1.03 -41.83 21.53
CA LEU C 128 1.87 -42.66 22.39
C LEU C 128 3.30 -42.15 22.34
N ARG C 129 4.04 -42.39 23.40
CA ARG C 129 5.42 -41.90 23.47
C ARG C 129 6.42 -42.97 23.03
N ASP C 130 5.90 -44.10 22.56
CA ASP C 130 6.74 -45.22 22.17
C ASP C 130 7.19 -45.12 20.72
N LYS C 131 6.27 -45.38 19.79
CA LYS C 131 6.62 -45.41 18.38
C LYS C 131 6.46 -44.04 17.73
N LYS C 132 7.39 -43.73 16.84
CA LYS C 132 7.35 -42.49 16.08
C LYS C 132 6.33 -42.61 14.96
N GLN C 133 6.27 -41.60 14.10
CA GLN C 133 5.33 -41.61 12.99
C GLN C 133 6.02 -41.12 11.73
N LYS C 134 6.01 -41.97 10.70
CA LYS C 134 6.59 -41.62 9.41
C LYS C 134 5.50 -41.01 8.54
N VAL C 135 5.56 -39.70 8.37
CA VAL C 135 4.56 -38.97 7.60
C VAL C 135 5.21 -37.88 6.77
N TYR C 136 4.54 -37.48 5.71
CA TYR C 136 5.05 -36.45 4.81
C TYR C 136 4.16 -35.23 4.84
N SER C 137 4.73 -34.07 4.54
CA SER C 137 3.95 -32.84 4.45
C SER C 137 4.40 -32.01 3.26
N LEU C 138 3.75 -30.88 3.04
CA LEU C 138 4.07 -30.02 1.92
C LEU C 138 4.33 -28.59 2.38
N PHE C 139 5.56 -28.15 2.20
CA PHE C 139 5.95 -26.81 2.61
C PHE C 139 6.45 -25.99 1.44
N TYR C 140 6.25 -24.69 1.52
CA TYR C 140 6.74 -23.77 0.52
C TYR C 140 8.24 -23.62 0.72
N ARG C 141 8.94 -23.19 -0.33
CA ARG C 141 10.38 -23.05 -0.28
C ARG C 141 10.79 -22.02 0.77
N LEU C 142 9.91 -21.06 0.99
CA LEU C 142 10.15 -19.98 1.95
C LEU C 142 10.07 -20.42 3.41
N ASP C 143 9.41 -21.55 3.69
CA ASP C 143 9.25 -22.02 5.07
C ASP C 143 10.38 -22.94 5.54
N VAL C 144 11.22 -23.39 4.62
CA VAL C 144 12.26 -24.34 4.98
C VAL C 144 13.65 -23.90 4.54
N VAL C 145 14.67 -24.44 5.20
CA VAL C 145 16.05 -24.18 4.84
C VAL C 145 16.86 -25.47 5.01
N GLN C 146 17.65 -25.80 3.99
CA GLN C 146 18.44 -27.02 4.00
C GLN C 146 19.65 -26.91 4.94
N ILE C 147 20.12 -28.05 5.42
CA ILE C 147 21.29 -28.08 6.29
C ILE C 147 22.30 -29.15 5.85
N ASN C 148 23.56 -28.75 5.77
CA ASN C 148 24.62 -29.63 5.31
C ASN C 148 25.78 -29.67 6.30
N ASN C 159 20.35 -37.63 0.20
CA ASN C 159 19.46 -36.77 -0.59
C ASN C 159 19.41 -35.36 -0.02
N LYS C 160 18.44 -34.58 -0.48
CA LYS C 160 18.29 -33.21 0.00
C LYS C 160 17.61 -33.23 1.36
N GLU C 161 18.29 -32.68 2.35
CA GLU C 161 17.75 -32.60 3.70
C GLU C 161 17.49 -31.16 4.12
N TYR C 162 16.30 -30.91 4.65
CA TYR C 162 15.88 -29.56 5.03
C TYR C 162 15.45 -29.49 6.49
N ARG C 163 15.05 -28.29 6.91
CA ARG C 163 14.56 -28.06 8.27
C ARG C 163 13.66 -26.84 8.29
N LEU C 164 12.93 -26.65 9.38
CA LEU C 164 12.11 -25.45 9.54
C LEU C 164 13.00 -24.21 9.55
N ILE C 165 12.56 -23.15 8.89
CA ILE C 165 13.35 -21.95 8.71
C ILE C 165 13.44 -21.11 9.98
N ASN C 166 12.48 -21.29 10.88
CA ASN C 166 12.38 -20.48 12.08
C ASN C 166 13.04 -21.10 13.31
N CYS C 167 13.48 -22.34 13.18
CA CYS C 167 14.00 -23.09 14.32
C CYS C 167 15.31 -22.56 14.89
N ASN C 168 16.19 -22.07 14.03
CA ASN C 168 17.47 -21.54 14.50
C ASN C 168 17.33 -20.17 15.13
N THR C 169 16.36 -19.41 14.65
CA THR C 169 16.09 -18.06 15.17
C THR C 169 15.25 -18.10 16.45
N SER C 170 14.17 -18.88 16.46
CA SER C 170 13.21 -18.83 17.56
C SER C 170 12.31 -20.07 17.65
N ALA C 171 11.29 -19.98 18.50
CA ALA C 171 10.29 -21.04 18.64
C ALA C 171 9.13 -20.81 17.68
N ILE C 172 8.16 -21.71 17.70
CA ILE C 172 7.04 -21.63 16.75
C ILE C 172 5.74 -22.19 17.34
N THR C 173 4.63 -21.55 17.01
CA THR C 173 3.31 -22.02 17.43
C THR C 173 2.28 -21.87 16.31
N GLN C 174 1.33 -22.80 16.25
CA GLN C 174 0.31 -22.82 15.20
C GLN C 174 -0.92 -22.01 15.58
N ALA C 175 -1.41 -21.20 14.65
CA ALA C 175 -2.64 -20.45 14.88
C ALA C 175 -3.85 -21.40 14.81
N CYS C 176 -4.81 -21.17 15.70
CA CYS C 176 -6.01 -21.98 15.77
C CYS C 176 -6.89 -21.79 14.54
N PRO C 177 -7.40 -22.90 13.98
CA PRO C 177 -8.26 -22.83 12.79
C PRO C 177 -9.61 -22.19 13.08
N LYS C 178 -10.00 -22.18 14.34
CA LYS C 178 -11.28 -21.62 14.76
C LYS C 178 -11.35 -20.10 14.56
N VAL C 179 -10.35 -19.39 15.05
CA VAL C 179 -10.29 -17.93 14.91
C VAL C 179 -9.91 -17.52 13.49
N SER C 180 -10.30 -16.30 13.10
CA SER C 180 -9.92 -15.79 11.78
C SER C 180 -9.21 -14.44 11.88
N PHE C 181 -8.39 -14.14 10.88
CA PHE C 181 -7.61 -12.90 10.85
C PHE C 181 -8.39 -11.80 10.15
N GLU C 182 -9.64 -12.10 9.80
CA GLU C 182 -10.47 -11.16 9.07
C GLU C 182 -10.62 -9.83 9.81
N PRO C 183 -10.11 -8.76 9.21
CA PRO C 183 -10.19 -7.41 9.78
C PRO C 183 -11.65 -6.98 9.90
N ILE C 184 -12.02 -6.50 11.08
CA ILE C 184 -13.37 -6.01 11.30
C ILE C 184 -13.29 -4.58 11.80
N PRO C 185 -14.27 -3.74 11.41
CA PRO C 185 -14.25 -2.32 11.81
C PRO C 185 -14.15 -2.15 13.32
N ILE C 186 -13.21 -1.32 13.76
CA ILE C 186 -12.98 -1.09 15.18
C ILE C 186 -13.00 0.40 15.51
N HIS C 187 -13.96 0.81 16.33
CA HIS C 187 -14.09 2.20 16.74
C HIS C 187 -13.36 2.48 18.04
N TYR C 188 -12.40 3.40 18.01
CA TYR C 188 -11.72 3.84 19.23
C TYR C 188 -12.49 4.95 19.93
N CYS C 189 -12.73 4.75 21.22
CA CYS C 189 -13.45 5.75 21.99
C CYS C 189 -12.63 6.19 23.22
N ALA C 190 -13.03 7.31 23.80
CA ALA C 190 -12.32 7.87 24.95
C ALA C 190 -13.20 7.81 26.20
N PRO C 191 -12.60 7.61 27.37
CA PRO C 191 -13.36 7.51 28.61
C PRO C 191 -13.98 8.85 29.03
N ALA C 192 -14.72 8.84 30.12
CA ALA C 192 -15.38 10.05 30.62
C ALA C 192 -14.34 11.10 31.01
N GLY C 193 -14.61 12.35 30.67
CA GLY C 193 -13.71 13.43 31.00
C GLY C 193 -12.74 13.74 29.87
N PHE C 194 -12.76 12.90 28.83
CA PHE C 194 -11.92 13.11 27.66
C PHE C 194 -12.75 13.35 26.41
N ALA C 195 -12.08 13.66 25.30
CA ALA C 195 -12.75 13.91 24.04
C ALA C 195 -11.82 13.64 22.86
N ILE C 196 -12.41 13.33 21.71
CA ILE C 196 -11.64 13.05 20.51
C ILE C 196 -12.01 14.06 19.44
N LEU C 197 -11.01 14.76 18.91
CA LEU C 197 -11.28 15.78 17.91
C LEU C 197 -11.20 15.21 16.50
N LYS C 198 -12.10 15.67 15.64
CA LYS C 198 -12.16 15.19 14.25
C LYS C 198 -12.06 16.35 13.27
N CYS C 199 -11.16 16.22 12.29
CA CYS C 199 -10.96 17.26 11.29
C CYS C 199 -11.82 17.02 10.05
N LYS C 200 -12.74 17.94 9.78
CA LYS C 200 -13.77 17.74 8.77
C LYS C 200 -13.40 18.35 7.41
N ASP C 201 -12.22 18.97 7.31
CA ASP C 201 -11.82 19.53 6.02
C ASP C 201 -11.60 18.44 4.97
N LYS C 202 -11.85 18.78 3.71
CA LYS C 202 -11.73 17.80 2.64
C LYS C 202 -10.25 17.55 2.35
N LYS C 203 -9.46 18.62 2.37
CA LYS C 203 -8.01 18.53 2.12
C LYS C 203 -7.21 18.81 3.38
N PHE C 204 -6.61 17.78 3.96
CA PHE C 204 -5.79 17.92 5.15
C PHE C 204 -4.58 17.00 5.08
N ASN C 205 -3.38 17.56 5.25
CA ASN C 205 -2.15 16.79 5.18
C ASN C 205 -1.66 16.29 6.54
N GLY C 206 -2.37 16.63 7.60
CA GLY C 206 -2.03 16.13 8.93
C GLY C 206 -1.25 17.10 9.78
N THR C 207 -0.88 18.25 9.22
CA THR C 207 -0.11 19.25 9.95
C THR C 207 -0.66 20.65 9.67
N GLY C 208 -0.63 21.51 10.68
CA GLY C 208 -1.13 22.87 10.55
C GLY C 208 -2.49 23.04 11.20
N PRO C 209 -3.05 24.26 11.13
CA PRO C 209 -4.36 24.57 11.73
C PRO C 209 -5.54 23.96 10.97
N CYS C 210 -6.60 23.60 11.69
CA CYS C 210 -7.80 23.04 11.07
C CYS C 210 -9.00 23.97 11.29
N PRO C 211 -9.52 24.54 10.20
CA PRO C 211 -10.63 25.51 10.21
C PRO C 211 -11.93 24.96 10.81
N SER C 212 -12.34 23.77 10.37
CA SER C 212 -13.60 23.18 10.84
C SER C 212 -13.33 21.92 11.66
N VAL C 213 -13.61 22.01 12.96
CA VAL C 213 -13.35 20.89 13.86
C VAL C 213 -14.62 20.41 14.58
N SER C 214 -14.83 19.10 14.57
CA SER C 214 -15.95 18.50 15.29
C SER C 214 -15.44 17.46 16.28
N THR C 215 -16.24 17.19 17.31
CA THR C 215 -15.85 16.22 18.34
C THR C 215 -16.70 14.95 18.31
N VAL C 216 -16.06 13.82 18.58
CA VAL C 216 -16.77 12.54 18.65
C VAL C 216 -16.32 11.68 19.82
N GLN C 217 -17.26 10.89 20.32
CA GLN C 217 -16.98 9.95 21.41
C GLN C 217 -16.18 8.80 20.82
N CYS C 218 -16.53 8.42 19.61
CA CYS C 218 -15.88 7.31 18.91
C CYS C 218 -15.37 7.69 17.53
N THR C 219 -14.18 7.22 17.18
CA THR C 219 -13.65 7.39 15.83
C THR C 219 -14.47 6.54 14.87
N HIS C 220 -14.34 6.80 13.57
CA HIS C 220 -15.11 6.07 12.57
C HIS C 220 -14.68 4.60 12.50
N GLY C 221 -15.34 3.83 11.63
CA GLY C 221 -15.03 2.42 11.48
C GLY C 221 -13.64 2.23 10.91
N ILE C 222 -12.77 1.58 11.68
CA ILE C 222 -11.40 1.37 11.24
C ILE C 222 -11.03 -0.10 11.19
N LYS C 223 -10.80 -0.60 9.98
CA LYS C 223 -10.40 -1.99 9.78
C LYS C 223 -8.89 -2.13 9.87
N PRO C 224 -8.43 -2.84 10.91
CA PRO C 224 -6.99 -3.07 11.14
C PRO C 224 -6.39 -4.01 10.10
N VAL C 225 -6.27 -3.51 8.87
CA VAL C 225 -5.69 -4.30 7.80
C VAL C 225 -4.20 -4.07 7.74
N VAL C 226 -3.45 -5.13 8.04
CA VAL C 226 -2.00 -5.03 8.04
C VAL C 226 -1.47 -5.36 6.66
N SER C 227 -0.85 -4.38 6.02
CA SER C 227 -0.33 -4.55 4.68
C SER C 227 0.89 -3.67 4.43
N THR C 228 1.67 -4.04 3.41
CA THR C 228 2.86 -3.29 3.05
C THR C 228 2.80 -2.87 1.59
N GLN C 229 3.29 -1.66 1.31
CA GLN C 229 3.38 -1.10 -0.04
C GLN C 229 2.02 -0.80 -0.66
N LEU C 230 0.95 -1.16 0.04
CA LEU C 230 -0.41 -0.94 -0.42
C LEU C 230 -1.37 -0.85 0.75
N LEU C 231 -2.05 0.29 0.90
CA LEU C 231 -3.08 0.41 1.92
C LEU C 231 -4.34 -0.24 1.40
N LEU C 232 -4.79 -1.28 2.09
CA LEU C 232 -5.93 -2.06 1.63
C LEU C 232 -7.13 -1.80 2.53
N ASN C 233 -8.31 -1.72 1.90
CA ASN C 233 -9.56 -1.52 2.62
C ASN C 233 -9.54 -0.30 3.54
N GLY C 234 -9.03 0.81 3.02
CA GLY C 234 -8.93 2.01 3.83
C GLY C 234 -9.98 3.05 3.48
N SER C 235 -9.79 4.27 3.96
CA SER C 235 -10.73 5.34 3.72
C SER C 235 -10.28 6.22 2.56
N LEU C 236 -11.22 6.56 1.69
CA LEU C 236 -10.93 7.37 0.51
C LEU C 236 -10.80 8.83 0.88
N ALA C 237 -10.04 9.58 0.07
CA ALA C 237 -9.89 11.01 0.29
C ALA C 237 -11.05 11.75 -0.35
N GLU C 238 -11.06 13.06 -0.20
CA GLU C 238 -12.10 13.89 -0.81
C GLU C 238 -11.48 14.75 -1.90
N GLU C 239 -12.18 14.85 -3.03
CA GLU C 239 -11.70 15.62 -4.17
C GLU C 239 -10.32 15.15 -4.62
N GLU C 240 -9.32 16.04 -4.53
CA GLU C 240 -7.96 15.72 -4.93
C GLU C 240 -7.33 14.65 -4.04
N VAL C 241 -6.40 13.88 -4.60
CA VAL C 241 -5.69 12.88 -3.83
C VAL C 241 -4.70 13.58 -2.89
N MET C 242 -4.41 12.95 -1.76
CA MET C 242 -3.63 13.59 -0.72
C MET C 242 -2.19 13.09 -0.68
N ILE C 243 -1.26 13.99 -0.34
CA ILE C 243 0.15 13.64 -0.16
C ILE C 243 0.63 14.00 1.24
N ARG C 244 1.08 13.00 2.00
CA ARG C 244 1.49 13.22 3.38
C ARG C 244 2.89 12.70 3.71
N SER C 245 3.68 13.54 4.36
CA SER C 245 5.01 13.16 4.81
C SER C 245 5.38 13.91 6.08
N GLU C 246 6.10 13.23 6.96
CA GLU C 246 6.54 13.81 8.23
C GLU C 246 7.52 14.93 7.93
N ASN C 247 8.58 14.58 7.21
CA ASN C 247 9.52 15.57 6.70
C ASN C 247 9.73 15.31 5.21
N ILE C 248 9.25 16.22 4.37
CA ILE C 248 9.14 15.96 2.94
C ILE C 248 10.48 16.03 2.23
N THR C 249 11.21 17.12 2.45
CA THR C 249 12.49 17.32 1.79
C THR C 249 13.49 16.27 2.27
N ASN C 250 13.22 15.69 3.44
CA ASN C 250 14.04 14.61 3.96
C ASN C 250 13.70 13.29 3.28
N ASN C 251 14.71 12.66 2.68
CA ASN C 251 14.50 11.43 1.94
C ASN C 251 14.46 10.20 2.84
N ALA C 252 14.71 10.42 4.13
CA ALA C 252 14.72 9.34 5.11
C ALA C 252 13.33 9.04 5.65
N LYS C 253 12.40 9.95 5.40
CA LYS C 253 11.03 9.80 5.90
C LYS C 253 10.11 9.31 4.79
N ASN C 254 9.27 8.33 5.11
CA ASN C 254 8.33 7.79 4.14
C ASN C 254 7.24 8.78 3.75
N ILE C 255 6.69 8.59 2.56
CA ILE C 255 5.63 9.46 2.06
C ILE C 255 4.32 8.70 1.90
N LEU C 256 3.34 9.04 2.74
CA LEU C 256 2.04 8.40 2.74
C LEU C 256 1.07 9.03 1.73
N VAL C 257 0.46 8.19 0.90
CA VAL C 257 -0.46 8.66 -0.14
C VAL C 257 -1.88 8.18 0.09
N GLN C 258 -2.86 9.07 -0.14
CA GLN C 258 -4.27 8.72 0.00
C GLN C 258 -4.98 8.87 -1.35
N PHE C 259 -5.59 7.78 -1.80
CA PHE C 259 -6.25 7.73 -3.10
C PHE C 259 -7.62 8.38 -3.12
N ASN C 260 -8.06 8.80 -4.31
CA ASN C 260 -9.40 9.32 -4.49
C ASN C 260 -10.36 8.17 -4.78
N THR C 261 -10.14 7.52 -5.93
CA THR C 261 -10.90 6.34 -6.31
C THR C 261 -10.19 5.05 -5.90
N PRO C 262 -10.94 4.09 -5.33
CA PRO C 262 -10.38 2.81 -4.89
C PRO C 262 -9.91 1.96 -6.06
N VAL C 263 -8.79 1.27 -5.90
CA VAL C 263 -8.26 0.41 -6.96
C VAL C 263 -8.57 -1.07 -6.74
N GLN C 264 -9.28 -1.66 -7.69
CA GLN C 264 -9.64 -3.08 -7.61
C GLN C 264 -8.40 -3.95 -7.72
N ILE C 265 -8.20 -4.82 -6.73
CA ILE C 265 -7.08 -5.75 -6.75
C ILE C 265 -7.55 -7.17 -6.44
N ASN C 266 -7.04 -8.13 -7.20
CA ASN C 266 -7.39 -9.53 -6.98
C ASN C 266 -6.19 -10.36 -6.63
N CYS C 267 -6.27 -11.06 -5.51
CA CYS C 267 -5.21 -11.95 -5.11
C CYS C 267 -5.82 -13.30 -4.80
N THR C 268 -5.37 -14.34 -5.50
CA THR C 268 -5.95 -15.64 -5.30
C THR C 268 -4.87 -16.67 -5.04
N ARG C 269 -5.30 -17.83 -4.59
CA ARG C 269 -4.38 -18.92 -4.32
C ARG C 269 -4.72 -20.04 -5.29
N PRO C 270 -4.20 -19.97 -6.53
CA PRO C 270 -4.57 -20.94 -7.57
C PRO C 270 -3.99 -22.32 -7.28
N ASN C 271 -4.17 -22.75 -6.04
CA ASN C 271 -3.88 -24.10 -5.60
C ASN C 271 -5.03 -24.57 -4.74
N ASN C 272 -5.74 -25.58 -5.21
CA ASN C 272 -6.88 -26.13 -4.51
C ASN C 272 -6.37 -27.22 -3.58
N ASN C 273 -6.41 -26.96 -2.27
CA ASN C 273 -5.68 -27.78 -1.33
C ASN C 273 -6.57 -28.63 -0.43
N THR C 274 -5.93 -29.45 0.40
CA THR C 274 -6.61 -30.32 1.36
C THR C 274 -5.88 -30.33 2.70
N ARG C 275 -6.62 -30.61 3.77
CA ARG C 275 -6.03 -30.63 5.11
C ARG C 275 -5.85 -32.06 5.62
N LYS C 276 -4.63 -32.39 6.04
CA LYS C 276 -4.34 -33.72 6.56
C LYS C 276 -4.94 -33.94 7.94
N SER C 277 -4.85 -32.90 8.76
CA SER C 277 -5.32 -32.94 10.15
C SER C 277 -4.70 -34.13 10.89
N ILE C 278 -3.38 -34.24 10.83
CA ILE C 278 -2.66 -35.34 11.48
C ILE C 278 -2.80 -35.23 13.00
N ARG C 279 -2.72 -36.38 13.68
CA ARG C 279 -2.94 -36.39 15.11
C ARG C 279 -1.63 -36.52 15.89
N ILE C 280 -1.26 -35.42 16.54
CA ILE C 280 -0.10 -35.40 17.44
C ILE C 280 -0.62 -35.25 18.86
N GLY C 281 -1.30 -36.28 19.36
CA GLY C 281 -1.98 -36.21 20.64
C GLY C 281 -1.07 -36.28 21.86
N PRO C 282 -1.66 -36.50 23.04
CA PRO C 282 -3.11 -36.61 23.25
C PRO C 282 -3.86 -35.29 23.20
N GLY C 283 -4.95 -35.23 22.44
CA GLY C 283 -5.80 -34.06 22.39
C GLY C 283 -5.45 -33.02 21.35
N GLN C 284 -4.19 -33.01 20.92
CA GLN C 284 -3.75 -32.02 19.93
C GLN C 284 -3.77 -32.60 18.52
N ALA C 285 -4.13 -31.76 17.55
CA ALA C 285 -4.15 -32.15 16.16
C ALA C 285 -3.57 -31.06 15.27
N PHE C 286 -2.54 -31.40 14.51
CA PHE C 286 -1.92 -30.44 13.60
C PHE C 286 -2.52 -30.56 12.20
N TYR C 287 -2.65 -29.43 11.52
CA TYR C 287 -3.19 -29.41 10.16
C TYR C 287 -2.06 -29.29 9.16
N ALA C 288 -1.72 -30.41 8.53
CA ALA C 288 -0.67 -30.45 7.52
C ALA C 288 -1.23 -30.08 6.16
N THR C 289 -0.34 -29.62 5.27
CA THR C 289 -0.74 -29.33 3.89
C THR C 289 -0.60 -30.56 3.02
N GLY C 290 -1.72 -31.06 2.53
CA GLY C 290 -1.71 -32.23 1.66
C GLY C 290 -1.30 -31.88 0.24
N ASP C 291 -1.60 -32.79 -0.68
CA ASP C 291 -1.29 -32.58 -2.10
C ASP C 291 -2.17 -31.52 -2.74
N ILE C 292 -1.63 -30.88 -3.78
CA ILE C 292 -2.34 -29.82 -4.50
C ILE C 292 -3.10 -30.40 -5.68
N ILE C 293 -4.42 -30.20 -5.69
CA ILE C 293 -5.26 -30.68 -6.79
C ILE C 293 -5.85 -29.51 -7.55
N GLY C 294 -5.36 -29.25 -8.75
CA GLY C 294 -5.86 -28.11 -9.49
C GLY C 294 -4.85 -27.51 -10.45
N ASP C 295 -5.00 -26.23 -10.72
CA ASP C 295 -4.03 -25.51 -11.54
C ASP C 295 -2.65 -25.64 -10.93
N ILE C 296 -1.65 -25.95 -11.73
CA ILE C 296 -0.28 -25.90 -11.26
C ILE C 296 0.20 -24.50 -11.59
N ARG C 297 0.29 -23.67 -10.56
CA ARG C 297 0.50 -22.24 -10.73
C ARG C 297 1.14 -21.66 -9.49
N GLN C 298 1.72 -20.49 -9.63
CA GLN C 298 2.17 -19.73 -8.48
C GLN C 298 1.11 -18.67 -8.20
N ALA C 299 0.95 -18.32 -6.92
CA ALA C 299 -0.02 -17.32 -6.52
C ALA C 299 0.18 -16.03 -7.31
N HIS C 300 -0.92 -15.36 -7.65
CA HIS C 300 -0.83 -14.17 -8.49
C HIS C 300 -1.80 -13.07 -8.06
N CYS C 301 -1.42 -11.83 -8.33
CA CYS C 301 -2.21 -10.65 -7.96
C CYS C 301 -2.56 -9.81 -9.19
N ASN C 302 -3.85 -9.55 -9.38
CA ASN C 302 -4.30 -8.79 -10.54
C ASN C 302 -4.62 -7.31 -10.28
N VAL C 303 -4.14 -6.43 -11.16
CA VAL C 303 -4.47 -5.01 -11.14
C VAL C 303 -4.80 -4.50 -12.55
N SER C 304 -5.95 -3.85 -12.71
CA SER C 304 -6.41 -3.40 -14.03
C SER C 304 -5.56 -2.24 -14.54
N LYS C 305 -5.04 -2.40 -15.76
CA LYS C 305 -4.10 -1.43 -16.33
C LYS C 305 -4.67 -0.02 -16.45
N ALA C 306 -5.95 0.08 -16.75
CA ALA C 306 -6.58 1.38 -16.94
C ALA C 306 -6.73 2.12 -15.61
N THR C 307 -7.13 1.39 -14.57
CA THR C 307 -7.42 1.99 -13.26
C THR C 307 -6.16 2.41 -12.50
N TRP C 308 -5.10 1.62 -12.58
CA TRP C 308 -3.84 1.98 -11.95
C TRP C 308 -3.17 3.18 -12.60
N ASN C 309 -3.18 3.21 -13.93
CA ASN C 309 -2.64 4.33 -14.69
C ASN C 309 -3.34 5.65 -14.36
N GLU C 310 -4.67 5.70 -14.42
CA GLU C 310 -5.40 6.94 -14.13
C GLU C 310 -5.04 7.55 -12.78
N THR C 311 -4.95 6.72 -11.76
CA THR C 311 -4.57 7.17 -10.44
C THR C 311 -3.15 7.73 -10.46
N LEU C 312 -2.25 7.01 -11.13
CA LEU C 312 -0.86 7.42 -11.23
C LEU C 312 -0.73 8.80 -11.84
N GLY C 313 -1.51 9.05 -12.89
CA GLY C 313 -1.50 10.33 -13.58
C GLY C 313 -1.99 11.46 -12.70
N LYS C 314 -2.94 11.16 -11.82
CA LYS C 314 -3.49 12.17 -10.92
C LYS C 314 -2.53 12.38 -9.75
N VAL C 315 -1.88 11.29 -9.33
CA VAL C 315 -0.94 11.34 -8.21
C VAL C 315 0.36 12.04 -8.59
N VAL C 316 0.87 11.74 -9.79
CA VAL C 316 2.15 12.30 -10.24
C VAL C 316 2.09 13.83 -10.39
N LYS C 317 0.87 14.36 -10.54
CA LYS C 317 0.67 15.80 -10.63
C LYS C 317 0.71 16.49 -9.27
N GLN C 318 0.37 15.74 -8.22
CA GLN C 318 0.34 16.27 -6.87
C GLN C 318 1.75 16.43 -6.29
N LEU C 319 2.66 15.58 -6.74
CA LEU C 319 4.05 15.65 -6.29
C LEU C 319 4.72 16.90 -6.83
N ARG C 320 4.15 17.45 -7.89
CA ARG C 320 4.70 18.62 -8.54
C ARG C 320 4.20 19.91 -7.89
N LYS C 321 3.37 19.78 -6.86
CA LYS C 321 3.00 20.93 -6.04
C LYS C 321 4.10 21.19 -5.02
N HIS C 322 5.07 20.27 -4.99
CA HIS C 322 6.22 20.38 -4.09
C HIS C 322 7.52 20.36 -4.89
N PHE C 323 7.69 19.31 -5.69
CA PHE C 323 8.94 19.11 -6.42
C PHE C 323 9.07 20.01 -7.64
N GLY C 324 8.10 20.90 -7.85
CA GLY C 324 8.18 21.88 -8.93
C GLY C 324 7.28 21.54 -10.09
N ASN C 325 6.83 22.55 -10.81
CA ASN C 325 5.95 22.38 -11.98
C ASN C 325 6.43 21.32 -12.95
N ASN C 326 7.69 21.44 -13.38
CA ASN C 326 8.23 20.55 -14.38
C ASN C 326 9.46 19.82 -13.85
N THR C 327 9.41 18.50 -13.95
CA THR C 327 10.49 17.62 -13.51
C THR C 327 10.15 16.19 -13.89
N ILE C 328 11.16 15.33 -13.92
CA ILE C 328 10.92 13.94 -14.28
C ILE C 328 10.78 13.06 -13.06
N ILE C 329 9.66 12.37 -12.95
CA ILE C 329 9.42 11.48 -11.83
C ILE C 329 9.36 10.05 -12.33
N ARG C 330 10.32 9.24 -11.90
CA ARG C 330 10.41 7.86 -12.34
C ARG C 330 10.04 6.96 -11.18
N PHE C 331 9.31 5.89 -11.48
CA PHE C 331 8.95 4.91 -10.46
C PHE C 331 9.78 3.64 -10.64
N ALA C 332 10.09 2.97 -9.53
CA ALA C 332 10.85 1.71 -9.59
C ALA C 332 10.51 0.81 -8.41
N ASN C 333 10.75 -0.49 -8.56
CA ASN C 333 10.44 -1.44 -7.50
C ASN C 333 11.37 -1.30 -6.29
N SER C 334 11.17 -2.15 -5.29
CA SER C 334 11.90 -2.06 -4.03
C SER C 334 13.41 -2.15 -4.19
N SER C 335 14.14 -1.38 -3.39
CA SER C 335 15.59 -1.38 -3.44
C SER C 335 16.16 -2.71 -2.94
N GLY C 336 15.81 -3.06 -1.71
CA GLY C 336 16.26 -4.31 -1.13
C GLY C 336 16.07 -4.34 0.38
N GLY C 337 16.12 -5.55 0.95
CA GLY C 337 15.93 -5.70 2.38
C GLY C 337 15.23 -7.00 2.74
N ASP C 338 14.57 -7.00 3.89
CA ASP C 338 13.75 -8.12 4.33
C ASP C 338 12.58 -8.32 3.36
N LEU C 339 12.03 -9.53 3.34
CA LEU C 339 10.92 -9.86 2.44
C LEU C 339 9.68 -9.00 2.70
N GLU C 340 9.47 -8.62 3.96
CA GLU C 340 8.33 -7.80 4.35
C GLU C 340 8.44 -6.42 3.71
N VAL C 341 9.68 -5.97 3.54
CA VAL C 341 9.95 -4.66 2.96
C VAL C 341 9.91 -4.68 1.42
N THR C 342 10.49 -5.73 0.84
CA THR C 342 10.67 -5.79 -0.61
C THR C 342 9.42 -6.22 -1.39
N THR C 343 8.44 -6.78 -0.69
CA THR C 343 7.23 -7.27 -1.36
C THR C 343 5.96 -6.73 -0.70
N HIS C 344 4.82 -6.94 -1.34
CA HIS C 344 3.53 -6.55 -0.79
C HIS C 344 2.99 -7.67 0.11
N SER C 345 2.96 -7.40 1.42
CA SER C 345 2.62 -8.43 2.40
C SER C 345 1.23 -8.20 2.99
N PHE C 346 0.41 -9.25 2.99
CA PHE C 346 -0.93 -9.16 3.57
C PHE C 346 -1.50 -10.55 3.83
N ASN C 347 -2.75 -10.59 4.27
CA ASN C 347 -3.42 -11.86 4.58
C ASN C 347 -4.74 -11.97 3.82
N CYS C 348 -4.92 -13.06 3.08
CA CYS C 348 -6.18 -13.30 2.38
C CYS C 348 -6.66 -14.73 2.60
N GLY C 349 -7.82 -14.86 3.24
CA GLY C 349 -8.41 -16.16 3.52
C GLY C 349 -7.66 -16.94 4.58
N GLY C 350 -6.79 -16.26 5.32
CA GLY C 350 -5.98 -16.90 6.35
C GLY C 350 -4.54 -17.13 5.92
N GLU C 351 -4.31 -17.22 4.61
CA GLU C 351 -2.96 -17.38 4.08
C GLU C 351 -2.25 -16.04 3.94
N PHE C 352 -0.92 -16.06 3.99
CA PHE C 352 -0.12 -14.84 3.88
C PHE C 352 0.60 -14.75 2.55
N PHE C 353 0.16 -13.80 1.73
CA PHE C 353 0.75 -13.59 0.41
C PHE C 353 1.90 -12.56 0.43
N TYR C 354 2.91 -12.82 -0.39
CA TYR C 354 3.97 -11.85 -0.63
C TYR C 354 4.07 -11.62 -2.13
N CYS C 355 3.66 -10.44 -2.59
CA CYS C 355 3.51 -10.19 -4.02
C CYS C 355 4.64 -9.35 -4.58
N ASN C 356 4.97 -9.63 -5.84
CA ASN C 356 6.00 -8.90 -6.56
C ASN C 356 5.36 -7.72 -7.28
N THR C 357 5.62 -6.51 -6.77
CA THR C 357 4.95 -5.31 -7.27
C THR C 357 5.76 -4.63 -8.34
N SER C 358 6.87 -5.27 -8.72
CA SER C 358 7.83 -4.73 -9.68
C SER C 358 7.22 -4.36 -11.04
N GLY C 359 6.14 -5.05 -11.41
CA GLY C 359 5.50 -4.82 -12.70
C GLY C 359 4.71 -3.53 -12.76
N LEU C 360 4.15 -3.14 -11.63
CA LEU C 360 3.36 -1.93 -11.54
C LEU C 360 4.23 -0.68 -11.49
N PHE C 361 5.39 -0.80 -10.85
CA PHE C 361 6.22 0.35 -10.58
C PHE C 361 7.24 0.58 -11.69
N ASN C 362 7.06 -0.10 -12.82
CA ASN C 362 7.92 0.13 -13.98
C ASN C 362 7.23 1.11 -14.93
N SER C 363 7.66 2.38 -14.84
CA SER C 363 7.13 3.47 -15.64
C SER C 363 8.08 4.67 -15.57
N THR C 364 7.94 5.59 -16.51
CA THR C 364 8.66 6.87 -16.47
C THR C 364 7.74 7.99 -16.93
N TRP C 365 7.60 9.03 -16.12
CA TRP C 365 6.64 10.09 -16.44
C TRP C 365 7.19 11.43 -16.97
N ILE C 366 6.41 12.04 -17.86
CA ILE C 366 6.70 13.36 -18.41
C ILE C 366 5.98 14.36 -17.51
N SER C 367 5.84 15.61 -17.93
CA SER C 367 5.22 16.65 -17.13
C SER C 367 3.75 16.36 -16.78
N ASN C 368 2.95 15.96 -17.77
CA ASN C 368 1.57 15.56 -17.52
C ASN C 368 1.22 14.13 -17.96
N THR C 369 2.15 13.44 -18.61
CA THR C 369 1.83 12.16 -19.22
C THR C 369 2.98 11.15 -19.09
N SER C 370 2.69 9.90 -19.44
CA SER C 370 3.70 8.84 -19.45
C SER C 370 3.89 8.24 -20.83
N VAL C 371 5.15 7.98 -21.18
CA VAL C 371 5.48 7.35 -22.46
C VAL C 371 5.48 5.84 -22.34
N ASN C 380 -3.68 -2.65 -23.36
CA ASN C 380 -4.01 -4.03 -23.00
C ASN C 380 -5.09 -4.06 -21.92
N ASP C 381 -5.65 -5.23 -21.65
CA ASP C 381 -6.81 -5.29 -20.76
C ASP C 381 -6.55 -5.78 -19.33
N SER C 382 -5.33 -6.24 -19.04
CA SER C 382 -5.04 -6.74 -17.68
C SER C 382 -3.56 -6.79 -17.33
N ILE C 383 -3.28 -6.97 -16.03
CA ILE C 383 -1.92 -7.07 -15.50
C ILE C 383 -1.89 -8.15 -14.40
N THR C 384 -0.71 -8.69 -14.12
CA THR C 384 -0.56 -9.72 -13.10
C THR C 384 0.68 -9.52 -12.24
N LEU C 385 0.67 -10.07 -11.03
CA LEU C 385 1.80 -9.98 -10.10
C LEU C 385 2.07 -11.30 -9.41
N PRO C 386 3.26 -11.89 -9.65
CA PRO C 386 3.65 -13.17 -9.02
C PRO C 386 3.70 -13.07 -7.50
N CYS C 387 3.04 -13.99 -6.82
CA CYS C 387 3.00 -13.96 -5.36
C CYS C 387 3.59 -15.25 -4.76
N ARG C 388 4.29 -15.09 -3.64
CA ARG C 388 4.88 -16.22 -2.93
C ARG C 388 4.14 -16.44 -1.62
N ILE C 389 4.06 -17.69 -1.18
CA ILE C 389 3.30 -18.01 0.03
C ILE C 389 4.23 -18.49 1.15
N LYS C 390 4.07 -17.91 2.33
CA LYS C 390 4.87 -18.32 3.48
C LYS C 390 3.96 -18.51 4.70
N GLN C 391 3.95 -19.73 5.22
CA GLN C 391 3.10 -20.08 6.35
C GLN C 391 3.73 -19.66 7.68
N ILE C 392 5.04 -19.81 7.80
CA ILE C 392 5.74 -19.46 9.02
C ILE C 392 6.27 -18.02 8.96
N ILE C 393 5.75 -17.15 9.81
CA ILE C 393 6.09 -15.73 9.74
C ILE C 393 6.48 -15.11 11.08
N ASN C 394 7.47 -14.21 11.04
CA ASN C 394 7.69 -13.25 12.12
C ASN C 394 7.54 -11.82 11.65
N MET C 395 6.36 -11.23 11.83
CA MET C 395 6.18 -9.81 11.55
C MET C 395 6.50 -8.96 12.78
N TRP C 396 6.76 -7.68 12.54
CA TRP C 396 7.06 -6.69 13.59
C TRP C 396 8.38 -7.02 14.26
N GLN C 397 9.25 -7.71 13.52
CA GLN C 397 10.58 -8.11 13.98
C GLN C 397 10.50 -8.84 15.32
N ARG C 398 9.59 -9.80 15.41
CA ARG C 398 9.40 -10.52 16.66
C ARG C 398 10.30 -11.75 16.72
N ILE C 399 11.04 -11.87 17.82
CA ILE C 399 11.89 -13.02 18.05
C ILE C 399 11.41 -13.76 19.29
N GLY C 400 11.35 -15.08 19.19
CA GLY C 400 10.88 -15.92 20.27
C GLY C 400 9.51 -16.48 19.95
N GLN C 401 8.81 -15.84 19.02
CA GLN C 401 7.51 -16.32 18.60
C GLN C 401 7.29 -16.29 17.09
N ALA C 402 7.09 -17.47 16.51
CA ALA C 402 6.81 -17.60 15.08
C ALA C 402 5.45 -18.26 14.89
N MET C 403 4.62 -17.69 14.03
CA MET C 403 3.27 -18.20 13.83
C MET C 403 3.14 -19.00 12.54
N TYR C 404 2.54 -20.18 12.65
CA TYR C 404 2.30 -21.03 11.49
C TYR C 404 0.87 -20.85 11.00
N ALA C 405 0.74 -20.31 9.79
CA ALA C 405 -0.58 -20.13 9.17
C ALA C 405 -1.13 -21.46 8.68
N PRO C 406 -2.24 -21.91 9.28
CA PRO C 406 -2.83 -23.19 8.90
C PRO C 406 -3.36 -23.20 7.46
N PRO C 407 -3.22 -24.34 6.76
CA PRO C 407 -3.66 -24.55 5.38
C PRO C 407 -5.17 -24.38 5.21
N ILE C 408 -5.60 -23.93 4.03
CA ILE C 408 -7.02 -23.70 3.77
C ILE C 408 -7.56 -24.60 2.67
N GLN C 409 -8.68 -25.26 2.96
CA GLN C 409 -9.34 -26.13 1.99
C GLN C 409 -9.86 -25.33 0.80
N GLY C 410 -9.59 -25.81 -0.41
CA GLY C 410 -10.08 -25.17 -1.61
C GLY C 410 -9.25 -23.97 -2.07
N VAL C 411 -9.71 -23.32 -3.14
CA VAL C 411 -9.02 -22.16 -3.68
C VAL C 411 -9.49 -20.87 -3.01
N ILE C 412 -8.55 -20.05 -2.58
CA ILE C 412 -8.87 -18.77 -1.94
C ILE C 412 -8.91 -17.64 -2.96
N ARG C 413 -10.00 -16.89 -2.98
CA ARG C 413 -10.13 -15.72 -3.83
C ARG C 413 -10.56 -14.51 -3.00
N CYS C 414 -9.90 -13.37 -3.19
CA CYS C 414 -10.25 -12.17 -2.43
C CYS C 414 -10.13 -10.88 -3.23
N VAL C 415 -11.04 -9.96 -2.96
CA VAL C 415 -11.06 -8.66 -3.61
C VAL C 415 -11.03 -7.53 -2.59
N SER C 416 -10.02 -6.66 -2.69
CA SER C 416 -9.88 -5.56 -1.75
C SER C 416 -9.71 -4.24 -2.48
N ASN C 417 -9.87 -3.14 -1.77
CA ASN C 417 -9.59 -1.82 -2.33
C ASN C 417 -8.16 -1.42 -2.02
N ILE C 418 -7.45 -0.88 -3.01
CA ILE C 418 -6.15 -0.30 -2.74
C ILE C 418 -6.38 1.18 -2.51
N THR C 419 -6.25 1.61 -1.24
CA THR C 419 -6.58 2.97 -0.85
C THR C 419 -5.36 3.89 -0.63
N GLY C 420 -4.15 3.34 -0.73
CA GLY C 420 -2.96 4.13 -0.52
C GLY C 420 -1.65 3.38 -0.51
N LEU C 421 -0.54 4.13 -0.45
CA LEU C 421 0.80 3.56 -0.55
C LEU C 421 1.75 4.01 0.54
N ILE C 422 2.84 3.29 0.68
CA ILE C 422 3.97 3.72 1.50
C ILE C 422 5.17 3.93 0.59
N LEU C 423 5.64 5.18 0.47
CA LEU C 423 6.67 5.52 -0.51
C LEU C 423 7.95 6.13 0.07
N THR C 424 9.07 5.90 -0.61
CA THR C 424 10.35 6.49 -0.22
C THR C 424 11.03 7.20 -1.39
N ARG C 425 11.77 8.25 -1.07
CA ARG C 425 12.49 9.02 -2.10
C ARG C 425 13.98 8.70 -2.02
N ASP C 426 14.64 8.64 -3.17
CA ASP C 426 16.06 8.31 -3.18
C ASP C 426 16.89 9.44 -2.59
N GLY C 427 18.05 9.10 -2.06
CA GLY C 427 18.93 10.06 -1.43
C GLY C 427 19.96 10.63 -2.40
N GLY C 428 20.18 9.90 -3.49
CA GLY C 428 21.12 10.32 -4.50
C GLY C 428 20.64 11.59 -5.18
N SER C 429 21.47 12.62 -5.10
CA SER C 429 21.10 13.92 -5.65
C SER C 429 22.33 14.72 -6.08
N THR C 430 22.31 15.44 -7.21
CA THR C 430 21.28 15.50 -8.29
C THR C 430 19.86 15.72 -7.80
N ASN C 431 19.69 16.74 -6.95
CA ASN C 431 18.39 17.08 -6.40
C ASN C 431 17.64 17.94 -7.40
N SER C 432 18.40 18.74 -8.13
CA SER C 432 17.84 19.69 -9.07
C SER C 432 17.59 19.07 -10.44
N THR C 433 17.86 17.77 -10.57
CA THR C 433 17.71 17.12 -11.87
C THR C 433 16.39 16.35 -11.96
N THR C 434 16.33 15.19 -11.32
CA THR C 434 15.13 14.36 -11.32
C THR C 434 15.00 13.57 -10.02
N GLU C 435 13.79 13.10 -9.73
CA GLU C 435 13.55 12.34 -8.50
C GLU C 435 12.82 11.03 -8.78
N THR C 436 13.21 9.99 -8.05
CA THR C 436 12.64 8.65 -8.20
C THR C 436 12.00 8.18 -6.89
N PHE C 437 10.81 7.57 -6.99
CA PHE C 437 10.11 7.07 -5.82
C PHE C 437 9.90 5.55 -5.84
N ARG C 438 10.06 4.94 -4.67
CA ARG C 438 9.95 3.50 -4.51
C ARG C 438 9.06 3.12 -3.33
N PRO C 439 8.41 1.95 -3.40
CA PRO C 439 7.51 1.50 -2.33
C PRO C 439 8.22 1.33 -1.00
N GLY C 440 7.63 1.84 0.08
CA GLY C 440 8.20 1.75 1.40
C GLY C 440 7.74 0.49 2.11
N GLY C 441 7.83 0.50 3.44
CA GLY C 441 7.53 -0.67 4.23
C GLY C 441 7.95 -0.46 5.67
N GLY C 442 8.29 -1.54 6.35
CA GLY C 442 8.72 -1.46 7.73
C GLY C 442 7.58 -1.12 8.66
N ASP C 443 7.68 0.05 9.29
CA ASP C 443 6.76 0.49 10.33
C ASP C 443 5.28 0.35 9.94
N MET C 444 4.49 -0.28 10.81
CA MET C 444 3.06 -0.46 10.57
C MET C 444 2.27 0.70 11.16
N ARG C 445 2.95 1.58 11.89
CA ARG C 445 2.31 2.75 12.48
C ARG C 445 1.82 3.68 11.37
N ASP C 446 2.56 3.73 10.27
CA ASP C 446 2.17 4.55 9.13
C ASP C 446 0.82 4.09 8.60
N ASN C 447 0.58 2.78 8.63
CA ASN C 447 -0.70 2.23 8.22
C ASN C 447 -1.82 2.71 9.11
N TRP C 448 -1.54 2.83 10.40
CA TRP C 448 -2.53 3.32 11.33
C TRP C 448 -2.60 4.85 11.28
N ARG C 449 -1.48 5.49 10.92
CA ARG C 449 -1.47 6.94 10.75
C ARG C 449 -2.30 7.35 9.55
N SER C 450 -2.57 6.40 8.67
CA SER C 450 -3.37 6.65 7.47
C SER C 450 -4.83 6.92 7.81
N GLU C 451 -5.32 6.20 8.82
CA GLU C 451 -6.69 6.36 9.26
C GLU C 451 -6.85 7.32 10.43
N LEU C 452 -5.75 7.58 11.14
CA LEU C 452 -5.80 8.34 12.40
C LEU C 452 -5.36 9.81 12.27
N TYR C 453 -5.07 10.24 11.04
CA TYR C 453 -4.53 11.59 10.80
C TYR C 453 -5.49 12.71 11.23
N LYS C 454 -6.79 12.43 11.22
CA LYS C 454 -7.79 13.45 11.51
C LYS C 454 -8.24 13.45 12.97
N TYR C 455 -7.63 12.60 13.80
CA TYR C 455 -8.02 12.50 15.20
C TYR C 455 -6.87 12.77 16.17
N LYS C 456 -7.22 13.35 17.32
CA LYS C 456 -6.27 13.50 18.42
C LYS C 456 -7.02 13.54 19.76
N VAL C 457 -6.30 13.19 20.82
CA VAL C 457 -6.90 13.06 22.15
C VAL C 457 -6.62 14.26 23.06
N VAL C 458 -7.69 14.79 23.65
CA VAL C 458 -7.58 15.87 24.63
C VAL C 458 -8.39 15.56 25.87
N LYS C 459 -7.96 16.06 27.02
CA LYS C 459 -8.71 15.85 28.25
C LYS C 459 -9.49 17.13 28.55
N ILE C 460 -10.72 16.99 29.01
CA ILE C 460 -11.58 18.14 29.26
C ILE C 460 -11.35 18.65 30.66
N GLU C 461 -11.19 19.96 30.77
CA GLU C 461 -11.06 20.60 32.07
C GLU C 461 -12.32 21.41 32.31
N PRO C 462 -13.29 20.82 33.02
CA PRO C 462 -14.62 21.37 33.27
C PRO C 462 -14.63 22.51 34.26
N LEU C 463 -13.74 22.45 35.25
CA LEU C 463 -13.74 23.42 36.33
C LEU C 463 -13.23 24.78 35.85
N GLY C 464 -13.94 25.84 36.21
CA GLY C 464 -13.55 27.19 35.82
C GLY C 464 -14.04 28.24 36.79
N VAL C 465 -13.37 29.39 36.81
CA VAL C 465 -13.70 30.48 37.71
C VAL C 465 -13.95 31.81 36.96
N ALA C 466 -15.02 32.51 37.34
CA ALA C 466 -15.35 33.79 36.73
C ALA C 466 -15.92 34.78 37.75
N PRO C 467 -15.57 36.07 37.60
CA PRO C 467 -16.04 37.15 38.47
C PRO C 467 -17.47 37.60 38.18
N THR C 468 -18.30 37.63 39.21
CA THR C 468 -19.70 38.05 39.12
C THR C 468 -20.15 38.60 40.48
N ARG C 469 -21.21 39.39 40.45
CA ARG C 469 -21.73 40.10 41.62
C ARG C 469 -22.48 39.35 42.73
N CYS C 470 -22.94 38.13 42.47
CA CYS C 470 -23.81 37.44 43.43
C CYS C 470 -23.33 37.29 44.90
N LYS C 471 -22.03 37.17 45.13
CA LYS C 471 -21.46 37.00 46.47
C LYS C 471 -22.20 35.85 47.19
N ARG C 472 -22.56 36.00 48.45
CA ARG C 472 -23.35 35.01 49.19
C ARG C 472 -23.96 35.68 50.43
N ARG C 473 -25.03 35.09 50.99
CA ARG C 473 -25.58 35.62 52.24
C ARG C 473 -24.88 35.00 53.44
N PHE D 11 -23.17 20.16 23.95
CA PHE D 11 -21.93 19.44 24.21
C PHE D 11 -20.77 20.20 23.58
N LEU D 12 -20.14 21.07 24.38
CA LEU D 12 -18.98 21.88 23.97
C LEU D 12 -19.28 22.92 22.88
N GLY D 13 -20.52 22.97 22.43
CA GLY D 13 -20.92 23.83 21.32
C GLY D 13 -20.56 25.31 21.41
N ALA D 14 -20.42 25.82 22.62
CA ALA D 14 -20.12 27.24 22.81
C ALA D 14 -18.64 27.52 23.02
N ALA D 15 -17.80 26.48 22.90
CA ALA D 15 -16.37 26.62 23.12
C ALA D 15 -15.77 27.70 22.22
N GLY D 16 -16.34 27.84 21.03
CA GLY D 16 -15.93 28.89 20.12
C GLY D 16 -16.67 30.18 20.39
N SER D 17 -17.83 30.08 21.03
CA SER D 17 -18.64 31.26 21.29
C SER D 17 -18.13 32.01 22.51
N THR D 18 -18.75 33.15 22.80
CA THR D 18 -18.34 33.96 23.94
C THR D 18 -18.80 33.32 25.24
N MET D 19 -18.19 33.72 26.35
CA MET D 19 -18.52 33.18 27.67
C MET D 19 -19.98 33.48 28.03
N GLY D 20 -20.48 34.61 27.54
CA GLY D 20 -21.84 35.03 27.83
C GLY D 20 -22.88 34.10 27.22
N ALA D 21 -22.60 33.61 26.01
CA ALA D 21 -23.49 32.69 25.33
C ALA D 21 -23.29 31.27 25.83
N ALA D 22 -22.12 31.02 26.40
CA ALA D 22 -21.72 29.69 26.84
C ALA D 22 -22.37 29.25 28.15
N SER D 23 -23.08 30.17 28.80
CA SER D 23 -23.72 29.86 30.07
C SER D 23 -25.08 29.16 29.91
N MET D 24 -25.61 29.20 28.69
CA MET D 24 -26.92 28.61 28.42
C MET D 24 -26.86 27.09 28.25
N THR D 25 -25.80 26.62 27.60
CA THR D 25 -25.62 25.20 27.29
C THR D 25 -24.77 24.46 28.34
N LEU D 26 -24.48 25.15 29.44
CA LEU D 26 -23.61 24.64 30.51
C LEU D 26 -24.00 23.25 31.03
N THR D 27 -25.30 22.97 31.07
CA THR D 27 -25.82 21.71 31.62
C THR D 27 -25.44 20.46 30.81
N VAL D 28 -25.40 20.60 29.49
CA VAL D 28 -25.09 19.48 28.60
C VAL D 28 -23.66 18.95 28.82
N GLN D 29 -22.76 19.83 29.27
CA GLN D 29 -21.36 19.47 29.49
C GLN D 29 -21.13 18.56 30.70
N ALA D 30 -22.03 18.61 31.68
CA ALA D 30 -21.92 17.84 32.90
C ALA D 30 -21.75 16.33 32.62
N ARG D 31 -22.62 15.80 31.77
CA ARG D 31 -22.57 14.39 31.39
C ARG D 31 -22.71 14.25 29.88
N ASN D 32 -22.10 13.21 29.33
CA ASN D 32 -22.14 12.92 27.89
C ASN D 32 -23.52 13.13 27.25
N LEU D 54 -19.55 -10.78 29.32
CA LEU D 54 -19.03 -11.83 30.18
C LEU D 54 -18.11 -11.22 31.24
N LEU D 55 -17.24 -10.32 30.80
CA LEU D 55 -16.28 -9.62 31.65
C LEU D 55 -15.37 -10.60 32.40
N LYS D 56 -15.19 -11.80 31.84
CA LYS D 56 -14.32 -12.80 32.44
C LYS D 56 -12.97 -12.88 31.73
N LEU D 57 -12.77 -12.05 30.71
CA LEU D 57 -11.54 -12.11 29.93
C LEU D 57 -10.27 -11.88 30.73
N THR D 58 -9.24 -12.63 30.36
CA THR D 58 -7.95 -12.52 31.01
C THR D 58 -7.32 -11.22 30.53
N VAL D 59 -7.41 -10.96 29.22
CA VAL D 59 -6.83 -9.76 28.63
C VAL D 59 -7.92 -8.96 27.88
N TRP D 60 -7.66 -7.66 27.72
CA TRP D 60 -8.55 -6.65 27.12
C TRP D 60 -9.62 -6.27 28.16
N GLY D 61 -9.64 -7.03 29.24
CA GLY D 61 -10.61 -6.81 30.31
C GLY D 61 -10.01 -5.74 31.18
N ILE D 62 -8.68 -5.71 31.21
CA ILE D 62 -7.94 -4.69 31.93
C ILE D 62 -7.85 -3.40 31.11
N LYS D 63 -8.07 -3.53 29.80
CA LYS D 63 -8.03 -2.37 28.90
C LYS D 63 -9.33 -1.56 28.91
N GLN D 64 -10.43 -2.27 29.11
CA GLN D 64 -11.75 -1.66 29.22
C GLN D 64 -12.10 -1.34 30.66
N LEU D 65 -11.14 -1.59 31.56
CA LEU D 65 -11.32 -1.38 32.99
C LEU D 65 -10.51 -0.17 33.46
N GLN D 66 -9.21 -0.25 33.25
CA GLN D 66 -8.26 0.79 33.63
C GLN D 66 -8.67 2.19 33.15
N ALA D 67 -9.37 2.24 32.02
CA ALA D 67 -9.82 3.51 31.46
C ALA D 67 -10.97 4.13 32.25
N ARG D 68 -11.95 3.30 32.60
CA ARG D 68 -13.14 3.75 33.32
C ARG D 68 -12.94 3.89 34.83
N VAL D 69 -11.90 3.25 35.37
CA VAL D 69 -11.60 3.38 36.79
C VAL D 69 -10.91 4.71 37.12
N LEU D 70 -9.98 5.12 36.26
CA LEU D 70 -9.35 6.42 36.45
C LEU D 70 -10.38 7.51 36.15
N ALA D 71 -11.39 7.15 35.37
CA ALA D 71 -12.46 8.09 35.03
C ALA D 71 -13.27 8.45 36.26
N VAL D 72 -13.61 7.45 37.07
CA VAL D 72 -14.38 7.69 38.29
C VAL D 72 -13.46 8.28 39.35
N GLU D 73 -12.16 8.05 39.22
CA GLU D 73 -11.19 8.67 40.12
C GLU D 73 -11.01 10.15 39.79
N ARG D 74 -11.03 10.46 38.50
CA ARG D 74 -10.92 11.83 38.02
C ARG D 74 -12.22 12.58 38.31
N TYR D 75 -13.33 11.83 38.30
CA TYR D 75 -14.65 12.40 38.56
C TYR D 75 -14.76 12.86 40.01
N LEU D 76 -14.43 11.97 40.94
CA LEU D 76 -14.51 12.29 42.36
C LEU D 76 -13.46 13.32 42.75
N ARG D 77 -12.39 13.41 41.97
CA ARG D 77 -11.33 14.39 42.23
C ARG D 77 -11.90 15.80 42.08
N ASP D 78 -12.70 16.03 41.05
CA ASP D 78 -13.35 17.34 40.86
C ASP D 78 -14.44 17.60 41.91
N GLN D 79 -15.20 16.57 42.27
CA GLN D 79 -16.34 16.72 43.17
C GLN D 79 -15.93 17.02 44.61
N GLN D 80 -14.79 16.49 45.03
CA GLN D 80 -14.31 16.74 46.38
C GLN D 80 -13.96 18.22 46.54
N LEU D 81 -13.41 18.79 45.48
CA LEU D 81 -13.06 20.21 45.44
C LEU D 81 -14.32 21.06 45.51
N LEU D 82 -15.38 20.58 44.88
CA LEU D 82 -16.64 21.30 44.83
C LEU D 82 -17.31 21.37 46.21
N GLY D 83 -17.13 20.32 46.99
CA GLY D 83 -17.70 20.28 48.33
C GLY D 83 -16.92 21.11 49.34
N ILE D 84 -15.60 20.98 49.31
CA ILE D 84 -14.75 21.67 50.26
C ILE D 84 -14.72 23.17 50.01
N TRP D 85 -15.15 23.58 48.82
CA TRP D 85 -15.25 25.00 48.51
C TRP D 85 -16.63 25.48 48.93
N GLY D 86 -16.98 26.70 48.54
CA GLY D 86 -18.23 27.29 48.99
C GLY D 86 -19.38 26.89 48.09
N CYS D 87 -19.25 25.77 47.41
CA CYS D 87 -20.27 25.31 46.47
C CYS D 87 -21.21 24.28 47.09
N SER D 88 -20.67 23.10 47.38
CA SER D 88 -21.45 22.00 47.96
C SER D 88 -22.57 21.54 47.03
N GLY D 89 -22.52 22.01 45.79
CA GLY D 89 -23.53 21.70 44.80
C GLY D 89 -22.91 21.88 43.42
N LYS D 90 -23.56 21.35 42.40
CA LYS D 90 -22.98 21.37 41.07
C LYS D 90 -23.41 22.59 40.26
N LEU D 91 -23.08 22.57 38.97
CA LEU D 91 -23.31 23.69 38.06
C LEU D 91 -22.66 24.98 38.57
N ILE D 92 -23.48 26.00 38.84
CA ILE D 92 -22.93 27.28 39.32
C ILE D 92 -23.16 27.46 40.82
N CYS D 93 -22.16 28.05 41.48
CA CYS D 93 -22.28 28.43 42.88
C CYS D 93 -21.35 29.59 43.16
N CYS D 94 -21.72 30.43 44.13
CA CYS D 94 -20.95 31.63 44.42
C CYS D 94 -20.17 31.52 45.74
N THR D 95 -19.39 32.56 46.04
CA THR D 95 -18.49 32.57 47.18
C THR D 95 -18.28 33.99 47.71
N ASN D 96 -17.68 34.10 48.89
CA ASN D 96 -17.43 35.40 49.49
C ASN D 96 -16.04 35.94 49.14
N VAL D 97 -15.33 35.24 48.26
CA VAL D 97 -14.01 35.68 47.86
C VAL D 97 -14.09 36.85 46.88
N PRO D 98 -13.55 38.00 47.29
CA PRO D 98 -13.51 39.22 46.47
C PRO D 98 -12.57 39.08 45.29
N TRP D 99 -12.96 39.59 44.14
CA TRP D 99 -12.10 39.49 42.97
C TRP D 99 -10.98 40.54 43.00
N ASN D 100 -9.75 40.06 43.02
CA ASN D 100 -8.60 40.95 43.05
C ASN D 100 -8.40 41.65 41.71
N SER D 101 -8.04 42.94 41.76
CA SER D 101 -7.79 43.72 40.55
C SER D 101 -6.58 43.18 39.81
N SER D 102 -5.57 42.76 40.57
CA SER D 102 -4.32 42.24 39.99
C SER D 102 -4.58 40.99 39.15
N TRP D 103 -5.71 40.33 39.40
CA TRP D 103 -6.08 39.15 38.64
C TRP D 103 -6.96 39.58 37.46
N SER D 104 -6.42 39.50 36.26
CA SER D 104 -7.09 39.91 35.02
C SER D 104 -7.90 41.19 35.19
N ASN D 105 -7.22 42.31 35.40
CA ASN D 105 -7.91 43.59 35.50
C ASN D 105 -8.63 43.88 34.20
N ARG D 106 -9.95 44.03 34.24
CA ARG D 106 -10.75 44.01 33.03
C ARG D 106 -12.04 44.81 33.12
N ASN D 107 -12.76 44.83 32.01
CA ASN D 107 -14.07 45.43 31.93
C ASN D 107 -15.00 44.24 31.99
N LEU D 108 -16.15 44.37 32.64
CA LEU D 108 -17.02 43.23 32.80
C LEU D 108 -17.56 42.76 31.44
N SER D 109 -17.87 43.71 30.56
CA SER D 109 -18.37 43.38 29.23
C SER D 109 -17.22 42.90 28.34
N GLU D 110 -15.99 43.11 28.81
CA GLU D 110 -14.81 42.69 28.08
C GLU D 110 -14.52 41.22 28.40
N ILE D 111 -15.24 40.71 29.39
CA ILE D 111 -15.05 39.33 29.84
C ILE D 111 -16.10 38.41 29.26
N TRP D 112 -17.36 38.63 29.64
CA TRP D 112 -18.45 37.79 29.19
C TRP D 112 -18.87 38.02 27.73
N ASP D 113 -18.99 39.29 27.34
CA ASP D 113 -19.49 39.63 26.02
C ASP D 113 -18.45 39.58 24.90
N ASN D 114 -17.22 39.98 25.21
CA ASN D 114 -16.17 40.11 24.20
C ASN D 114 -15.12 38.99 24.19
N MET D 115 -15.19 38.07 25.14
CA MET D 115 -14.13 37.08 25.32
C MET D 115 -14.64 35.64 25.48
N THR D 116 -13.77 34.68 25.16
CA THR D 116 -14.11 33.25 25.24
C THR D 116 -13.31 32.46 26.28
N TRP D 117 -13.89 31.36 26.76
CA TRP D 117 -13.32 30.57 27.87
C TRP D 117 -11.89 30.04 27.69
N LEU D 118 -11.59 29.50 26.52
CA LEU D 118 -10.24 29.00 26.26
C LEU D 118 -9.26 30.15 26.33
N GLN D 119 -9.70 31.28 25.80
CA GLN D 119 -8.93 32.51 25.81
C GLN D 119 -8.88 33.10 27.23
N TRP D 120 -9.89 32.81 28.03
CA TRP D 120 -9.98 33.31 29.40
C TRP D 120 -9.09 32.55 30.36
N ASP D 121 -9.16 31.22 30.32
CA ASP D 121 -8.36 30.37 31.22
C ASP D 121 -6.86 30.57 30.97
N LYS D 122 -6.54 31.12 29.81
CA LYS D 122 -5.17 31.37 29.40
C LYS D 122 -4.44 32.38 30.28
N GLU D 123 -5.11 33.47 30.61
CA GLU D 123 -4.50 34.53 31.41
C GLU D 123 -4.51 34.19 32.90
N ILE D 124 -5.60 33.58 33.36
CA ILE D 124 -5.76 33.28 34.77
C ILE D 124 -4.83 32.14 35.20
N SER D 125 -4.17 31.53 34.21
CA SER D 125 -3.31 30.37 34.42
C SER D 125 -2.32 30.55 35.57
N ASN D 126 -1.88 31.78 35.76
CA ASN D 126 -0.95 32.11 36.85
C ASN D 126 -1.60 32.25 38.22
N TYR D 127 -2.83 32.75 38.24
CA TYR D 127 -3.51 33.04 39.50
C TYR D 127 -4.48 31.93 39.91
N THR D 128 -4.58 30.89 39.07
CA THR D 128 -5.51 29.79 39.30
C THR D 128 -5.26 29.09 40.63
N GLN D 129 -3.99 28.80 40.92
CA GLN D 129 -3.65 28.11 42.16
C GLN D 129 -3.85 29.02 43.36
N ILE D 130 -3.73 30.32 43.14
CA ILE D 130 -3.93 31.30 44.21
C ILE D 130 -5.41 31.37 44.58
N ILE D 131 -6.27 31.43 43.58
CA ILE D 131 -7.72 31.50 43.79
C ILE D 131 -8.24 30.27 44.51
N TYR D 132 -7.70 29.11 44.16
CA TYR D 132 -8.12 27.84 44.78
C TYR D 132 -7.93 27.87 46.28
N GLY D 133 -6.84 28.49 46.72
CA GLY D 133 -6.54 28.59 48.13
C GLY D 133 -7.54 29.44 48.89
N LEU D 134 -8.03 30.50 48.24
CA LEU D 134 -8.96 31.43 48.87
C LEU D 134 -10.33 30.79 49.11
N LEU D 135 -10.68 29.77 48.33
CA LEU D 135 -11.98 29.13 48.44
C LEU D 135 -12.04 28.16 49.62
N GLU D 136 -11.01 27.30 49.72
CA GLU D 136 -10.98 26.29 50.76
C GLU D 136 -10.49 26.85 52.09
N GLU D 137 -9.48 27.72 52.05
CA GLU D 137 -8.92 28.29 53.28
C GLU D 137 -9.73 29.48 53.78
N SER D 138 -9.79 30.54 52.98
CA SER D 138 -10.41 31.79 53.40
C SER D 138 -11.92 31.63 53.60
N GLN D 139 -12.53 30.66 52.94
CA GLN D 139 -13.97 30.46 53.10
C GLN D 139 -14.31 29.27 53.99
N ASN D 140 -14.38 28.07 53.41
CA ASN D 140 -15.05 26.97 54.11
C ASN D 140 -14.33 26.55 55.38
N GLN D 141 -13.07 26.94 55.52
CA GLN D 141 -12.38 26.81 56.79
C GLN D 141 -12.76 27.92 57.75
N GLN D 142 -12.75 29.16 57.25
CA GLN D 142 -13.04 30.31 58.10
C GLN D 142 -14.54 30.64 58.12
N GLU D 143 -15.30 30.14 57.14
CA GLU D 143 -16.73 30.40 57.07
C GLU D 143 -17.55 29.48 57.96
N LYS D 144 -17.25 28.19 57.94
CA LYS D 144 -18.01 27.23 58.73
C LYS D 144 -17.80 27.49 60.21
N ASN D 145 -16.58 27.85 60.57
CA ASN D 145 -16.26 28.24 61.94
C ASN D 145 -16.97 29.54 62.28
N GLU D 146 -17.05 30.44 61.30
CA GLU D 146 -17.76 31.70 61.48
C GLU D 146 -19.23 31.38 61.67
N GLN D 147 -19.71 30.40 60.91
CA GLN D 147 -21.09 29.96 60.98
C GLN D 147 -21.43 29.31 62.32
N ASP D 148 -20.51 28.51 62.82
CA ASP D 148 -20.69 27.83 64.09
C ASP D 148 -20.84 28.85 65.23
N LEU D 149 -20.11 29.95 65.12
CA LEU D 149 -20.15 31.02 66.12
C LEU D 149 -21.41 31.88 65.98
N LEU D 150 -21.96 31.90 64.76
CA LEU D 150 -23.18 32.65 64.50
C LEU D 150 -24.40 31.77 64.75
N ALA D 151 -24.16 30.47 64.86
CA ALA D 151 -25.24 29.53 65.11
C ALA D 151 -25.44 29.31 66.61
N LEU D 152 -24.53 29.85 67.42
CA LEU D 152 -24.63 29.64 68.87
C LEU D 152 -25.68 30.57 69.45
N ASP D 153 -25.74 31.79 68.93
CA ASP D 153 -26.70 32.78 69.40
C ASP D 153 -27.96 32.79 68.54
N GLN E 1 18.71 21.38 14.13
CA GLN E 1 17.59 22.03 14.80
C GLN E 1 17.07 23.20 13.97
N ILE E 2 16.44 24.17 14.63
CA ILE E 2 15.88 25.33 13.94
C ILE E 2 16.95 26.33 13.49
N HIS E 3 16.96 26.62 12.19
CA HIS E 3 17.88 27.59 11.60
C HIS E 3 17.21 28.52 10.59
N LEU E 4 17.31 29.83 10.84
CA LEU E 4 16.72 30.82 9.93
C LEU E 4 17.79 31.56 9.15
N VAL E 5 17.87 31.28 7.84
CA VAL E 5 18.86 31.90 6.97
C VAL E 5 18.21 32.91 6.02
N GLN E 6 18.57 34.17 6.20
CA GLN E 6 17.99 35.26 5.41
C GLN E 6 18.84 35.61 4.18
N SER E 7 18.37 36.57 3.39
CA SER E 7 19.06 36.95 2.16
C SER E 7 20.29 37.79 2.46
N GLY E 8 21.01 38.19 1.42
CA GLY E 8 22.20 38.99 1.60
C GLY E 8 21.86 40.44 1.85
N THR E 9 22.89 41.26 2.07
CA THR E 9 22.69 42.68 2.32
C THR E 9 22.13 43.41 1.10
N GLU E 10 21.01 44.11 1.30
CA GLU E 10 20.37 44.87 0.22
C GLU E 10 20.55 46.37 0.41
N VAL E 11 21.19 47.01 -0.56
CA VAL E 11 21.32 48.47 -0.58
C VAL E 11 20.49 49.03 -1.73
N LYS E 12 19.40 49.72 -1.41
CA LYS E 12 18.50 50.22 -2.44
C LYS E 12 18.19 51.70 -2.22
N LYS E 13 17.88 52.38 -3.32
CA LYS E 13 17.63 53.82 -3.30
C LYS E 13 16.16 54.12 -3.02
N PRO E 14 15.88 55.30 -2.43
CA PRO E 14 14.51 55.73 -2.10
C PRO E 14 13.55 55.66 -3.29
N GLY E 15 12.32 55.26 -3.02
CA GLY E 15 11.30 55.17 -4.06
C GLY E 15 11.23 53.78 -4.68
N SER E 16 12.29 53.00 -4.52
CA SER E 16 12.34 51.66 -5.07
C SER E 16 11.68 50.62 -4.17
N SER E 17 11.67 49.38 -4.62
CA SER E 17 11.07 48.27 -3.87
C SER E 17 12.11 47.21 -3.53
N VAL E 18 12.11 46.76 -2.29
CA VAL E 18 13.08 45.76 -1.84
C VAL E 18 12.37 44.49 -1.38
N THR E 19 12.95 43.34 -1.72
CA THR E 19 12.40 42.07 -1.29
C THR E 19 13.46 41.19 -0.62
N VAL E 20 13.22 40.84 0.63
CA VAL E 20 14.10 39.93 1.35
C VAL E 20 13.43 38.58 1.59
N SER E 21 14.23 37.52 1.61
CA SER E 21 13.69 36.18 1.78
C SER E 21 14.27 35.51 3.01
N CYS E 22 13.46 34.71 3.67
CA CYS E 22 13.90 33.96 4.84
C CYS E 22 13.71 32.47 4.60
N LYS E 23 14.81 31.74 4.48
CA LYS E 23 14.75 30.30 4.34
C LYS E 23 14.77 29.67 5.73
N ALA E 24 13.70 28.97 6.09
CA ALA E 24 13.57 28.42 7.43
C ALA E 24 13.92 26.93 7.46
N TYR E 25 15.10 26.63 8.01
CA TYR E 25 15.61 25.26 8.10
C TYR E 25 15.26 24.60 9.43
N GLY E 26 14.74 23.37 9.36
CA GLY E 26 14.38 22.64 10.56
C GLY E 26 12.91 22.74 10.90
N VAL E 27 12.20 23.61 10.21
CA VAL E 27 10.77 23.80 10.44
C VAL E 27 9.93 22.87 9.56
N ASN E 28 9.11 22.05 10.20
CA ASN E 28 8.26 21.11 9.47
C ASN E 28 7.19 21.80 8.61
N THR E 29 6.67 22.93 9.10
CA THR E 29 5.66 23.70 8.37
C THR E 29 5.33 25.02 9.07
N PHE E 30 4.71 25.94 8.33
CA PHE E 30 4.32 27.22 8.90
C PHE E 30 2.92 27.12 9.50
N GLY E 31 2.34 25.93 9.45
CA GLY E 31 1.07 25.67 10.08
C GLY E 31 1.20 25.58 11.58
N LEU E 32 2.29 24.96 12.03
CA LEU E 32 2.55 24.81 13.45
C LEU E 32 3.51 25.89 13.93
N TYR E 33 3.96 26.74 13.00
CA TYR E 33 4.92 27.78 13.34
C TYR E 33 4.53 29.14 12.74
N ALA E 34 4.34 30.13 13.60
CA ALA E 34 4.02 31.48 13.15
C ALA E 34 5.28 32.28 12.83
N VAL E 35 5.24 33.03 11.73
CA VAL E 35 6.40 33.82 11.31
C VAL E 35 6.17 35.32 11.50
N ASN E 36 7.08 35.96 12.23
CA ASN E 36 7.02 37.39 12.50
C ASN E 36 8.23 38.15 11.96
N TRP E 37 8.00 39.29 11.33
CA TRP E 37 9.08 40.12 10.80
C TRP E 37 9.31 41.33 11.70
N VAL E 38 10.51 41.43 12.26
CA VAL E 38 10.86 42.52 13.18
C VAL E 38 12.11 43.28 12.73
N ARG E 39 12.07 44.62 12.83
CA ARG E 39 13.21 45.44 12.45
C ARG E 39 13.84 46.17 13.64
N GLN E 40 15.13 46.47 13.53
CA GLN E 40 15.85 47.17 14.58
C GLN E 40 16.60 48.37 14.03
N ALA E 41 16.20 49.57 14.41
CA ALA E 41 16.87 50.79 13.97
C ALA E 41 18.25 50.88 14.60
N PRO E 42 19.24 51.39 13.85
CA PRO E 42 20.61 51.48 14.34
C PRO E 42 20.72 52.38 15.57
N GLY E 43 21.32 51.84 16.63
CA GLY E 43 21.44 52.57 17.89
C GLY E 43 20.10 52.74 18.59
N GLN E 44 19.06 52.12 18.04
CA GLN E 44 17.71 52.24 18.60
C GLN E 44 17.12 50.87 18.94
N SER E 45 15.86 50.88 19.39
CA SER E 45 15.19 49.67 19.86
C SER E 45 14.56 48.86 18.74
N LEU E 46 13.86 47.79 19.12
CA LEU E 46 13.21 46.88 18.17
C LEU E 46 11.77 47.28 17.89
N GLU E 47 11.33 47.13 16.64
CA GLU E 47 9.97 47.47 16.27
C GLU E 47 9.28 46.34 15.48
N TYR E 48 8.07 45.99 15.91
CA TYR E 48 7.27 44.95 15.27
C TYR E 48 6.67 45.46 13.96
N ILE E 49 6.92 44.75 12.86
CA ILE E 49 6.38 45.13 11.55
C ILE E 49 5.09 44.37 11.23
N GLY E 50 5.20 43.07 11.04
CA GLY E 50 4.05 42.25 10.70
C GLY E 50 4.28 40.78 10.93
N GLN E 51 3.33 39.97 10.50
CA GLN E 51 3.40 38.53 10.72
C GLN E 51 2.60 37.76 9.68
N ILE E 52 2.90 36.48 9.56
CA ILE E 52 2.05 35.56 8.82
C ILE E 52 1.80 34.33 9.71
N TRP E 53 0.53 34.07 10.00
CA TRP E 53 0.15 33.06 10.98
C TRP E 53 -1.12 32.34 10.53
N ARG E 54 -1.10 31.00 10.59
CA ARG E 54 -2.16 30.18 10.02
C ARG E 54 -2.38 30.59 8.57
N TRP E 55 -1.27 30.87 7.88
CA TRP E 55 -1.26 31.31 6.49
C TRP E 55 -2.05 32.58 6.25
N LYS E 56 -2.14 33.43 7.27
CA LYS E 56 -2.78 34.73 7.14
C LYS E 56 -1.82 35.88 7.40
N SER E 57 -1.55 36.67 6.36
CA SER E 57 -0.62 37.80 6.46
C SER E 57 -1.23 38.98 7.23
N SER E 58 -0.43 39.61 8.08
CA SER E 58 -0.90 40.75 8.89
C SER E 58 0.25 41.71 9.21
N ALA E 59 -0.08 42.99 9.43
CA ALA E 59 0.93 44.00 9.78
C ALA E 59 0.39 45.16 10.63
N SER E 60 1.31 45.83 11.31
CA SER E 60 1.00 46.96 12.19
C SER E 60 0.35 48.16 11.49
N HIS E 61 -0.37 48.98 12.25
CA HIS E 61 -1.07 50.14 11.70
C HIS E 61 -0.14 51.19 11.09
N HIS E 62 1.14 51.14 11.47
CA HIS E 62 2.16 51.97 10.85
C HIS E 62 2.27 51.61 9.38
N PHE E 63 2.45 50.32 9.13
CA PHE E 63 2.75 49.79 7.80
C PHE E 63 1.56 49.19 7.06
N ARG E 64 0.35 49.37 7.56
CA ARG E 64 -0.82 48.69 6.98
C ARG E 64 -0.89 48.84 5.46
N GLY E 65 -0.90 47.72 4.76
CA GLY E 65 -0.96 47.81 3.31
C GLY E 65 0.32 48.18 2.59
N ARG E 66 1.27 48.81 3.28
CA ARG E 66 2.54 49.19 2.67
C ARG E 66 3.57 48.08 2.73
N VAL E 67 3.27 47.06 3.53
CA VAL E 67 4.19 45.97 3.72
C VAL E 67 3.48 44.67 3.37
N LEU E 68 4.17 43.83 2.61
CA LEU E 68 3.59 42.57 2.16
C LEU E 68 4.45 41.38 2.52
N ILE E 69 3.86 40.52 3.36
CA ILE E 69 4.53 39.33 3.86
C ILE E 69 3.90 38.10 3.23
N SER E 70 4.67 37.39 2.42
CA SER E 70 4.17 36.19 1.75
C SER E 70 5.09 35.04 2.10
N ALA E 71 4.53 33.84 2.13
CA ALA E 71 5.33 32.67 2.46
C ALA E 71 4.79 31.42 1.79
N VAL E 72 5.69 30.51 1.43
CA VAL E 72 5.33 29.22 0.87
C VAL E 72 5.89 28.13 1.80
N ASP E 73 5.17 27.03 1.91
CA ASP E 73 5.51 25.97 2.85
C ASP E 73 6.71 25.15 2.41
N LEU E 74 7.01 24.11 3.19
CA LEU E 74 8.09 23.18 2.88
C LEU E 74 7.85 22.49 1.54
N THR E 75 8.85 22.56 0.67
CA THR E 75 8.76 21.90 -0.63
C THR E 75 9.76 20.74 -0.70
N GLY E 76 9.81 20.08 -1.85
CA GLY E 76 10.65 18.90 -2.01
C GLY E 76 12.10 19.22 -2.29
N SER E 77 12.40 20.50 -2.55
CA SER E 77 13.74 20.90 -2.93
C SER E 77 14.35 21.89 -1.93
N SER E 78 13.52 22.49 -1.09
CA SER E 78 13.98 23.51 -0.15
C SER E 78 13.06 23.60 1.08
N PRO E 79 13.61 24.09 2.21
CA PRO E 79 12.84 24.34 3.43
C PRO E 79 11.81 25.45 3.25
N PRO E 80 10.87 25.61 4.20
CA PRO E 80 9.88 26.68 4.14
C PRO E 80 10.49 28.07 4.03
N ILE E 81 9.98 28.87 3.09
CA ILE E 81 10.52 30.20 2.84
C ILE E 81 9.45 31.29 3.00
N SER E 82 9.82 32.38 3.69
CA SER E 82 8.95 33.55 3.80
C SER E 82 9.62 34.76 3.14
N SER E 83 8.82 35.68 2.62
CA SER E 83 9.38 36.86 1.96
C SER E 83 8.67 38.15 2.35
N LEU E 84 9.47 39.19 2.52
CA LEU E 84 8.98 40.50 2.88
C LEU E 84 9.29 41.52 1.79
N GLU E 85 8.28 42.24 1.33
CA GLU E 85 8.48 43.28 0.33
C GLU E 85 8.09 44.65 0.88
N ILE E 86 8.92 45.64 0.63
CA ILE E 86 8.63 47.00 1.05
C ILE E 86 8.74 47.98 -0.11
N LYS E 87 7.61 48.53 -0.54
CA LYS E 87 7.64 49.53 -1.59
C LYS E 87 7.61 50.91 -0.98
N ASN E 88 7.92 51.91 -1.79
CA ASN E 88 8.02 53.30 -1.34
C ASN E 88 9.02 53.44 -0.19
N LEU E 89 10.24 53.00 -0.44
CA LEU E 89 11.31 53.05 0.55
C LEU E 89 11.70 54.47 0.92
N THR E 90 11.94 54.70 2.21
CA THR E 90 12.40 56.02 2.67
C THR E 90 13.68 55.91 3.49
N SER E 91 14.17 57.05 3.96
CA SER E 91 15.43 57.09 4.69
C SER E 91 15.29 56.63 6.13
N ASP E 92 14.05 56.51 6.60
CA ASP E 92 13.80 56.10 7.97
C ASP E 92 13.64 54.58 8.09
N ASP E 93 13.73 53.90 6.96
CA ASP E 93 13.54 52.45 6.91
C ASP E 93 14.86 51.68 6.99
N THR E 94 15.93 52.38 7.33
CA THR E 94 17.28 51.84 7.24
C THR E 94 17.61 50.82 8.33
N ALA E 95 16.60 50.45 9.11
CA ALA E 95 16.76 49.49 10.20
C ALA E 95 17.24 48.11 9.71
N VAL E 96 17.82 47.34 10.62
CA VAL E 96 18.22 45.96 10.32
C VAL E 96 17.00 45.04 10.49
N TYR E 97 16.68 44.28 9.45
CA TYR E 97 15.47 43.47 9.47
C TYR E 97 15.75 42.02 9.87
N PHE E 98 14.88 41.49 10.74
CA PHE E 98 15.02 40.13 11.26
C PHE E 98 13.84 39.22 10.92
N CYS E 99 14.16 37.99 10.51
CA CYS E 99 13.16 36.97 10.28
C CYS E 99 13.03 36.06 11.50
N THR E 100 11.86 36.04 12.12
CA THR E 100 11.65 35.26 13.33
C THR E 100 10.51 34.26 13.21
N THR E 101 10.56 33.22 14.03
CA THR E 101 9.49 32.23 14.06
C THR E 101 9.21 31.76 15.49
N THR E 102 8.04 31.18 15.72
CA THR E 102 7.64 30.73 17.05
C THR E 102 6.72 29.51 16.96
N SER E 103 6.88 28.57 17.91
CA SER E 103 6.08 27.34 17.92
C SER E 103 4.69 27.58 18.48
N THR E 104 3.68 27.39 17.64
CA THR E 104 2.29 27.64 18.02
C THR E 104 1.50 26.38 18.35
N TYR E 105 2.13 25.21 18.24
CA TYR E 105 1.42 23.94 18.44
C TYR E 105 0.94 23.82 19.88
N ASP E 106 1.76 24.24 20.83
CA ASP E 106 1.37 24.18 22.24
C ASP E 106 0.35 25.30 22.46
N LYS E 107 -0.89 24.89 22.72
CA LYS E 107 -2.01 25.81 22.73
C LYS E 107 -2.04 26.61 24.03
N TRP E 108 -1.47 26.02 25.07
CA TRP E 108 -1.38 26.66 26.38
C TRP E 108 0.04 27.12 26.66
N SER E 109 0.78 27.42 25.60
CA SER E 109 2.14 27.93 25.73
C SER E 109 2.10 29.43 25.93
N GLY E 110 3.04 29.95 26.69
CA GLY E 110 3.09 31.37 26.97
C GLY E 110 3.75 32.18 25.87
N LEU E 111 4.25 31.49 24.86
CA LEU E 111 4.91 32.14 23.74
C LEU E 111 3.98 33.06 22.96
N HIS E 112 2.76 32.59 22.71
CA HIS E 112 1.81 33.33 21.89
C HIS E 112 0.60 33.83 22.66
N HIS E 113 0.00 34.91 22.15
CA HIS E 113 -1.19 35.48 22.76
C HIS E 113 -2.11 35.99 21.67
N ASP E 114 -2.77 35.06 20.98
CA ASP E 114 -3.77 35.35 19.95
C ASP E 114 -3.25 36.23 18.82
N GLY E 115 -2.17 35.82 18.20
CA GLY E 115 -1.62 36.55 17.07
C GLY E 115 -0.41 37.36 17.48
N VAL E 116 -0.49 37.97 18.66
CA VAL E 116 0.64 38.75 19.16
C VAL E 116 1.45 37.82 20.05
N MET E 117 2.74 37.72 19.79
CA MET E 117 3.55 36.69 20.43
C MET E 117 5.01 37.08 20.64
N ALA E 118 5.72 36.22 21.37
CA ALA E 118 7.16 36.35 21.49
C ALA E 118 7.84 35.65 20.32
N PHE E 119 9.16 35.71 20.26
CA PHE E 119 9.90 35.14 19.15
C PHE E 119 11.00 34.20 19.61
N SER E 120 10.75 32.90 19.46
CA SER E 120 11.69 31.87 19.92
C SER E 120 12.96 31.80 19.08
N SER E 121 12.81 31.65 17.78
CA SER E 121 13.95 31.51 16.88
C SER E 121 14.23 32.80 16.11
N TRP E 122 15.50 33.20 16.09
CA TRP E 122 15.92 34.41 15.36
C TRP E 122 16.85 34.09 14.19
N GLY E 123 16.67 34.84 13.11
CA GLY E 123 17.49 34.66 11.92
C GLY E 123 18.84 35.35 12.01
N GLN E 124 19.56 35.38 10.90
CA GLN E 124 20.87 36.02 10.84
C GLN E 124 20.75 37.54 10.77
N GLY E 125 19.60 38.01 10.31
CA GLY E 125 19.35 39.42 10.15
C GLY E 125 19.78 39.90 8.77
N THR E 126 19.08 40.92 8.27
CA THR E 126 19.40 41.50 6.97
C THR E 126 19.36 43.02 7.03
N LEU E 127 20.49 43.66 6.74
CA LEU E 127 20.58 45.11 6.75
C LEU E 127 20.15 45.74 5.43
N ILE E 128 19.24 46.70 5.52
CA ILE E 128 18.81 47.45 4.36
C ILE E 128 19.19 48.92 4.54
N SER E 129 20.12 49.39 3.71
CA SER E 129 20.57 50.78 3.76
C SER E 129 19.94 51.59 2.63
N VAL E 130 19.10 52.56 2.98
CA VAL E 130 18.44 53.37 1.99
C VAL E 130 19.11 54.72 1.82
N SER E 131 19.75 54.92 0.67
CA SER E 131 20.44 56.17 0.38
C SER E 131 20.47 56.45 -1.12
N ALA E 132 20.44 57.72 -1.48
CA ALA E 132 20.48 58.12 -2.88
C ALA E 132 21.90 58.24 -3.39
N ALA E 133 22.87 58.10 -2.49
CA ALA E 133 24.28 58.22 -2.85
C ALA E 133 24.71 57.10 -3.78
N SER E 134 25.72 57.38 -4.60
CA SER E 134 26.26 56.39 -5.52
C SER E 134 27.60 55.86 -5.02
N THR E 135 27.90 54.61 -5.34
CA THR E 135 29.13 53.95 -4.89
C THR E 135 30.39 54.73 -5.28
N LYS E 136 31.30 54.88 -4.32
CA LYS E 136 32.56 55.60 -4.53
C LYS E 136 33.71 54.93 -3.80
N GLY E 137 34.92 55.19 -4.29
CA GLY E 137 36.12 54.63 -3.70
C GLY E 137 36.60 55.47 -2.52
N PRO E 138 37.20 54.81 -1.52
CA PRO E 138 37.74 55.45 -0.30
C PRO E 138 39.02 56.24 -0.53
N SER E 139 39.16 57.36 0.18
CA SER E 139 40.41 58.11 0.17
C SER E 139 41.19 57.77 1.43
N VAL E 140 42.44 57.33 1.25
CA VAL E 140 43.26 56.88 2.37
C VAL E 140 44.41 57.83 2.68
N PHE E 141 44.49 58.26 3.94
CA PHE E 141 45.57 59.13 4.38
C PHE E 141 46.30 58.55 5.58
N PRO E 142 47.64 58.64 5.57
CA PRO E 142 48.46 58.19 6.71
C PRO E 142 48.46 59.18 7.87
N LEU E 143 48.51 58.66 9.09
CA LEU E 143 48.64 59.49 10.28
C LEU E 143 50.01 59.27 10.93
N ALA E 144 50.89 60.27 10.78
CA ALA E 144 52.28 60.18 11.22
C ALA E 144 52.47 60.62 12.66
N PRO E 145 53.21 59.81 13.45
CA PRO E 145 53.45 60.18 14.85
C PRO E 145 54.47 61.33 14.98
N SER E 146 54.13 62.32 15.80
CA SER E 146 55.04 63.40 16.14
C SER E 146 56.06 62.96 17.19
N SER E 147 55.57 62.32 18.24
CA SER E 147 56.39 61.82 19.33
C SER E 147 55.56 61.05 20.34
N GLY E 153 53.54 60.60 25.63
CA GLY E 153 54.63 59.65 25.71
C GLY E 153 54.51 58.53 24.70
N THR E 154 55.59 57.78 24.54
CA THR E 154 55.68 56.65 23.60
C THR E 154 55.32 57.07 22.17
N ALA E 155 54.56 56.23 21.46
CA ALA E 155 54.17 56.56 20.09
C ALA E 155 52.92 55.83 19.62
N ALA E 156 52.17 56.51 18.73
CA ALA E 156 50.97 55.94 18.12
C ALA E 156 50.88 56.36 16.65
N LEU E 157 50.59 55.41 15.78
CA LEU E 157 50.50 55.69 14.34
C LEU E 157 49.32 54.93 13.72
N GLY E 158 48.71 55.51 12.70
CA GLY E 158 47.56 54.88 12.07
C GLY E 158 47.21 55.40 10.69
N CYS E 159 46.23 54.77 10.07
CA CYS E 159 45.73 55.21 8.77
C CYS E 159 44.30 55.72 8.83
N LEU E 160 43.99 56.69 7.98
CA LEU E 160 42.68 57.33 7.96
C LEU E 160 41.96 57.02 6.65
N VAL E 161 40.78 56.40 6.74
CA VAL E 161 39.97 56.12 5.57
C VAL E 161 38.76 57.06 5.49
N LYS E 162 38.69 57.83 4.41
CA LYS E 162 37.62 58.82 4.26
C LYS E 162 36.86 58.70 2.94
N ASP E 163 35.58 59.06 3.00
CA ASP E 163 34.74 59.21 1.82
C ASP E 163 34.66 57.94 0.97
N TYR E 164 34.04 56.91 1.53
CA TYR E 164 33.78 55.68 0.78
C TYR E 164 32.30 55.33 0.86
N PHE E 165 31.85 54.49 -0.06
CA PHE E 165 30.44 54.12 -0.15
C PHE E 165 30.24 53.04 -1.21
N PRO E 166 29.43 52.03 -0.89
CA PRO E 166 28.79 51.81 0.41
C PRO E 166 29.68 51.04 1.37
N GLU E 167 29.19 50.79 2.59
CA GLU E 167 29.92 50.01 3.56
C GLU E 167 29.84 48.53 3.22
N PRO E 168 30.72 47.69 3.80
CA PRO E 168 31.86 48.02 4.66
C PRO E 168 33.20 48.07 3.91
N VAL E 169 34.26 48.34 4.68
CA VAL E 169 35.61 48.22 4.17
C VAL E 169 36.41 47.46 5.24
N THR E 170 37.35 46.64 4.79
CA THR E 170 38.13 45.84 5.72
C THR E 170 39.54 46.40 5.79
N VAL E 171 39.96 46.77 7.00
CA VAL E 171 41.28 47.35 7.21
C VAL E 171 42.17 46.41 8.00
N SER E 172 43.35 46.16 7.48
CA SER E 172 44.31 45.28 8.14
C SER E 172 45.64 46.00 8.34
N TRP E 173 46.57 45.32 9.00
CA TRP E 173 47.90 45.85 9.26
C TRP E 173 48.97 44.81 8.99
N ASN E 174 49.91 45.17 8.11
CA ASN E 174 50.97 44.26 7.68
C ASN E 174 50.40 42.95 7.16
N SER E 175 49.24 43.05 6.51
CA SER E 175 48.51 41.91 5.96
C SER E 175 48.18 40.87 7.03
N GLY E 176 47.73 41.35 8.18
CA GLY E 176 47.31 40.47 9.26
C GLY E 176 48.44 40.03 10.17
N ALA E 177 49.65 40.52 9.92
CA ALA E 177 50.80 40.16 10.73
C ALA E 177 50.75 40.85 12.08
N LEU E 178 50.21 42.07 12.10
CA LEU E 178 50.11 42.85 13.33
C LEU E 178 48.67 42.86 13.84
N THR E 179 48.39 42.03 14.84
CA THR E 179 47.04 41.91 15.38
C THR E 179 46.81 42.51 16.77
N SER E 180 47.86 43.02 17.42
CA SER E 180 47.74 43.43 18.82
C SER E 180 47.87 44.93 19.01
N GLY E 181 47.07 45.49 19.92
CA GLY E 181 47.10 46.90 20.21
C GLY E 181 46.35 47.71 19.17
N VAL E 182 45.76 47.00 18.20
CA VAL E 182 45.04 47.65 17.12
C VAL E 182 43.58 47.91 17.51
N HIS E 183 43.15 49.16 17.35
CA HIS E 183 41.78 49.51 17.60
C HIS E 183 41.19 50.18 16.37
N THR E 184 40.24 49.49 15.75
CA THR E 184 39.60 49.99 14.53
C THR E 184 38.28 50.67 14.89
N PHE E 185 38.22 51.98 14.70
CA PHE E 185 37.05 52.75 15.06
C PHE E 185 35.94 52.58 14.03
N PRO E 186 34.69 52.46 14.49
CA PRO E 186 33.54 52.25 13.63
C PRO E 186 33.32 53.41 12.67
N ALA E 187 32.74 53.11 11.51
CA ALA E 187 32.53 54.13 10.48
C ALA E 187 31.54 55.19 10.96
N VAL E 188 31.88 56.44 10.70
CA VAL E 188 31.00 57.57 11.04
C VAL E 188 30.40 58.12 9.75
N LEU E 189 29.12 58.48 9.81
CA LEU E 189 28.45 59.02 8.64
C LEU E 189 28.63 60.53 8.59
N GLN E 190 29.41 60.98 7.62
CA GLN E 190 29.71 62.40 7.44
C GLN E 190 28.49 63.11 6.86
N SER E 191 28.46 64.44 7.01
CA SER E 191 27.35 65.24 6.52
C SER E 191 27.19 65.15 5.01
N SER E 192 28.23 64.68 4.33
CA SER E 192 28.20 64.54 2.87
C SER E 192 27.61 63.21 2.41
N GLY E 193 27.25 62.36 3.36
CA GLY E 193 26.68 61.07 3.05
C GLY E 193 27.75 60.04 2.74
N LEU E 194 28.98 60.36 3.09
CA LEU E 194 30.11 59.46 2.87
C LEU E 194 30.66 58.99 4.21
N TYR E 195 31.20 57.78 4.25
CA TYR E 195 31.67 57.21 5.51
C TYR E 195 33.16 57.40 5.74
N SER E 196 33.52 57.57 7.00
CA SER E 196 34.92 57.73 7.39
C SER E 196 35.22 56.98 8.67
N LEU E 197 36.35 56.27 8.70
CA LEU E 197 36.79 55.55 9.89
C LEU E 197 38.29 55.63 10.02
N SER E 198 38.83 55.00 11.07
CA SER E 198 40.26 55.05 11.32
C SER E 198 40.74 53.76 11.98
N SER E 199 41.99 53.40 11.73
CA SER E 199 42.60 52.25 12.38
C SER E 199 43.97 52.66 12.94
N VAL E 200 44.11 52.61 14.26
CA VAL E 200 45.32 53.08 14.93
C VAL E 200 46.02 51.96 15.70
N VAL E 201 47.36 51.97 15.68
CA VAL E 201 48.17 51.00 16.39
C VAL E 201 49.13 51.67 17.38
N THR E 202 49.25 51.09 18.56
CA THR E 202 50.13 51.63 19.61
C THR E 202 51.53 51.01 19.54
N VAL E 203 52.54 51.87 19.44
CA VAL E 203 53.93 51.41 19.32
C VAL E 203 54.89 52.02 20.34
N PRO E 204 55.76 51.17 20.93
CA PRO E 204 56.78 51.65 21.86
C PRO E 204 57.93 52.28 21.10
N SER E 205 59.02 52.60 21.80
CA SER E 205 60.21 53.21 21.20
C SER E 205 59.87 54.53 20.49
N THR E 210 61.30 51.75 12.39
CA THR E 210 62.23 50.66 12.08
C THR E 210 61.52 49.53 11.34
N GLN E 211 60.43 49.03 11.92
CA GLN E 211 59.61 47.99 11.29
C GLN E 211 58.95 48.46 9.99
N THR E 212 58.55 49.73 9.94
CA THR E 212 58.01 50.34 8.71
C THR E 212 56.64 49.80 8.25
N TYR E 213 55.65 49.91 9.14
CA TYR E 213 54.31 49.33 8.95
C TYR E 213 53.58 49.78 7.68
N ILE E 214 52.46 49.12 7.38
CA ILE E 214 51.64 49.40 6.20
C ILE E 214 50.16 49.19 6.50
N CYS E 215 49.29 49.75 5.65
CA CYS E 215 47.85 49.55 5.80
C CYS E 215 47.25 48.74 4.65
N ASN E 216 46.41 47.77 5.00
CA ASN E 216 45.73 46.95 4.00
C ASN E 216 44.22 47.23 3.98
N VAL E 217 43.76 47.87 2.93
CA VAL E 217 42.34 48.25 2.80
C VAL E 217 41.66 47.55 1.64
N ASN E 218 40.56 46.85 1.92
CA ASN E 218 39.80 46.17 0.88
C ASN E 218 38.35 46.64 0.86
N HIS E 219 37.99 47.32 -0.23
CA HIS E 219 36.60 47.74 -0.44
C HIS E 219 36.00 46.97 -1.60
N LYS E 220 35.15 46.01 -1.28
CA LYS E 220 34.59 45.10 -2.27
C LYS E 220 33.55 45.72 -3.22
N PRO E 221 32.62 46.55 -2.70
CA PRO E 221 31.67 47.19 -3.63
C PRO E 221 32.33 48.03 -4.74
N SER E 222 33.41 48.73 -4.42
CA SER E 222 34.10 49.55 -5.42
C SER E 222 35.28 48.81 -6.04
N ASN E 223 35.51 47.58 -5.58
CA ASN E 223 36.57 46.71 -6.08
C ASN E 223 37.97 47.31 -5.95
N THR E 224 38.14 48.22 -4.99
CA THR E 224 39.43 48.87 -4.79
C THR E 224 40.15 48.25 -3.60
N LYS E 225 41.25 47.55 -3.87
CA LYS E 225 42.00 46.83 -2.85
C LYS E 225 43.18 47.66 -2.34
N VAL E 226 43.16 48.96 -2.66
CA VAL E 226 44.27 49.90 -2.45
C VAL E 226 44.97 49.87 -1.08
N ASP E 227 46.30 49.96 -1.11
CA ASP E 227 47.12 49.91 0.10
C ASP E 227 48.03 51.14 0.24
N LYS E 228 48.02 51.73 1.42
CA LYS E 228 48.84 52.91 1.71
C LYS E 228 49.81 52.64 2.85
N LYS E 229 50.99 53.24 2.79
CA LYS E 229 52.01 53.06 3.82
C LYS E 229 51.93 54.16 4.87
N VAL E 230 52.77 54.07 5.90
CA VAL E 230 52.81 55.08 6.95
C VAL E 230 54.23 55.51 7.28
N GLU E 231 54.55 56.78 7.01
CA GLU E 231 55.87 57.31 7.30
C GLU E 231 55.84 58.38 8.39
N PRO E 232 56.70 58.23 9.42
CA PRO E 232 56.81 59.27 10.44
C PRO E 232 57.44 60.54 9.87
N LYS E 233 56.89 61.71 10.22
CA LYS E 233 57.46 62.96 9.74
C LYS E 233 58.75 63.30 10.48
N ASP F 1 -1.95 50.85 22.18
CA ASP F 1 -0.54 50.82 21.80
C ASP F 1 0.34 51.04 23.02
N ILE F 2 1.04 50.00 23.46
CA ILE F 2 1.80 50.07 24.71
C ILE F 2 3.18 50.69 24.53
N GLN F 3 3.63 51.41 25.55
CA GLN F 3 4.98 51.97 25.57
C GLN F 3 5.83 51.42 26.73
N MET F 4 6.96 50.81 26.41
CA MET F 4 7.82 50.20 27.41
C MET F 4 9.00 51.07 27.83
N THR F 5 9.14 51.29 29.14
CA THR F 5 10.20 52.12 29.70
C THR F 5 11.21 51.29 30.52
N GLN F 6 12.48 51.33 30.13
CA GLN F 6 13.51 50.59 30.85
C GLN F 6 14.40 51.50 31.69
N SER F 7 14.84 50.99 32.83
CA SER F 7 15.81 51.71 33.66
C SER F 7 16.85 50.75 34.24
N PRO F 8 18.13 51.15 34.18
CA PRO F 8 18.57 52.33 33.43
C PRO F 8 18.78 52.00 31.97
N SER F 9 19.17 52.98 31.16
CA SER F 9 19.48 52.72 29.76
C SER F 9 20.80 51.97 29.64
N THR F 10 21.71 52.24 30.57
CA THR F 10 22.94 51.46 30.67
C THR F 10 23.48 51.49 32.10
N LEU F 11 24.21 50.45 32.47
CA LEU F 11 24.73 50.31 33.83
C LEU F 11 26.10 49.66 33.88
N SER F 12 26.86 49.97 34.93
CA SER F 12 28.17 49.38 35.14
C SER F 12 28.10 48.34 36.26
N ALA F 13 28.42 47.09 35.93
CA ALA F 13 28.35 46.00 36.90
C ALA F 13 29.54 45.04 36.75
N SER F 14 29.93 44.42 37.85
CA SER F 14 31.08 43.51 37.85
C SER F 14 30.67 42.04 37.78
N ILE F 15 31.68 41.17 37.77
CA ILE F 15 31.46 39.73 37.71
C ILE F 15 31.08 39.17 39.08
N GLY F 16 30.00 38.41 39.13
CA GLY F 16 29.57 37.83 40.39
C GLY F 16 28.45 38.65 41.00
N ASP F 17 28.29 39.88 40.51
CA ASP F 17 27.26 40.77 41.02
C ASP F 17 25.86 40.27 40.66
N THR F 18 24.87 40.72 41.41
CA THR F 18 23.47 40.44 41.11
C THR F 18 22.90 41.67 40.42
N VAL F 19 22.57 41.54 39.14
CA VAL F 19 22.07 42.67 38.35
C VAL F 19 20.56 42.68 38.21
N ARG F 20 19.95 43.82 38.55
CA ARG F 20 18.51 43.99 38.42
C ARG F 20 18.16 45.08 37.44
N ILE F 21 17.49 44.69 36.35
CA ILE F 21 17.02 45.62 35.33
C ILE F 21 15.50 45.64 35.33
N SER F 22 14.91 46.78 35.67
CA SER F 22 13.45 46.86 35.75
C SER F 22 12.87 47.40 34.44
N CYS F 23 11.54 47.36 34.35
CA CYS F 23 10.86 47.87 33.17
C CYS F 23 9.43 48.23 33.60
N ARG F 24 8.85 49.25 32.99
CA ARG F 24 7.49 49.65 33.34
C ARG F 24 6.65 49.85 32.08
N ALA F 25 5.41 49.38 32.11
CA ALA F 25 4.53 49.47 30.96
C ALA F 25 3.54 50.61 31.10
N SER F 26 3.16 51.21 29.95
CA SER F 26 2.23 52.34 29.92
C SER F 26 0.88 52.00 30.57
N GLN F 27 0.57 50.71 30.64
CA GLN F 27 -0.64 50.26 31.33
C GLN F 27 -0.36 49.00 32.14
N SER F 28 -1.38 48.47 32.81
CA SER F 28 -1.21 47.26 33.60
C SER F 28 -1.35 46.01 32.74
N ILE F 29 -0.35 45.14 32.79
CA ILE F 29 -0.42 43.88 32.05
C ILE F 29 -0.68 42.69 32.96
N THR F 30 -1.81 42.01 32.73
CA THR F 30 -2.16 40.85 33.54
C THR F 30 -2.29 39.62 32.65
N GLY F 31 -2.00 38.45 33.24
CA GLY F 31 -1.81 37.23 32.48
C GLY F 31 -0.31 37.16 32.29
N ASN F 32 0.32 38.27 32.67
CA ASN F 32 1.76 38.44 32.64
C ASN F 32 2.40 38.09 31.30
N TRP F 33 1.94 38.74 30.24
CA TRP F 33 2.53 38.52 28.92
C TRP F 33 3.67 39.52 28.67
N VAL F 34 4.89 39.07 28.95
CA VAL F 34 6.09 39.92 28.89
C VAL F 34 7.30 39.05 28.56
N ALA F 35 8.20 39.56 27.71
CA ALA F 35 9.40 38.82 27.35
C ALA F 35 10.67 39.64 27.53
N TRP F 36 11.76 38.97 27.88
CA TRP F 36 13.07 39.58 28.01
C TRP F 36 14.10 38.97 27.04
N TYR F 37 14.77 39.80 26.26
CA TYR F 37 15.74 39.32 25.28
C TYR F 37 17.17 39.75 25.59
N GLN F 38 18.12 38.91 25.20
CA GLN F 38 19.53 39.24 25.33
C GLN F 38 20.17 39.40 23.97
N GLN F 39 20.93 40.46 23.79
CA GLN F 39 21.63 40.67 22.54
C GLN F 39 23.09 41.03 22.80
N ARG F 40 23.99 40.17 22.34
CA ARG F 40 25.41 40.47 22.37
C ARG F 40 25.71 41.31 21.14
N PRO F 41 26.68 42.23 21.23
CA PRO F 41 26.97 43.15 20.13
C PRO F 41 27.34 42.44 18.84
N GLY F 42 26.70 42.83 17.74
CA GLY F 42 26.96 42.24 16.43
C GLY F 42 26.24 40.94 16.17
N LYS F 43 25.46 40.48 17.15
CA LYS F 43 24.74 39.22 17.01
C LYS F 43 23.23 39.43 17.13
N ALA F 44 22.47 38.49 16.58
CA ALA F 44 21.02 38.55 16.65
C ALA F 44 20.56 38.32 18.08
N PRO F 45 19.48 38.99 18.49
CA PRO F 45 18.93 38.87 19.84
C PRO F 45 18.36 37.48 20.13
N ARG F 46 18.62 36.97 21.33
CA ARG F 46 18.16 35.65 21.73
C ARG F 46 17.07 35.75 22.79
N LEU F 47 16.08 34.87 22.71
CA LEU F 47 14.98 34.83 23.67
C LEU F 47 15.40 34.14 24.96
N LEU F 48 15.19 34.83 26.08
CA LEU F 48 15.53 34.26 27.40
C LEU F 48 14.29 33.82 28.18
N ILE F 49 13.47 34.78 28.58
CA ILE F 49 12.31 34.50 29.43
C ILE F 49 11.00 34.98 28.78
N TYR F 50 9.97 34.14 28.82
CA TYR F 50 8.65 34.52 28.35
C TYR F 50 7.64 34.44 29.50
N ARG F 51 6.52 35.15 29.35
CA ARG F 51 5.51 35.25 30.39
C ARG F 51 6.05 35.78 31.72
N GLY F 52 7.20 36.43 31.67
CA GLY F 52 7.72 37.19 32.79
C GLY F 52 8.48 36.43 33.86
N ALA F 53 8.06 35.22 34.19
CA ALA F 53 8.84 34.39 35.10
C ALA F 53 9.34 33.11 34.44
N ALA F 54 8.85 32.81 33.25
CA ALA F 54 9.10 31.51 32.65
C ALA F 54 10.37 31.51 31.81
N LEU F 55 11.36 30.79 32.33
CA LEU F 55 12.68 30.71 31.70
C LEU F 55 12.63 29.71 30.55
N LEU F 56 13.30 30.02 29.44
CA LEU F 56 13.30 29.10 28.29
C LEU F 56 14.29 27.95 28.49
N GLY F 57 13.98 26.81 27.87
CA GLY F 57 14.81 25.63 27.99
C GLY F 57 16.20 25.81 27.41
N GLY F 58 17.21 25.51 28.23
CA GLY F 58 18.59 25.68 27.80
C GLY F 58 19.23 26.91 28.42
N VAL F 59 18.42 27.73 29.07
CA VAL F 59 18.92 28.92 29.74
C VAL F 59 19.33 28.61 31.18
N PRO F 60 20.52 29.07 31.60
CA PRO F 60 21.02 28.87 32.97
C PRO F 60 20.05 29.35 34.04
N SER F 61 20.14 28.77 35.23
CA SER F 61 19.21 29.09 36.32
C SER F 61 19.52 30.44 36.97
N ARG F 62 20.62 31.07 36.58
CA ARG F 62 21.02 32.35 37.18
C ARG F 62 20.07 33.50 36.84
N PHE F 63 19.27 33.33 35.79
CA PHE F 63 18.34 34.37 35.38
C PHE F 63 16.95 34.20 36.00
N SER F 64 16.42 35.28 36.55
CA SER F 64 15.12 35.24 37.21
C SER F 64 14.27 36.47 36.90
N GLY F 65 13.03 36.22 36.50
CA GLY F 65 12.06 37.27 36.21
C GLY F 65 11.06 37.52 37.33
N SER F 66 10.45 38.70 37.31
CA SER F 66 9.38 39.02 38.25
C SER F 66 8.35 39.93 37.55
N ALA F 67 7.07 39.60 37.71
CA ALA F 67 6.00 40.33 37.04
C ALA F 67 4.81 40.67 37.93
N ALA F 68 4.60 41.96 38.19
CA ALA F 68 3.43 42.42 38.93
C ALA F 68 2.85 43.73 38.35
N GLY F 69 1.63 43.65 37.83
CA GLY F 69 0.93 44.83 37.33
C GLY F 69 1.67 45.65 36.28
N THR F 70 1.83 46.94 36.56
CA THR F 70 2.50 47.83 35.61
C THR F 70 4.02 47.76 35.72
N ASP F 71 4.51 47.24 36.85
CA ASP F 71 5.94 47.24 37.15
C ASP F 71 6.53 45.86 36.88
N PHE F 72 7.56 45.79 36.03
CA PHE F 72 8.22 44.52 35.76
C PHE F 72 9.73 44.59 36.00
N THR F 73 10.32 43.48 36.45
CA THR F 73 11.77 43.43 36.68
C THR F 73 12.40 42.07 36.41
N LEU F 74 13.59 42.10 35.79
CA LEU F 74 14.39 40.91 35.52
C LEU F 74 15.63 40.88 36.42
N THR F 75 15.81 39.79 37.14
CA THR F 75 16.92 39.68 38.10
C THR F 75 17.97 38.66 37.65
N ILE F 76 19.22 39.11 37.55
CA ILE F 76 20.33 38.26 37.17
C ILE F 76 21.38 38.15 38.28
N GLY F 77 21.49 36.97 38.89
CA GLY F 77 22.46 36.73 39.94
C GLY F 77 23.74 36.15 39.38
N ASN F 78 24.84 36.37 40.10
CA ASN F 78 26.16 35.89 39.70
C ASN F 78 26.47 36.28 38.26
N LEU F 79 26.66 37.58 38.04
CA LEU F 79 26.89 38.08 36.69
C LEU F 79 28.18 37.49 36.15
N GLN F 80 28.17 37.13 34.88
CA GLN F 80 29.34 36.55 34.23
C GLN F 80 29.61 37.25 32.90
N ALA F 81 30.78 36.97 32.32
CA ALA F 81 31.25 37.67 31.13
C ALA F 81 30.30 37.56 29.93
N GLU F 82 29.80 36.36 29.67
CA GLU F 82 28.93 36.11 28.52
C GLU F 82 27.57 36.79 28.65
N ASP F 83 27.26 37.26 29.85
CA ASP F 83 25.97 37.90 30.12
C ASP F 83 25.96 39.37 29.68
N PHE F 84 27.15 39.95 29.52
CA PHE F 84 27.25 41.36 29.14
C PHE F 84 26.72 41.62 27.73
N GLY F 85 25.95 42.71 27.59
CA GLY F 85 25.37 43.08 26.31
C GLY F 85 24.18 43.98 26.50
N THR F 86 23.31 44.03 25.49
CA THR F 86 22.13 44.87 25.53
C THR F 86 20.87 44.00 25.67
N PHE F 87 20.04 44.32 26.66
CA PHE F 87 18.83 43.57 26.95
C PHE F 87 17.56 44.35 26.61
N TYR F 88 16.55 43.64 26.12
CA TYR F 88 15.28 44.28 25.75
C TYR F 88 14.07 43.60 26.41
N CYS F 89 13.09 44.40 26.80
CA CYS F 89 11.82 43.88 27.30
C CYS F 89 10.72 44.12 26.26
N GLN F 90 9.83 43.14 26.09
CA GLN F 90 8.80 43.19 25.06
C GLN F 90 7.44 42.73 25.61
N GLN F 91 6.38 43.39 25.19
CA GLN F 91 5.04 42.99 25.57
C GLN F 91 4.26 42.44 24.38
N TYR F 92 3.78 41.21 24.51
CA TYR F 92 2.88 40.65 23.51
C TYR F 92 1.42 40.70 23.98
N ASP F 93 1.17 41.40 25.09
CA ASP F 93 -0.16 41.53 25.66
C ASP F 93 -1.23 41.96 24.65
N THR F 94 -0.91 42.96 23.84
CA THR F 94 -1.87 43.46 22.87
C THR F 94 -1.20 43.80 21.54
N TYR F 95 -2.02 43.83 20.48
CA TYR F 95 -1.58 44.14 19.13
C TYR F 95 -1.31 45.62 18.93
N PRO F 96 -0.10 45.97 18.47
CA PRO F 96 1.03 45.07 18.23
C PRO F 96 1.99 45.03 19.40
N GLY F 97 3.01 44.17 19.31
CA GLY F 97 4.02 44.09 20.35
C GLY F 97 4.97 45.27 20.29
N THR F 98 5.33 45.79 21.45
CA THR F 98 6.25 46.92 21.54
C THR F 98 7.40 46.60 22.49
N PHE F 99 8.60 47.03 22.12
CA PHE F 99 9.79 46.76 22.93
C PHE F 99 10.14 47.92 23.86
N GLY F 100 11.21 47.73 24.64
CA GLY F 100 11.67 48.74 25.57
C GLY F 100 12.81 49.55 25.00
N GLN F 101 13.30 50.49 25.79
CA GLN F 101 14.40 51.37 25.37
C GLN F 101 15.67 50.58 25.11
N GLY F 102 15.82 49.51 25.87
CA GLY F 102 17.02 48.68 25.82
C GLY F 102 17.93 49.05 26.97
N THR F 103 18.66 48.08 27.47
CA THR F 103 19.59 48.32 28.58
C THR F 103 20.94 47.70 28.29
N LYS F 104 21.97 48.53 28.23
CA LYS F 104 23.32 48.07 27.94
C LYS F 104 24.04 47.73 29.24
N VAL F 105 24.31 46.45 29.44
CA VAL F 105 25.03 45.98 30.62
C VAL F 105 26.52 46.06 30.32
N GLU F 106 27.23 46.88 31.08
CA GLU F 106 28.60 47.22 30.75
C GLU F 106 29.55 46.77 31.86
N VAL F 107 30.71 46.27 31.45
CA VAL F 107 31.69 45.69 32.37
C VAL F 107 32.23 46.73 33.35
N LYS F 108 32.32 46.35 34.62
CA LYS F 108 32.88 47.23 35.63
C LYS F 108 34.33 46.85 35.89
N ARG F 109 35.15 47.86 36.14
CA ARG F 109 36.59 47.71 36.32
C ARG F 109 37.15 49.04 36.77
N THR F 110 38.37 49.02 37.31
CA THR F 110 39.02 50.24 37.77
C THR F 110 39.09 51.31 36.69
N VAL F 111 38.83 52.55 37.10
CA VAL F 111 38.85 53.69 36.19
C VAL F 111 40.22 53.87 35.58
N ALA F 112 40.29 53.90 34.25
CA ALA F 112 41.57 54.01 33.58
C ALA F 112 41.64 55.29 32.75
N ALA F 113 42.73 56.04 32.95
CA ALA F 113 42.94 57.29 32.23
C ALA F 113 43.43 57.04 30.81
N PRO F 114 42.92 57.81 29.84
CA PRO F 114 43.35 57.68 28.45
C PRO F 114 44.73 58.27 28.18
N SER F 115 45.39 57.77 27.15
CA SER F 115 46.62 58.37 26.66
C SER F 115 46.31 59.11 25.37
N VAL F 116 46.37 60.44 25.41
CA VAL F 116 45.91 61.25 24.29
C VAL F 116 46.98 61.46 23.22
N PHE F 117 46.60 61.23 21.96
CA PHE F 117 47.49 61.43 20.83
C PHE F 117 46.78 62.26 19.76
N ILE F 118 47.49 63.23 19.19
CA ILE F 118 46.91 64.09 18.16
C ILE F 118 47.65 63.94 16.83
N PHE F 119 46.89 63.82 15.74
CA PHE F 119 47.48 63.65 14.43
C PHE F 119 47.15 64.82 13.50
N PRO F 120 48.20 65.52 13.04
CA PRO F 120 48.10 66.62 12.07
C PRO F 120 47.70 66.09 10.69
N PRO F 121 47.05 66.93 9.88
CA PRO F 121 46.60 66.51 8.54
C PRO F 121 47.73 66.02 7.64
N SER F 122 47.43 65.00 6.83
CA SER F 122 48.38 64.46 5.87
C SER F 122 48.61 65.43 4.72
N ASP F 123 49.71 65.27 4.02
CA ASP F 123 50.07 66.16 2.92
C ASP F 123 49.14 66.02 1.71
N GLU F 124 48.81 64.77 1.35
CA GLU F 124 47.98 64.49 0.18
C GLU F 124 46.54 64.96 0.36
N GLN F 125 46.10 65.01 1.62
CA GLN F 125 44.75 65.46 1.94
C GLN F 125 44.63 66.96 1.74
N LEU F 126 45.72 67.67 2.03
CA LEU F 126 45.77 69.12 1.90
C LEU F 126 45.55 69.55 0.45
N LYS F 127 45.95 68.71 -0.49
CA LYS F 127 45.81 69.00 -1.92
C LYS F 127 44.37 68.83 -2.40
N SER F 128 43.55 68.15 -1.60
CA SER F 128 42.17 67.89 -1.98
C SER F 128 41.27 69.10 -1.71
N GLY F 129 41.73 70.00 -0.83
CA GLY F 129 40.99 71.20 -0.51
C GLY F 129 40.30 71.17 0.85
N THR F 130 40.50 70.09 1.60
CA THR F 130 39.93 69.96 2.93
C THR F 130 40.99 69.44 3.91
N ALA F 131 40.84 69.76 5.19
CA ALA F 131 41.78 69.32 6.21
C ALA F 131 41.07 68.75 7.44
N SER F 132 41.45 67.54 7.84
CA SER F 132 40.84 66.89 9.00
C SER F 132 41.84 66.55 10.12
N VAL F 133 41.66 67.19 11.26
CA VAL F 133 42.49 66.94 12.45
C VAL F 133 41.87 65.83 13.30
N VAL F 134 42.67 64.82 13.65
CA VAL F 134 42.17 63.67 14.39
C VAL F 134 42.74 63.59 15.80
N CYS F 135 41.87 63.74 16.80
CA CYS F 135 42.23 63.54 18.19
C CYS F 135 41.93 62.12 18.64
N LEU F 136 42.89 61.50 19.30
CA LEU F 136 42.76 60.10 19.69
C LEU F 136 42.69 59.88 21.19
N LEU F 137 41.74 59.06 21.62
CA LEU F 137 41.70 58.60 23.00
C LEU F 137 41.86 57.09 23.02
N ASN F 138 42.99 56.62 23.56
CA ASN F 138 43.26 55.19 23.66
C ASN F 138 42.46 54.58 24.80
N ASN F 139 42.80 53.35 25.19
CA ASN F 139 42.04 52.60 26.19
C ASN F 139 41.75 53.38 27.47
N PHE F 140 40.46 53.49 27.81
CA PHE F 140 40.03 54.28 28.96
C PHE F 140 38.71 53.78 29.56
N TYR F 141 38.53 54.04 30.85
CA TYR F 141 37.30 53.68 31.56
C TYR F 141 36.87 54.81 32.49
N PRO F 142 35.57 55.12 32.53
CA PRO F 142 34.47 54.54 31.73
C PRO F 142 34.37 55.18 30.35
N ARG F 143 33.38 54.76 29.57
CA ARG F 143 33.21 55.24 28.20
C ARG F 143 32.94 56.75 28.12
N GLU F 144 32.20 57.27 29.08
CA GLU F 144 31.82 58.68 29.08
C GLU F 144 33.02 59.61 29.19
N ALA F 145 33.17 60.50 28.22
CA ALA F 145 34.27 61.46 28.19
C ALA F 145 33.92 62.66 27.31
N LYS F 146 34.63 63.76 27.51
CA LYS F 146 34.41 64.96 26.72
C LYS F 146 35.67 65.39 25.97
N VAL F 147 35.50 65.71 24.68
CA VAL F 147 36.59 66.27 23.88
C VAL F 147 36.12 67.54 23.18
N GLN F 148 36.78 68.64 23.50
CA GLN F 148 36.44 69.94 22.90
C GLN F 148 37.57 70.46 22.02
N TRP F 149 37.21 71.25 21.00
CA TRP F 149 38.20 71.76 20.06
C TRP F 149 38.43 73.27 20.19
N LYS F 150 39.64 73.65 20.61
CA LYS F 150 40.02 75.05 20.70
C LYS F 150 40.98 75.46 19.58
N VAL F 151 40.57 76.43 18.77
CA VAL F 151 41.46 76.97 17.74
C VAL F 151 41.91 78.36 18.16
N ASP F 152 43.21 78.49 18.40
CA ASP F 152 43.78 79.74 18.91
C ASP F 152 43.02 80.22 20.14
N ASN F 153 42.83 79.30 21.08
CA ASN F 153 42.07 79.55 22.32
C ASN F 153 40.62 79.99 22.10
N ALA F 154 39.94 79.35 21.14
CA ALA F 154 38.52 79.64 20.91
C ALA F 154 37.75 78.36 20.56
N LEU F 155 36.61 78.16 21.21
CA LEU F 155 35.80 76.95 21.01
C LEU F 155 35.16 76.86 19.62
N GLN F 156 34.86 75.63 19.21
CA GLN F 156 34.22 75.36 17.91
C GLN F 156 32.98 74.50 17.98
N SER F 157 31.89 74.96 17.38
CA SER F 157 30.67 74.19 17.29
C SER F 157 30.45 73.73 15.85
N GLY F 158 30.02 72.48 15.67
CA GLY F 158 29.81 71.92 14.35
C GLY F 158 31.07 71.38 13.71
N ASN F 159 30.91 70.78 12.53
CA ASN F 159 32.03 70.20 11.79
C ASN F 159 32.90 69.28 12.63
N SER F 160 32.29 68.67 13.64
CA SER F 160 33.00 67.78 14.55
C SER F 160 32.26 66.47 14.67
N GLN F 161 33.00 65.37 14.55
CA GLN F 161 32.43 64.04 14.64
C GLN F 161 33.31 63.14 15.49
N GLU F 162 32.70 62.41 16.41
CA GLU F 162 33.46 61.49 17.24
C GLU F 162 33.03 60.06 17.00
N SER F 163 33.94 59.13 17.29
CA SER F 163 33.68 57.71 17.10
C SER F 163 34.11 56.98 18.36
N VAL F 164 33.38 55.94 18.71
CA VAL F 164 33.67 55.18 19.93
C VAL F 164 33.75 53.69 19.64
N THR F 165 34.83 53.06 20.07
CA THR F 165 34.94 51.62 19.92
C THR F 165 34.05 50.93 20.94
N GLU F 166 33.71 49.68 20.68
CA GLU F 166 32.96 48.89 21.64
C GLU F 166 33.88 48.54 22.79
N GLN F 167 33.31 48.16 23.92
CA GLN F 167 34.11 47.81 25.08
C GLN F 167 35.00 46.64 24.69
N ASP F 168 36.30 46.76 24.97
CA ASP F 168 37.29 45.77 24.54
C ASP F 168 36.98 44.41 25.15
N SER F 169 37.25 43.34 24.41
CA SER F 169 36.89 41.99 24.84
C SER F 169 37.62 41.56 26.12
N LYS F 170 38.89 41.94 26.24
CA LYS F 170 39.70 41.55 27.38
C LYS F 170 39.93 42.71 28.35
N ASP F 171 40.53 43.79 27.85
CA ASP F 171 40.80 44.97 28.68
C ASP F 171 39.52 45.57 29.26
N SER F 172 38.38 45.27 28.64
CA SER F 172 37.09 45.83 29.03
C SER F 172 37.19 47.35 29.03
N THR F 173 37.72 47.89 27.94
CA THR F 173 37.99 49.31 27.84
C THR F 173 37.40 49.89 26.56
N TYR F 174 37.37 51.21 26.48
CA TYR F 174 36.85 51.88 25.31
C TYR F 174 37.95 52.69 24.62
N SER F 175 37.76 52.97 23.34
CA SER F 175 38.68 53.82 22.60
C SER F 175 37.84 54.83 21.82
N LEU F 176 38.29 56.08 21.80
CA LEU F 176 37.50 57.14 21.20
C LEU F 176 38.27 57.92 20.14
N SER F 177 37.56 58.28 19.07
CA SER F 177 38.10 59.13 18.01
C SER F 177 37.32 60.42 17.88
N SER F 178 37.97 61.44 17.34
CA SER F 178 37.32 62.71 17.09
C SER F 178 37.76 63.25 15.73
N THR F 179 36.81 63.64 14.91
CA THR F 179 37.10 64.07 13.55
C THR F 179 36.63 65.50 13.33
N LEU F 180 37.56 66.39 13.01
CA LEU F 180 37.24 67.78 12.72
C LEU F 180 37.37 68.07 11.23
N THR F 181 36.26 68.29 10.55
CA THR F 181 36.28 68.50 9.10
C THR F 181 36.13 69.97 8.70
N LEU F 182 37.22 70.53 8.15
CA LEU F 182 37.22 71.91 7.67
C LEU F 182 37.78 71.99 6.24
N SER F 183 37.53 73.12 5.59
CA SER F 183 38.04 73.34 4.23
C SER F 183 39.51 73.78 4.24
N LYS F 184 40.07 74.00 3.06
CA LYS F 184 41.46 74.43 2.93
C LYS F 184 41.64 75.91 3.22
N ALA F 185 40.68 76.71 2.77
CA ALA F 185 40.75 78.16 2.90
C ALA F 185 40.69 78.58 4.37
N ASP F 186 39.72 78.03 5.09
CA ASP F 186 39.53 78.34 6.50
C ASP F 186 40.67 77.77 7.36
N TYR F 187 41.33 76.75 6.83
CA TYR F 187 42.43 76.07 7.54
C TYR F 187 43.69 76.92 7.59
N GLU F 188 43.91 77.72 6.55
CA GLU F 188 45.10 78.58 6.46
C GLU F 188 45.01 79.86 7.27
N LYS F 189 43.80 80.24 7.68
CA LYS F 189 43.60 81.50 8.40
C LYS F 189 43.95 81.45 9.88
N HIS F 190 44.24 80.26 10.39
CA HIS F 190 44.52 80.09 11.82
C HIS F 190 45.84 79.38 12.08
N LYS F 191 46.39 79.56 13.29
CA LYS F 191 47.73 79.07 13.60
C LYS F 191 47.76 77.80 14.46
N VAL F 192 47.34 77.92 15.71
CA VAL F 192 47.44 76.81 16.66
C VAL F 192 46.13 76.04 16.82
N TYR F 193 46.20 74.72 16.72
CA TYR F 193 45.03 73.87 16.92
C TYR F 193 45.24 73.03 18.16
N ALA F 194 44.24 73.01 19.05
CA ALA F 194 44.34 72.31 20.34
C ALA F 194 43.23 71.29 20.58
N CYS F 195 43.58 70.19 21.24
CA CYS F 195 42.60 69.17 21.61
C CYS F 195 42.44 69.05 23.12
N GLU F 196 41.28 69.47 23.64
CA GLU F 196 41.01 69.46 25.08
C GLU F 196 40.14 68.29 25.51
N VAL F 197 40.66 67.43 26.36
CA VAL F 197 39.90 66.29 26.86
C VAL F 197 39.76 66.32 28.37
N THR F 198 38.58 65.94 28.86
CA THR F 198 38.33 65.85 30.28
C THR F 198 37.63 64.53 30.60
N HIS F 199 38.21 63.76 31.50
CA HIS F 199 37.72 62.43 31.83
C HIS F 199 38.01 62.06 33.28
N GLN F 200 37.22 61.14 33.82
CA GLN F 200 37.30 60.75 35.23
C GLN F 200 38.66 60.17 35.62
N GLY F 201 39.41 59.69 34.65
CA GLY F 201 40.73 59.14 34.92
C GLY F 201 41.79 60.19 35.16
N LEU F 202 41.72 61.29 34.42
CA LEU F 202 42.76 62.32 34.45
C LEU F 202 42.88 63.03 35.80
N SER F 203 41.74 63.43 36.36
CA SER F 203 41.71 64.16 37.63
C SER F 203 42.48 65.46 37.47
N SER F 204 42.51 65.95 36.24
CA SER F 204 43.22 67.17 35.84
C SER F 204 42.84 67.46 34.39
N PRO F 205 42.96 68.72 33.95
CA PRO F 205 42.57 69.00 32.56
C PRO F 205 43.74 68.76 31.61
N VAL F 206 43.45 68.19 30.44
CA VAL F 206 44.52 67.90 29.50
C VAL F 206 44.21 68.51 28.14
N THR F 207 45.26 68.96 27.45
CA THR F 207 45.13 69.57 26.13
C THR F 207 46.33 69.20 25.26
N LYS F 208 46.05 68.68 24.07
CA LYS F 208 47.08 68.34 23.09
C LYS F 208 46.97 69.21 21.85
N SER F 209 48.05 69.88 21.49
CA SER F 209 48.06 70.84 20.38
C SER F 209 49.29 70.70 19.50
N PHE F 210 49.25 71.36 18.34
CA PHE F 210 50.38 71.33 17.43
C PHE F 210 50.60 72.69 16.77
N ASN F 211 51.86 73.06 16.59
CA ASN F 211 52.24 74.34 16.04
C ASN F 211 52.44 74.30 14.53
N ARG F 212 52.13 73.15 13.93
CA ARG F 212 52.21 72.91 12.48
C ARG F 212 53.55 73.34 11.89
#